data_6BJO
# 
_entry.id   6BJO 
# 
_audit_conform.dict_name       mmcif_pdbx.dic 
_audit_conform.dict_version    5.398 
_audit_conform.dict_location   http://mmcif.pdb.org/dictionaries/ascii/mmcif_pdbx.dic 
# 
loop_
_database_2.database_id 
_database_2.database_code 
_database_2.pdbx_database_accession 
_database_2.pdbx_DOI 
PDB   6BJO         pdb_00006bjo 10.2210/pdb6bjo/pdb 
WWPDB D_1000230967 ?            ?                   
# 
loop_
_pdbx_audit_revision_history.ordinal 
_pdbx_audit_revision_history.data_content_type 
_pdbx_audit_revision_history.major_revision 
_pdbx_audit_revision_history.minor_revision 
_pdbx_audit_revision_history.revision_date 
1 'Structure model' 1 0 2018-01-10 
2 'Structure model' 1 1 2018-02-28 
3 'Structure model' 1 2 2024-11-13 
# 
_pdbx_audit_revision_details.ordinal             1 
_pdbx_audit_revision_details.revision_ordinal    1 
_pdbx_audit_revision_details.data_content_type   'Structure model' 
_pdbx_audit_revision_details.provider            repository 
_pdbx_audit_revision_details.type                'Initial release' 
_pdbx_audit_revision_details.description         ? 
_pdbx_audit_revision_details.details             ? 
# 
loop_
_pdbx_audit_revision_group.ordinal 
_pdbx_audit_revision_group.revision_ordinal 
_pdbx_audit_revision_group.data_content_type 
_pdbx_audit_revision_group.group 
1 2 'Structure model' 'Database references' 
2 3 'Structure model' 'Data collection'     
3 3 'Structure model' 'Database references' 
4 3 'Structure model' 'Structure summary'   
# 
loop_
_pdbx_audit_revision_category.ordinal 
_pdbx_audit_revision_category.revision_ordinal 
_pdbx_audit_revision_category.data_content_type 
_pdbx_audit_revision_category.category 
1 2 'Structure model' citation                  
2 3 'Structure model' chem_comp_atom            
3 3 'Structure model' chem_comp_bond            
4 3 'Structure model' database_2                
5 3 'Structure model' pdbx_entry_details        
6 3 'Structure model' pdbx_modification_feature 
# 
loop_
_pdbx_audit_revision_item.ordinal 
_pdbx_audit_revision_item.revision_ordinal 
_pdbx_audit_revision_item.data_content_type 
_pdbx_audit_revision_item.item 
1 2 'Structure model' '_citation.journal_volume'            
2 2 'Structure model' '_citation.page_first'                
3 2 'Structure model' '_citation.page_last'                 
4 2 'Structure model' '_citation.title'                     
5 2 'Structure model' '_citation.year'                      
6 3 'Structure model' '_database_2.pdbx_DOI'                
7 3 'Structure model' '_database_2.pdbx_database_accession' 
# 
_database_PDB_caveat.id     1 
_database_PDB_caveat.text   'DUY A 201 HAS WRONG CHIRALITY AT ATOM C15' 
# 
_pdbx_database_status.status_code                     REL 
_pdbx_database_status.status_code_sf                  REL 
_pdbx_database_status.status_code_mr                  ? 
_pdbx_database_status.entry_id                        6BJO 
_pdbx_database_status.recvd_initial_deposition_date   2017-11-06 
_pdbx_database_status.SG_entry                        N 
_pdbx_database_status.deposit_site                    RCSB 
_pdbx_database_status.process_site                    RCSB 
_pdbx_database_status.status_code_cs                  ? 
_pdbx_database_status.methods_development_category    ? 
_pdbx_database_status.pdb_format_compatible           Y 
_pdbx_database_status.status_code_nmr_data            ? 
# 
_audit_author.name               'Marcotte, D.J.' 
_audit_author.pdbx_ordinal       1 
_audit_author.identifier_ORCID   ? 
# 
_citation.abstract                  ? 
_citation.abstract_id_CAS           ? 
_citation.book_id_ISBN              ? 
_citation.book_publisher            ? 
_citation.book_publisher_city       ? 
_citation.book_title                ? 
_citation.coordinate_linkage        ? 
_citation.country                   US 
_citation.database_id_Medline       ? 
_citation.details                   ? 
_citation.id                        primary 
_citation.journal_abbrev            'Protein Sci.' 
_citation.journal_id_ASTM           PRCIEI 
_citation.journal_id_CSD            0795 
_citation.journal_id_ISSN           1469-896X 
_citation.journal_full              ? 
_citation.journal_issue             ? 
_citation.journal_volume            27 
_citation.language                  ? 
_citation.page_first                672 
_citation.page_last                 680 
_citation.title                     
'Lock and chop: A novel method for the generation of a PICK1 PDZ domain and piperidine-based inhibitor co-crystal structure.' 
_citation.year                      2018 
_citation.database_id_CSD           ? 
_citation.pdbx_database_id_DOI      10.1002/pro.3361 
_citation.pdbx_database_id_PubMed   29280296 
_citation.unpublished_flag          ? 
# 
loop_
_citation_author.citation_id 
_citation_author.name 
_citation_author.ordinal 
_citation_author.identifier_ORCID 
primary 'Marcotte, D.J.' 1  ? 
primary 'Hus, J.C.'      2  ? 
primary 'Banos, C.C.'    3  ? 
primary 'Wildes, C.'     4  ? 
primary 'Arduini, R.'    5  ? 
primary 'Bergeron, C.'   6  ? 
primary 'Hession, C.A.'  7  ? 
primary 'Baker, D.P.'    8  ? 
primary 'Lin, E.'        9  ? 
primary 'Guckian, K.M.'  10 ? 
primary 'Dunah, A.W.'    11 ? 
primary 'Silvian, L.F.'  12 ? 
# 
loop_
_entity.id 
_entity.type 
_entity.src_method 
_entity.pdbx_description 
_entity.formula_weight 
_entity.pdbx_number_of_molecules 
_entity.pdbx_ec 
_entity.pdbx_mutation 
_entity.pdbx_fragment 
_entity.details 
1 polymer     man 'PRKCA-binding protein' 13540.405 2   ? ? ? ? 
2 non-polymer syn 
'(2S)-({4-(4-bromophenyl)-1-[1-(tert-butoxycarbonyl)-L-prolyl]piperidine-4-carbonyl}amino)(cyclopentyl)acetic acid' 606.548   2   
? ? ? ? 
3 water       nat water 18.015    160 ? ? ? ? 
# 
_entity_name_com.entity_id   1 
_entity_name_com.name        'Protein interacting with C kinase 1,Protein kinase C-alpha-binding protein' 
# 
_entity_poly.entity_id                      1 
_entity_poly.type                           'polypeptide(L)' 
_entity_poly.nstd_linkage                   no 
_entity_poly.nstd_monomer                   no 
_entity_poly.pdbx_seq_one_letter_code       
;MGHHHHHHHHLVPRGSMFADLDYDIEEDKLGIPTVPGKVTLQKDAQNLIGISIGGGAQYCPCLYIVQVFDNTPAALDGTV
AAGDEITGVNGRSIKGKTKVEVAKMIQEVKGEVTIHYNKLQQSAV
;
_entity_poly.pdbx_seq_one_letter_code_can   
;MGHHHHHHHHLVPRGSMFADLDYDIEEDKLGIPTVPGKVTLQKDAQNLIGISIGGGAQYCPCLYIVQVFDNTPAALDGTV
AAGDEITGVNGRSIKGKTKVEVAKMIQEVKGEVTIHYNKLQQSAV
;
_entity_poly.pdbx_strand_id                 A,B 
_entity_poly.pdbx_target_identifier         ? 
# 
loop_
_pdbx_entity_nonpoly.entity_id 
_pdbx_entity_nonpoly.name 
_pdbx_entity_nonpoly.comp_id 
2 '(2S)-({4-(4-bromophenyl)-1-[1-(tert-butoxycarbonyl)-L-prolyl]piperidine-4-carbonyl}amino)(cyclopentyl)acetic acid' DUY 
3 water                                                                                                               HOH 
# 
loop_
_entity_poly_seq.entity_id 
_entity_poly_seq.num 
_entity_poly_seq.mon_id 
_entity_poly_seq.hetero 
1 1   MET n 
1 2   GLY n 
1 3   HIS n 
1 4   HIS n 
1 5   HIS n 
1 6   HIS n 
1 7   HIS n 
1 8   HIS n 
1 9   HIS n 
1 10  HIS n 
1 11  LEU n 
1 12  VAL n 
1 13  PRO n 
1 14  ARG n 
1 15  GLY n 
1 16  SER n 
1 17  MET n 
1 18  PHE n 
1 19  ALA n 
1 20  ASP n 
1 21  LEU n 
1 22  ASP n 
1 23  TYR n 
1 24  ASP n 
1 25  ILE n 
1 26  GLU n 
1 27  GLU n 
1 28  ASP n 
1 29  LYS n 
1 30  LEU n 
1 31  GLY n 
1 32  ILE n 
1 33  PRO n 
1 34  THR n 
1 35  VAL n 
1 36  PRO n 
1 37  GLY n 
1 38  LYS n 
1 39  VAL n 
1 40  THR n 
1 41  LEU n 
1 42  GLN n 
1 43  LYS n 
1 44  ASP n 
1 45  ALA n 
1 46  GLN n 
1 47  ASN n 
1 48  LEU n 
1 49  ILE n 
1 50  GLY n 
1 51  ILE n 
1 52  SER n 
1 53  ILE n 
1 54  GLY n 
1 55  GLY n 
1 56  GLY n 
1 57  ALA n 
1 58  GLN n 
1 59  TYR n 
1 60  CYS n 
1 61  PRO n 
1 62  CYS n 
1 63  LEU n 
1 64  TYR n 
1 65  ILE n 
1 66  VAL n 
1 67  GLN n 
1 68  VAL n 
1 69  PHE n 
1 70  ASP n 
1 71  ASN n 
1 72  THR n 
1 73  PRO n 
1 74  ALA n 
1 75  ALA n 
1 76  LEU n 
1 77  ASP n 
1 78  GLY n 
1 79  THR n 
1 80  VAL n 
1 81  ALA n 
1 82  ALA n 
1 83  GLY n 
1 84  ASP n 
1 85  GLU n 
1 86  ILE n 
1 87  THR n 
1 88  GLY n 
1 89  VAL n 
1 90  ASN n 
1 91  GLY n 
1 92  ARG n 
1 93  SER n 
1 94  ILE n 
1 95  LYS n 
1 96  GLY n 
1 97  LYS n 
1 98  THR n 
1 99  LYS n 
1 100 VAL n 
1 101 GLU n 
1 102 VAL n 
1 103 ALA n 
1 104 LYS n 
1 105 MET n 
1 106 ILE n 
1 107 GLN n 
1 108 GLU n 
1 109 VAL n 
1 110 LYS n 
1 111 GLY n 
1 112 GLU n 
1 113 VAL n 
1 114 THR n 
1 115 ILE n 
1 116 HIS n 
1 117 TYR n 
1 118 ASN n 
1 119 LYS n 
1 120 LEU n 
1 121 GLN n 
1 122 GLN n 
1 123 SER n 
1 124 ALA n 
1 125 VAL n 
# 
_entity_src_gen.entity_id                          1 
_entity_src_gen.pdbx_src_id                        1 
_entity_src_gen.pdbx_alt_source_flag               sample 
_entity_src_gen.pdbx_seq_type                      'Biological sequence' 
_entity_src_gen.pdbx_beg_seq_num                   1 
_entity_src_gen.pdbx_end_seq_num                   125 
_entity_src_gen.gene_src_common_name               Human 
_entity_src_gen.gene_src_genus                     ? 
_entity_src_gen.pdbx_gene_src_gene                 'PICK1, PRKCABP' 
_entity_src_gen.gene_src_species                   ? 
_entity_src_gen.gene_src_strain                    ? 
_entity_src_gen.gene_src_tissue                    ? 
_entity_src_gen.gene_src_tissue_fraction           ? 
_entity_src_gen.gene_src_details                   ? 
_entity_src_gen.pdbx_gene_src_fragment             ? 
_entity_src_gen.pdbx_gene_src_scientific_name      'Homo sapiens' 
_entity_src_gen.pdbx_gene_src_ncbi_taxonomy_id     9606 
_entity_src_gen.pdbx_gene_src_variant              ? 
_entity_src_gen.pdbx_gene_src_cell_line            ? 
_entity_src_gen.pdbx_gene_src_atcc                 ? 
_entity_src_gen.pdbx_gene_src_organ                ? 
_entity_src_gen.pdbx_gene_src_organelle            ? 
_entity_src_gen.pdbx_gene_src_cell                 ? 
_entity_src_gen.pdbx_gene_src_cellular_location    ? 
_entity_src_gen.host_org_common_name               ? 
_entity_src_gen.pdbx_host_org_scientific_name      'Escherichia coli' 
_entity_src_gen.pdbx_host_org_ncbi_taxonomy_id     562 
_entity_src_gen.host_org_genus                     ? 
_entity_src_gen.pdbx_host_org_gene                 ? 
_entity_src_gen.pdbx_host_org_organ                ? 
_entity_src_gen.host_org_species                   ? 
_entity_src_gen.pdbx_host_org_tissue               ? 
_entity_src_gen.pdbx_host_org_tissue_fraction      ? 
_entity_src_gen.pdbx_host_org_strain               ? 
_entity_src_gen.pdbx_host_org_variant              ? 
_entity_src_gen.pdbx_host_org_cell_line            ? 
_entity_src_gen.pdbx_host_org_atcc                 ? 
_entity_src_gen.pdbx_host_org_culture_collection   ? 
_entity_src_gen.pdbx_host_org_cell                 ? 
_entity_src_gen.pdbx_host_org_organelle            ? 
_entity_src_gen.pdbx_host_org_cellular_location    ? 
_entity_src_gen.pdbx_host_org_vector_type          ? 
_entity_src_gen.pdbx_host_org_vector               ? 
_entity_src_gen.host_org_details                   ? 
_entity_src_gen.expression_system_id               ? 
_entity_src_gen.plasmid_name                       ? 
_entity_src_gen.plasmid_details                    ? 
_entity_src_gen.pdbx_description                   ? 
# 
loop_
_chem_comp.id 
_chem_comp.type 
_chem_comp.mon_nstd_flag 
_chem_comp.name 
_chem_comp.pdbx_synonyms 
_chem_comp.formula 
_chem_comp.formula_weight 
ALA 'L-peptide linking' y ALANINE ? 'C3 H7 N O2'       89.093  
ARG 'L-peptide linking' y ARGININE ? 'C6 H15 N4 O2 1'   175.209 
ASN 'L-peptide linking' y ASPARAGINE ? 'C4 H8 N2 O3'      132.118 
ASP 'L-peptide linking' y 'ASPARTIC ACID' ? 'C4 H7 N O4'       133.103 
CYS 'L-peptide linking' y CYSTEINE ? 'C3 H7 N O2 S'     121.158 
DUY non-polymer         . 
'(2S)-({4-(4-bromophenyl)-1-[1-(tert-butoxycarbonyl)-L-prolyl]piperidine-4-carbonyl}amino)(cyclopentyl)acetic acid' ? 
'C29 H40 Br N3 O6' 606.548 
GLN 'L-peptide linking' y GLUTAMINE ? 'C5 H10 N2 O3'     146.144 
GLU 'L-peptide linking' y 'GLUTAMIC ACID' ? 'C5 H9 N O4'       147.129 
GLY 'peptide linking'   y GLYCINE ? 'C2 H5 N O2'       75.067  
HIS 'L-peptide linking' y HISTIDINE ? 'C6 H10 N3 O2 1'   156.162 
HOH non-polymer         . WATER ? 'H2 O'             18.015  
ILE 'L-peptide linking' y ISOLEUCINE ? 'C6 H13 N O2'      131.173 
LEU 'L-peptide linking' y LEUCINE ? 'C6 H13 N O2'      131.173 
LYS 'L-peptide linking' y LYSINE ? 'C6 H15 N2 O2 1'   147.195 
MET 'L-peptide linking' y METHIONINE ? 'C5 H11 N O2 S'    149.211 
PHE 'L-peptide linking' y PHENYLALANINE ? 'C9 H11 N O2'      165.189 
PRO 'L-peptide linking' y PROLINE ? 'C5 H9 N O2'       115.130 
SER 'L-peptide linking' y SERINE ? 'C3 H7 N O3'       105.093 
THR 'L-peptide linking' y THREONINE ? 'C4 H9 N O3'       119.119 
TYR 'L-peptide linking' y TYROSINE ? 'C9 H11 N O3'      181.189 
VAL 'L-peptide linking' y VALINE ? 'C5 H11 N O2'      117.146 
# 
loop_
_pdbx_poly_seq_scheme.asym_id 
_pdbx_poly_seq_scheme.entity_id 
_pdbx_poly_seq_scheme.seq_id 
_pdbx_poly_seq_scheme.mon_id 
_pdbx_poly_seq_scheme.ndb_seq_num 
_pdbx_poly_seq_scheme.pdb_seq_num 
_pdbx_poly_seq_scheme.auth_seq_num 
_pdbx_poly_seq_scheme.pdb_mon_id 
_pdbx_poly_seq_scheme.auth_mon_id 
_pdbx_poly_seq_scheme.pdb_strand_id 
_pdbx_poly_seq_scheme.pdb_ins_code 
_pdbx_poly_seq_scheme.hetero 
A 1 1   MET 1   -15 ?   ?   ?   A . n 
A 1 2   GLY 2   -14 ?   ?   ?   A . n 
A 1 3   HIS 3   -13 ?   ?   ?   A . n 
A 1 4   HIS 4   -12 ?   ?   ?   A . n 
A 1 5   HIS 5   -11 ?   ?   ?   A . n 
A 1 6   HIS 6   -10 ?   ?   ?   A . n 
A 1 7   HIS 7   -9  ?   ?   ?   A . n 
A 1 8   HIS 8   -8  ?   ?   ?   A . n 
A 1 9   HIS 9   -7  ?   ?   ?   A . n 
A 1 10  HIS 10  -6  ?   ?   ?   A . n 
A 1 11  LEU 11  -5  ?   ?   ?   A . n 
A 1 12  VAL 12  -4  ?   ?   ?   A . n 
A 1 13  PRO 13  -3  ?   ?   ?   A . n 
A 1 14  ARG 14  -2  ?   ?   ?   A . n 
A 1 15  GLY 15  -1  ?   ?   ?   A . n 
A 1 16  SER 16  0   ?   ?   ?   A . n 
A 1 17  MET 17  1   ?   ?   ?   A . n 
A 1 18  PHE 18  2   ?   ?   ?   A . n 
A 1 19  ALA 19  3   ?   ?   ?   A . n 
A 1 20  ASP 20  4   ?   ?   ?   A . n 
A 1 21  LEU 21  5   ?   ?   ?   A . n 
A 1 22  ASP 22  6   ?   ?   ?   A . n 
A 1 23  TYR 23  7   ?   ?   ?   A . n 
A 1 24  ASP 24  8   ?   ?   ?   A . n 
A 1 25  ILE 25  9   ?   ?   ?   A . n 
A 1 26  GLU 26  10  ?   ?   ?   A . n 
A 1 27  GLU 27  11  ?   ?   ?   A . n 
A 1 28  ASP 28  12  ?   ?   ?   A . n 
A 1 29  LYS 29  13  ?   ?   ?   A . n 
A 1 30  LEU 30  14  ?   ?   ?   A . n 
A 1 31  GLY 31  15  ?   ?   ?   A . n 
A 1 32  ILE 32  16  ?   ?   ?   A . n 
A 1 33  PRO 33  17  ?   ?   ?   A . n 
A 1 34  THR 34  18  ?   ?   ?   A . n 
A 1 35  VAL 35  19  19  VAL VAL A . n 
A 1 36  PRO 36  20  20  PRO PRO A . n 
A 1 37  GLY 37  21  21  GLY GLY A . n 
A 1 38  LYS 38  22  22  LYS LYS A . n 
A 1 39  VAL 39  23  23  VAL VAL A . n 
A 1 40  THR 40  24  24  THR THR A . n 
A 1 41  LEU 41  25  25  LEU LEU A . n 
A 1 42  GLN 42  26  26  GLN GLN A . n 
A 1 43  LYS 43  27  27  LYS LYS A . n 
A 1 44  ASP 44  28  28  ASP ASP A . n 
A 1 45  ALA 45  29  29  ALA ALA A . n 
A 1 46  GLN 46  30  30  GLN GLN A . n 
A 1 47  ASN 47  31  31  ASN ASN A . n 
A 1 48  LEU 48  32  32  LEU LEU A . n 
A 1 49  ILE 49  33  33  ILE ILE A . n 
A 1 50  GLY 50  34  34  GLY GLY A . n 
A 1 51  ILE 51  35  35  ILE ILE A . n 
A 1 52  SER 52  36  36  SER SER A . n 
A 1 53  ILE 53  37  37  ILE ILE A . n 
A 1 54  GLY 54  38  38  GLY GLY A . n 
A 1 55  GLY 55  39  39  GLY GLY A . n 
A 1 56  GLY 56  40  40  GLY GLY A . n 
A 1 57  ALA 57  41  41  ALA ALA A . n 
A 1 58  GLN 58  42  42  GLN GLN A . n 
A 1 59  TYR 59  43  43  TYR TYR A . n 
A 1 60  CYS 60  44  44  CYS CYS A . n 
A 1 61  PRO 61  45  45  PRO PRO A . n 
A 1 62  CYS 62  46  46  CYS CYS A . n 
A 1 63  LEU 63  47  47  LEU LEU A . n 
A 1 64  TYR 64  48  48  TYR TYR A . n 
A 1 65  ILE 65  49  49  ILE ILE A . n 
A 1 66  VAL 66  50  50  VAL VAL A . n 
A 1 67  GLN 67  51  51  GLN GLN A . n 
A 1 68  VAL 68  52  52  VAL VAL A . n 
A 1 69  PHE 69  53  53  PHE PHE A . n 
A 1 70  ASP 70  54  54  ASP ASP A . n 
A 1 71  ASN 71  55  55  ASN ASN A . n 
A 1 72  THR 72  56  56  THR THR A . n 
A 1 73  PRO 73  57  57  PRO PRO A . n 
A 1 74  ALA 74  58  58  ALA ALA A . n 
A 1 75  ALA 75  59  59  ALA ALA A . n 
A 1 76  LEU 76  60  60  LEU LEU A . n 
A 1 77  ASP 77  61  61  ASP ASP A . n 
A 1 78  GLY 78  62  62  GLY GLY A . n 
A 1 79  THR 79  63  63  THR THR A . n 
A 1 80  VAL 80  64  64  VAL VAL A . n 
A 1 81  ALA 81  65  65  ALA ALA A . n 
A 1 82  ALA 82  66  66  ALA ALA A . n 
A 1 83  GLY 83  67  67  GLY GLY A . n 
A 1 84  ASP 84  68  68  ASP ASP A . n 
A 1 85  GLU 85  69  69  GLU GLU A . n 
A 1 86  ILE 86  70  70  ILE ILE A . n 
A 1 87  THR 87  71  71  THR THR A . n 
A 1 88  GLY 88  72  72  GLY GLY A . n 
A 1 89  VAL 89  73  73  VAL VAL A . n 
A 1 90  ASN 90  74  74  ASN ASN A . n 
A 1 91  GLY 91  75  75  GLY GLY A . n 
A 1 92  ARG 92  76  76  ARG ARG A . n 
A 1 93  SER 93  77  77  SER SER A . n 
A 1 94  ILE 94  78  78  ILE ILE A . n 
A 1 95  LYS 95  79  79  LYS LYS A . n 
A 1 96  GLY 96  80  80  GLY GLY A . n 
A 1 97  LYS 97  81  81  LYS LYS A . n 
A 1 98  THR 98  82  82  THR THR A . n 
A 1 99  LYS 99  83  83  LYS LYS A . n 
A 1 100 VAL 100 84  84  VAL VAL A . n 
A 1 101 GLU 101 85  85  GLU GLU A . n 
A 1 102 VAL 102 86  86  VAL VAL A . n 
A 1 103 ALA 103 87  87  ALA ALA A . n 
A 1 104 LYS 104 88  88  LYS LYS A . n 
A 1 105 MET 105 89  89  MET MET A . n 
A 1 106 ILE 106 90  90  ILE ILE A . n 
A 1 107 GLN 107 91  91  GLN GLN A . n 
A 1 108 GLU 108 92  92  GLU GLU A . n 
A 1 109 VAL 109 93  93  VAL VAL A . n 
A 1 110 LYS 110 94  94  LYS LYS A . n 
A 1 111 GLY 111 95  95  GLY GLY A . n 
A 1 112 GLU 112 96  96  GLU GLU A . n 
A 1 113 VAL 113 97  97  VAL VAL A . n 
A 1 114 THR 114 98  98  THR THR A . n 
A 1 115 ILE 115 99  99  ILE ILE A . n 
A 1 116 HIS 116 100 100 HIS HIS A . n 
A 1 117 TYR 117 101 101 TYR TYR A . n 
A 1 118 ASN 118 102 102 ASN ASN A . n 
A 1 119 LYS 119 103 103 LYS LYS A . n 
A 1 120 LEU 120 104 104 LEU LEU A . n 
A 1 121 GLN 121 105 ?   ?   ?   A . n 
A 1 122 GLN 122 106 ?   ?   ?   A . n 
A 1 123 SER 123 107 ?   ?   ?   A . n 
A 1 124 ALA 124 108 ?   ?   ?   A . n 
A 1 125 VAL 125 109 ?   ?   ?   A . n 
B 1 1   MET 1   -15 ?   ?   ?   B . n 
B 1 2   GLY 2   -14 ?   ?   ?   B . n 
B 1 3   HIS 3   -13 ?   ?   ?   B . n 
B 1 4   HIS 4   -12 ?   ?   ?   B . n 
B 1 5   HIS 5   -11 ?   ?   ?   B . n 
B 1 6   HIS 6   -10 ?   ?   ?   B . n 
B 1 7   HIS 7   -9  ?   ?   ?   B . n 
B 1 8   HIS 8   -8  ?   ?   ?   B . n 
B 1 9   HIS 9   -7  ?   ?   ?   B . n 
B 1 10  HIS 10  -6  ?   ?   ?   B . n 
B 1 11  LEU 11  -5  ?   ?   ?   B . n 
B 1 12  VAL 12  -4  ?   ?   ?   B . n 
B 1 13  PRO 13  -3  ?   ?   ?   B . n 
B 1 14  ARG 14  -2  ?   ?   ?   B . n 
B 1 15  GLY 15  -1  ?   ?   ?   B . n 
B 1 16  SER 16  0   ?   ?   ?   B . n 
B 1 17  MET 17  1   ?   ?   ?   B . n 
B 1 18  PHE 18  2   ?   ?   ?   B . n 
B 1 19  ALA 19  3   ?   ?   ?   B . n 
B 1 20  ASP 20  4   ?   ?   ?   B . n 
B 1 21  LEU 21  5   ?   ?   ?   B . n 
B 1 22  ASP 22  6   ?   ?   ?   B . n 
B 1 23  TYR 23  7   ?   ?   ?   B . n 
B 1 24  ASP 24  8   ?   ?   ?   B . n 
B 1 25  ILE 25  9   ?   ?   ?   B . n 
B 1 26  GLU 26  10  ?   ?   ?   B . n 
B 1 27  GLU 27  11  ?   ?   ?   B . n 
B 1 28  ASP 28  12  ?   ?   ?   B . n 
B 1 29  LYS 29  13  ?   ?   ?   B . n 
B 1 30  LEU 30  14  ?   ?   ?   B . n 
B 1 31  GLY 31  15  ?   ?   ?   B . n 
B 1 32  ILE 32  16  ?   ?   ?   B . n 
B 1 33  PRO 33  17  ?   ?   ?   B . n 
B 1 34  THR 34  18  ?   ?   ?   B . n 
B 1 35  VAL 35  19  19  VAL VAL B . n 
B 1 36  PRO 36  20  20  PRO PRO B . n 
B 1 37  GLY 37  21  21  GLY GLY B . n 
B 1 38  LYS 38  22  22  LYS LYS B . n 
B 1 39  VAL 39  23  23  VAL VAL B . n 
B 1 40  THR 40  24  24  THR THR B . n 
B 1 41  LEU 41  25  25  LEU LEU B . n 
B 1 42  GLN 42  26  26  GLN GLN B . n 
B 1 43  LYS 43  27  27  LYS LYS B . n 
B 1 44  ASP 44  28  28  ASP ASP B . n 
B 1 45  ALA 45  29  29  ALA ALA B . n 
B 1 46  GLN 46  30  30  GLN GLN B . n 
B 1 47  ASN 47  31  31  ASN ASN B . n 
B 1 48  LEU 48  32  32  LEU LEU B . n 
B 1 49  ILE 49  33  33  ILE ILE B . n 
B 1 50  GLY 50  34  34  GLY GLY B . n 
B 1 51  ILE 51  35  35  ILE ILE B . n 
B 1 52  SER 52  36  36  SER SER B . n 
B 1 53  ILE 53  37  37  ILE ILE B . n 
B 1 54  GLY 54  38  38  GLY GLY B . n 
B 1 55  GLY 55  39  39  GLY GLY B . n 
B 1 56  GLY 56  40  40  GLY GLY B . n 
B 1 57  ALA 57  41  41  ALA ALA B . n 
B 1 58  GLN 58  42  ?   ?   ?   B . n 
B 1 59  TYR 59  43  43  TYR TYR B . n 
B 1 60  CYS 60  44  44  CYS CYS B . n 
B 1 61  PRO 61  45  45  PRO PRO B . n 
B 1 62  CYS 62  46  46  CYS CYS B . n 
B 1 63  LEU 63  47  47  LEU LEU B . n 
B 1 64  TYR 64  48  48  TYR TYR B . n 
B 1 65  ILE 65  49  49  ILE ILE B . n 
B 1 66  VAL 66  50  50  VAL VAL B . n 
B 1 67  GLN 67  51  51  GLN GLN B . n 
B 1 68  VAL 68  52  52  VAL VAL B . n 
B 1 69  PHE 69  53  53  PHE PHE B . n 
B 1 70  ASP 70  54  54  ASP ASP B . n 
B 1 71  ASN 71  55  55  ASN ASN B . n 
B 1 72  THR 72  56  56  THR THR B . n 
B 1 73  PRO 73  57  57  PRO PRO B . n 
B 1 74  ALA 74  58  58  ALA ALA B . n 
B 1 75  ALA 75  59  59  ALA ALA B . n 
B 1 76  LEU 76  60  60  LEU LEU B . n 
B 1 77  ASP 77  61  61  ASP ASP B . n 
B 1 78  GLY 78  62  62  GLY GLY B . n 
B 1 79  THR 79  63  63  THR THR B . n 
B 1 80  VAL 80  64  64  VAL VAL B . n 
B 1 81  ALA 81  65  65  ALA ALA B . n 
B 1 82  ALA 82  66  66  ALA ALA B . n 
B 1 83  GLY 83  67  67  GLY GLY B . n 
B 1 84  ASP 84  68  68  ASP ASP B . n 
B 1 85  GLU 85  69  69  GLU GLU B . n 
B 1 86  ILE 86  70  70  ILE ILE B . n 
B 1 87  THR 87  71  71  THR THR B . n 
B 1 88  GLY 88  72  72  GLY GLY B . n 
B 1 89  VAL 89  73  73  VAL VAL B . n 
B 1 90  ASN 90  74  74  ASN ASN B . n 
B 1 91  GLY 91  75  75  GLY GLY B . n 
B 1 92  ARG 92  76  76  ARG ARG B . n 
B 1 93  SER 93  77  77  SER SER B . n 
B 1 94  ILE 94  78  78  ILE ILE B . n 
B 1 95  LYS 95  79  79  LYS LYS B . n 
B 1 96  GLY 96  80  80  GLY GLY B . n 
B 1 97  LYS 97  81  81  LYS LYS B . n 
B 1 98  THR 98  82  82  THR THR B . n 
B 1 99  LYS 99  83  83  LYS LYS B . n 
B 1 100 VAL 100 84  84  VAL VAL B . n 
B 1 101 GLU 101 85  85  GLU GLU B . n 
B 1 102 VAL 102 86  86  VAL VAL B . n 
B 1 103 ALA 103 87  87  ALA ALA B . n 
B 1 104 LYS 104 88  88  LYS LYS B . n 
B 1 105 MET 105 89  89  MET MET B . n 
B 1 106 ILE 106 90  90  ILE ILE B . n 
B 1 107 GLN 107 91  91  GLN GLN B . n 
B 1 108 GLU 108 92  92  GLU GLU B . n 
B 1 109 VAL 109 93  93  VAL VAL B . n 
B 1 110 LYS 110 94  94  LYS LYS B . n 
B 1 111 GLY 111 95  95  GLY GLY B . n 
B 1 112 GLU 112 96  96  GLU GLU B . n 
B 1 113 VAL 113 97  97  VAL VAL B . n 
B 1 114 THR 114 98  98  THR THR B . n 
B 1 115 ILE 115 99  99  ILE ILE B . n 
B 1 116 HIS 116 100 100 HIS HIS B . n 
B 1 117 TYR 117 101 101 TYR TYR B . n 
B 1 118 ASN 118 102 102 ASN ASN B . n 
B 1 119 LYS 119 103 103 LYS LYS B . n 
B 1 120 LEU 120 104 104 LEU LEU B . n 
B 1 121 GLN 121 105 ?   ?   ?   B . n 
B 1 122 GLN 122 106 ?   ?   ?   B . n 
B 1 123 SER 123 107 ?   ?   ?   B . n 
B 1 124 ALA 124 108 ?   ?   ?   B . n 
B 1 125 VAL 125 109 ?   ?   ?   B . n 
# 
loop_
_pdbx_nonpoly_scheme.asym_id 
_pdbx_nonpoly_scheme.entity_id 
_pdbx_nonpoly_scheme.mon_id 
_pdbx_nonpoly_scheme.ndb_seq_num 
_pdbx_nonpoly_scheme.pdb_seq_num 
_pdbx_nonpoly_scheme.auth_seq_num 
_pdbx_nonpoly_scheme.pdb_mon_id 
_pdbx_nonpoly_scheme.auth_mon_id 
_pdbx_nonpoly_scheme.pdb_strand_id 
_pdbx_nonpoly_scheme.pdb_ins_code 
C 2 DUY 1  201 2   DUY DM2 A . 
D 2 DUY 1  201 1   DUY DM2 B . 
E 3 HOH 1  301 103 HOH HOH A . 
E 3 HOH 2  302 113 HOH HOH A . 
E 3 HOH 3  303 106 HOH HOH A . 
E 3 HOH 4  304 59  HOH HOH A . 
E 3 HOH 5  305 100 HOH HOH A . 
E 3 HOH 6  306 40  HOH HOH A . 
E 3 HOH 7  307 80  HOH HOH A . 
E 3 HOH 8  308 148 HOH HOH A . 
E 3 HOH 9  309 114 HOH HOH A . 
E 3 HOH 10 310 29  HOH HOH A . 
E 3 HOH 11 311 85  HOH HOH A . 
E 3 HOH 12 312 97  HOH HOH A . 
E 3 HOH 13 313 124 HOH HOH A . 
E 3 HOH 14 314 74  HOH HOH A . 
E 3 HOH 15 315 16  HOH HOH A . 
E 3 HOH 16 316 47  HOH HOH A . 
E 3 HOH 17 317 58  HOH HOH A . 
E 3 HOH 18 318 93  HOH HOH A . 
E 3 HOH 19 319 14  HOH HOH A . 
E 3 HOH 20 320 82  HOH HOH A . 
E 3 HOH 21 321 70  HOH HOH A . 
E 3 HOH 22 322 53  HOH HOH A . 
E 3 HOH 23 323 95  HOH HOH A . 
E 3 HOH 24 324 52  HOH HOH A . 
E 3 HOH 25 325 83  HOH HOH A . 
E 3 HOH 26 326 135 HOH HOH A . 
E 3 HOH 27 327 132 HOH HOH A . 
E 3 HOH 28 328 35  HOH HOH A . 
E 3 HOH 29 329 79  HOH HOH A . 
E 3 HOH 30 330 10  HOH HOH A . 
E 3 HOH 31 331 141 HOH HOH A . 
E 3 HOH 32 332 158 HOH HOH A . 
E 3 HOH 33 333 69  HOH HOH A . 
E 3 HOH 34 334 55  HOH HOH A . 
E 3 HOH 35 335 131 HOH HOH A . 
E 3 HOH 36 336 92  HOH HOH A . 
E 3 HOH 37 337 108 HOH HOH A . 
E 3 HOH 38 338 81  HOH HOH A . 
E 3 HOH 39 339 6   HOH HOH A . 
E 3 HOH 40 340 44  HOH HOH A . 
E 3 HOH 41 341 99  HOH HOH A . 
E 3 HOH 42 342 116 HOH HOH A . 
E 3 HOH 43 343 149 HOH HOH A . 
E 3 HOH 44 344 118 HOH HOH A . 
E 3 HOH 45 345 42  HOH HOH A . 
E 3 HOH 46 346 157 HOH HOH A . 
E 3 HOH 47 347 104 HOH HOH A . 
E 3 HOH 48 348 101 HOH HOH A . 
E 3 HOH 49 349 71  HOH HOH A . 
E 3 HOH 50 350 75  HOH HOH A . 
E 3 HOH 51 351 151 HOH HOH A . 
E 3 HOH 52 352 84  HOH HOH A . 
E 3 HOH 53 353 143 HOH HOH A . 
E 3 HOH 54 354 68  HOH HOH A . 
E 3 HOH 55 355 76  HOH HOH A . 
E 3 HOH 56 356 88  HOH HOH A . 
E 3 HOH 57 357 64  HOH HOH A . 
E 3 HOH 58 358 123 HOH HOH A . 
E 3 HOH 59 359 134 HOH HOH A . 
E 3 HOH 60 360 121 HOH HOH A . 
E 3 HOH 61 361 119 HOH HOH A . 
E 3 HOH 62 362 160 HOH HOH A . 
E 3 HOH 63 363 137 HOH HOH A . 
E 3 HOH 64 364 153 HOH HOH A . 
E 3 HOH 65 365 54  HOH HOH A . 
E 3 HOH 66 366 18  HOH HOH A . 
E 3 HOH 67 367 65  HOH HOH A . 
E 3 HOH 68 368 147 HOH HOH A . 
E 3 HOH 69 369 26  HOH HOH A . 
E 3 HOH 70 370 167 HOH HOH A . 
E 3 HOH 71 371 77  HOH HOH A . 
E 3 HOH 72 372 73  HOH HOH A . 
E 3 HOH 73 373 21  HOH HOH A . 
F 3 HOH 1  301 2   HOH HOH B . 
F 3 HOH 2  302 9   HOH HOH B . 
F 3 HOH 3  303 36  HOH HOH B . 
F 3 HOH 4  304 94  HOH HOH B . 
F 3 HOH 5  305 129 HOH HOH B . 
F 3 HOH 6  306 96  HOH HOH B . 
F 3 HOH 7  307 90  HOH HOH B . 
F 3 HOH 8  308 37  HOH HOH B . 
F 3 HOH 9  309 1   HOH HOH B . 
F 3 HOH 10 310 112 HOH HOH B . 
F 3 HOH 11 311 130 HOH HOH B . 
F 3 HOH 12 312 133 HOH HOH B . 
F 3 HOH 13 313 13  HOH HOH B . 
F 3 HOH 14 314 115 HOH HOH B . 
F 3 HOH 15 315 165 HOH HOH B . 
F 3 HOH 16 316 38  HOH HOH B . 
F 3 HOH 17 317 91  HOH HOH B . 
F 3 HOH 18 318 56  HOH HOH B . 
F 3 HOH 19 319 128 HOH HOH B . 
F 3 HOH 20 320 139 HOH HOH B . 
F 3 HOH 21 321 22  HOH HOH B . 
F 3 HOH 22 322 127 HOH HOH B . 
F 3 HOH 23 323 107 HOH HOH B . 
F 3 HOH 24 324 105 HOH HOH B . 
F 3 HOH 25 325 4   HOH HOH B . 
F 3 HOH 26 326 62  HOH HOH B . 
F 3 HOH 27 327 87  HOH HOH B . 
F 3 HOH 28 328 41  HOH HOH B . 
F 3 HOH 29 329 102 HOH HOH B . 
F 3 HOH 30 330 98  HOH HOH B . 
F 3 HOH 31 331 28  HOH HOH B . 
F 3 HOH 32 332 8   HOH HOH B . 
F 3 HOH 33 333 126 HOH HOH B . 
F 3 HOH 34 334 142 HOH HOH B . 
F 3 HOH 35 335 61  HOH HOH B . 
F 3 HOH 36 336 51  HOH HOH B . 
F 3 HOH 37 337 39  HOH HOH B . 
F 3 HOH 38 338 57  HOH HOH B . 
F 3 HOH 39 339 3   HOH HOH B . 
F 3 HOH 40 340 111 HOH HOH B . 
F 3 HOH 41 341 154 HOH HOH B . 
F 3 HOH 42 342 49  HOH HOH B . 
F 3 HOH 43 343 25  HOH HOH B . 
F 3 HOH 44 344 136 HOH HOH B . 
F 3 HOH 45 345 48  HOH HOH B . 
F 3 HOH 46 346 162 HOH HOH B . 
F 3 HOH 47 347 117 HOH HOH B . 
F 3 HOH 48 348 43  HOH HOH B . 
F 3 HOH 49 349 50  HOH HOH B . 
F 3 HOH 50 350 24  HOH HOH B . 
F 3 HOH 51 351 30  HOH HOH B . 
F 3 HOH 52 352 27  HOH HOH B . 
F 3 HOH 53 353 159 HOH HOH B . 
F 3 HOH 54 354 33  HOH HOH B . 
F 3 HOH 55 355 122 HOH HOH B . 
F 3 HOH 56 356 23  HOH HOH B . 
F 3 HOH 57 357 7   HOH HOH B . 
F 3 HOH 58 358 46  HOH HOH B . 
F 3 HOH 59 359 11  HOH HOH B . 
F 3 HOH 60 360 20  HOH HOH B . 
F 3 HOH 61 361 140 HOH HOH B . 
F 3 HOH 62 362 152 HOH HOH B . 
F 3 HOH 63 363 19  HOH HOH B . 
F 3 HOH 64 364 164 HOH HOH B . 
F 3 HOH 65 365 155 HOH HOH B . 
F 3 HOH 66 366 31  HOH HOH B . 
F 3 HOH 67 367 125 HOH HOH B . 
F 3 HOH 68 368 63  HOH HOH B . 
F 3 HOH 69 369 15  HOH HOH B . 
F 3 HOH 70 370 67  HOH HOH B . 
F 3 HOH 71 371 163 HOH HOH B . 
F 3 HOH 72 372 110 HOH HOH B . 
F 3 HOH 73 373 45  HOH HOH B . 
F 3 HOH 74 374 12  HOH HOH B . 
F 3 HOH 75 375 145 HOH HOH B . 
F 3 HOH 76 376 17  HOH HOH B . 
F 3 HOH 77 377 32  HOH HOH B . 
F 3 HOH 78 378 109 HOH HOH B . 
F 3 HOH 79 379 144 HOH HOH B . 
F 3 HOH 80 380 78  HOH HOH B . 
F 3 HOH 81 381 66  HOH HOH B . 
F 3 HOH 82 382 138 HOH HOH B . 
F 3 HOH 83 383 72  HOH HOH B . 
F 3 HOH 84 384 120 HOH HOH B . 
F 3 HOH 85 385 150 HOH HOH B . 
F 3 HOH 86 386 146 HOH HOH B . 
F 3 HOH 87 387 34  HOH HOH B . 
# 
loop_
_pdbx_unobs_or_zero_occ_atoms.id 
_pdbx_unobs_or_zero_occ_atoms.PDB_model_num 
_pdbx_unobs_or_zero_occ_atoms.polymer_flag 
_pdbx_unobs_or_zero_occ_atoms.occupancy_flag 
_pdbx_unobs_or_zero_occ_atoms.auth_asym_id 
_pdbx_unobs_or_zero_occ_atoms.auth_comp_id 
_pdbx_unobs_or_zero_occ_atoms.auth_seq_id 
_pdbx_unobs_or_zero_occ_atoms.PDB_ins_code 
_pdbx_unobs_or_zero_occ_atoms.auth_atom_id 
_pdbx_unobs_or_zero_occ_atoms.label_alt_id 
_pdbx_unobs_or_zero_occ_atoms.label_asym_id 
_pdbx_unobs_or_zero_occ_atoms.label_comp_id 
_pdbx_unobs_or_zero_occ_atoms.label_seq_id 
_pdbx_unobs_or_zero_occ_atoms.label_atom_id 
1  1 Y 1 A GLN 42 ? CG  ? A GLN 58  CG  
2  1 Y 1 A GLN 42 ? CD  ? A GLN 58  CD  
3  1 Y 1 A GLN 42 ? OE1 ? A GLN 58  OE1 
4  1 Y 1 A GLN 42 ? NE2 ? A GLN 58  NE2 
5  1 Y 1 A GLU 85 ? CG  ? A GLU 101 CG  
6  1 Y 1 A GLU 85 ? CD  ? A GLU 101 CD  
7  1 Y 1 A GLU 85 ? OE1 ? A GLU 101 OE1 
8  1 Y 1 A GLU 85 ? OE2 ? A GLU 101 OE2 
9  1 Y 1 A LYS 88 ? CG  ? A LYS 104 CG  
10 1 Y 1 A LYS 88 ? CD  ? A LYS 104 CD  
11 1 Y 1 A LYS 88 ? CE  ? A LYS 104 CE  
12 1 Y 1 A LYS 88 ? NZ  ? A LYS 104 NZ  
13 1 Y 1 B LYS 81 ? CG  ? B LYS 97  CG  
14 1 Y 1 B LYS 81 ? CD  ? B LYS 97  CD  
15 1 Y 1 B LYS 81 ? CE  ? B LYS 97  CE  
16 1 Y 1 B LYS 81 ? NZ  ? B LYS 97  NZ  
# 
loop_
_software.citation_id 
_software.classification 
_software.compiler_name 
_software.compiler_version 
_software.contact_author 
_software.contact_author_email 
_software.date 
_software.description 
_software.dependencies 
_software.hardware 
_software.language 
_software.location 
_software.mods 
_software.name 
_software.os 
_software.os_version 
_software.type 
_software.version 
_software.pdbx_ordinal 
? 'data scaling'    ? ? ? ? ? ? ? ? ? ? ? SCALA       ? ? ? .        1 
? refinement        ? ? ? ? ? ? ? ? ? ? ? REFMAC      ? ? ? 5.8.0158 2 
? 'data extraction' ? ? ? ? ? ? ? ? ? ? ? PDB_EXTRACT ? ? ? 3.22     3 
? 'data reduction'  ? ? ? ? ? ? ? ? ? ? ? HKL-2000    ? ? ? .        4 
? phasing           ? ? ? ? ? ? ? ? ? ? ? MOLREP      ? ? ? .        5 
# 
_cell.angle_alpha                  90.000 
_cell.angle_alpha_esd              ? 
_cell.angle_beta                   90.000 
_cell.angle_beta_esd               ? 
_cell.angle_gamma                  120.000 
_cell.angle_gamma_esd              ? 
_cell.entry_id                     6BJO 
_cell.details                      ? 
_cell.formula_units_Z              ? 
_cell.length_a                     54.011 
_cell.length_a_esd                 ? 
_cell.length_b                     54.011 
_cell.length_b_esd                 ? 
_cell.length_c                     77.873 
_cell.length_c_esd                 ? 
_cell.volume                       ? 
_cell.volume_esd                   ? 
_cell.Z_PDB                        6 
_cell.reciprocal_angle_alpha       ? 
_cell.reciprocal_angle_beta        ? 
_cell.reciprocal_angle_gamma       ? 
_cell.reciprocal_angle_alpha_esd   ? 
_cell.reciprocal_angle_beta_esd    ? 
_cell.reciprocal_angle_gamma_esd   ? 
_cell.reciprocal_length_a          ? 
_cell.reciprocal_length_b          ? 
_cell.reciprocal_length_c          ? 
_cell.reciprocal_length_a_esd      ? 
_cell.reciprocal_length_b_esd      ? 
_cell.reciprocal_length_c_esd      ? 
_cell.pdbx_unique_axis             ? 
# 
_symmetry.entry_id                         6BJO 
_symmetry.cell_setting                     ? 
_symmetry.Int_Tables_number                145 
_symmetry.space_group_name_Hall            ? 
_symmetry.space_group_name_H-M             'P 32' 
_symmetry.pdbx_full_space_group_name_H-M   ? 
# 
_exptl.absorpt_coefficient_mu     ? 
_exptl.absorpt_correction_T_max   ? 
_exptl.absorpt_correction_T_min   ? 
_exptl.absorpt_correction_type    ? 
_exptl.absorpt_process_details    ? 
_exptl.entry_id                   6BJO 
_exptl.crystals_number            1 
_exptl.details                    ? 
_exptl.method                     'X-RAY DIFFRACTION' 
_exptl.method_details             ? 
# 
_exptl_crystal.colour                      ? 
_exptl_crystal.density_diffrn              ? 
_exptl_crystal.density_Matthews            2.42 
_exptl_crystal.density_method              ? 
_exptl_crystal.density_percent_sol         49.21 
_exptl_crystal.description                 ? 
_exptl_crystal.F_000                       ? 
_exptl_crystal.id                          1 
_exptl_crystal.preparation                 ? 
_exptl_crystal.size_max                    ? 
_exptl_crystal.size_mid                    ? 
_exptl_crystal.size_min                    ? 
_exptl_crystal.size_rad                    ? 
_exptl_crystal.colour_lustre               ? 
_exptl_crystal.colour_modifier             ? 
_exptl_crystal.colour_primary              ? 
_exptl_crystal.density_meas                ? 
_exptl_crystal.density_meas_esd            ? 
_exptl_crystal.density_meas_gt             ? 
_exptl_crystal.density_meas_lt             ? 
_exptl_crystal.density_meas_temp           ? 
_exptl_crystal.density_meas_temp_esd       ? 
_exptl_crystal.density_meas_temp_gt        ? 
_exptl_crystal.density_meas_temp_lt        ? 
_exptl_crystal.pdbx_crystal_image_url      ? 
_exptl_crystal.pdbx_crystal_image_format   ? 
_exptl_crystal.pdbx_mosaicity              ? 
_exptl_crystal.pdbx_mosaicity_esd          ? 
# 
_exptl_crystal_grow.apparatus       ? 
_exptl_crystal_grow.atmosphere      ? 
_exptl_crystal_grow.crystal_id      1 
_exptl_crystal_grow.details         ? 
_exptl_crystal_grow.method          'VAPOR DIFFUSION, SITTING DROP' 
_exptl_crystal_grow.method_ref      ? 
_exptl_crystal_grow.pH              ? 
_exptl_crystal_grow.pressure        ? 
_exptl_crystal_grow.pressure_esd    ? 
_exptl_crystal_grow.seeding         ? 
_exptl_crystal_grow.seeding_ref     ? 
_exptl_crystal_grow.temp            280 
_exptl_crystal_grow.temp_details    ? 
_exptl_crystal_grow.temp_esd        ? 
_exptl_crystal_grow.time            ? 
_exptl_crystal_grow.pdbx_details    
;0.1M BisTRIS pH 5.5
25% PEG3350
;
_exptl_crystal_grow.pdbx_pH_range   ? 
# 
_diffrn.ambient_environment    ? 
_diffrn.ambient_temp           100 
_diffrn.ambient_temp_details   ? 
_diffrn.ambient_temp_esd       ? 
_diffrn.crystal_id             1 
_diffrn.crystal_support        ? 
_diffrn.crystal_treatment      ? 
_diffrn.details                ? 
_diffrn.id                     1 
_diffrn.ambient_pressure       ? 
_diffrn.ambient_pressure_esd   ? 
_diffrn.ambient_pressure_gt    ? 
_diffrn.ambient_pressure_lt    ? 
_diffrn.ambient_temp_gt        ? 
_diffrn.ambient_temp_lt        ? 
# 
_diffrn_detector.details                      ? 
_diffrn_detector.detector                     CCD 
_diffrn_detector.diffrn_id                    1 
_diffrn_detector.type                         'MARMOSAIC 225 mm CCD' 
_diffrn_detector.area_resol_mean              ? 
_diffrn_detector.dtime                        ? 
_diffrn_detector.pdbx_frames_total            ? 
_diffrn_detector.pdbx_collection_time_total   ? 
_diffrn_detector.pdbx_collection_date         2011-10-24 
# 
_diffrn_radiation.collimation                      ? 
_diffrn_radiation.diffrn_id                        1 
_diffrn_radiation.filter_edge                      ? 
_diffrn_radiation.inhomogeneity                    ? 
_diffrn_radiation.monochromator                    ? 
_diffrn_radiation.polarisn_norm                    ? 
_diffrn_radiation.polarisn_ratio                   ? 
_diffrn_radiation.probe                            ? 
_diffrn_radiation.type                             ? 
_diffrn_radiation.xray_symbol                      ? 
_diffrn_radiation.wavelength_id                    1 
_diffrn_radiation.pdbx_monochromatic_or_laue_m_l   M 
_diffrn_radiation.pdbx_wavelength_list             ? 
_diffrn_radiation.pdbx_wavelength                  ? 
_diffrn_radiation.pdbx_diffrn_protocol             'SINGLE WAVELENGTH' 
_diffrn_radiation.pdbx_analyzer                    ? 
_diffrn_radiation.pdbx_scattering_type             x-ray 
# 
_diffrn_radiation_wavelength.id           1 
_diffrn_radiation_wavelength.wavelength   0.98 
_diffrn_radiation_wavelength.wt           1.0 
# 
_diffrn_source.current                     ? 
_diffrn_source.details                     ? 
_diffrn_source.diffrn_id                   1 
_diffrn_source.power                       ? 
_diffrn_source.size                        ? 
_diffrn_source.source                      SYNCHROTRON 
_diffrn_source.target                      ? 
_diffrn_source.type                        'APS BEAMLINE 31-ID' 
_diffrn_source.voltage                     ? 
_diffrn_source.take-off_angle              ? 
_diffrn_source.pdbx_wavelength_list        0.98 
_diffrn_source.pdbx_wavelength             ? 
_diffrn_source.pdbx_synchrotron_beamline   31-ID 
_diffrn_source.pdbx_synchrotron_site       APS 
# 
_reflns.B_iso_Wilson_estimate            ? 
_reflns.entry_id                         6BJO 
_reflns.data_reduction_details           ? 
_reflns.data_reduction_method            ? 
_reflns.d_resolution_high                1.75 
_reflns.d_resolution_low                 50 
_reflns.details                          ? 
_reflns.limit_h_max                      ? 
_reflns.limit_h_min                      ? 
_reflns.limit_k_max                      ? 
_reflns.limit_k_min                      ? 
_reflns.limit_l_max                      ? 
_reflns.limit_l_min                      ? 
_reflns.number_all                       ? 
_reflns.number_obs                       25511 
_reflns.observed_criterion               ? 
_reflns.observed_criterion_F_max         ? 
_reflns.observed_criterion_F_min         ? 
_reflns.observed_criterion_I_max         ? 
_reflns.observed_criterion_I_min         ? 
_reflns.observed_criterion_sigma_F       ? 
_reflns.observed_criterion_sigma_I       ? 
_reflns.percent_possible_obs             98.3 
_reflns.R_free_details                   ? 
_reflns.Rmerge_F_all                     ? 
_reflns.Rmerge_F_obs                     ? 
_reflns.Friedel_coverage                 ? 
_reflns.number_gt                        ? 
_reflns.threshold_expression             ? 
_reflns.pdbx_redundancy                  2.9 
_reflns.pdbx_Rmerge_I_obs                ? 
_reflns.pdbx_Rmerge_I_all                ? 
_reflns.pdbx_Rsym_value                  ? 
_reflns.pdbx_netI_over_av_sigmaI         ? 
_reflns.pdbx_netI_over_sigmaI            13.9 
_reflns.pdbx_res_netI_over_av_sigmaI_2   ? 
_reflns.pdbx_res_netI_over_sigmaI_2      ? 
_reflns.pdbx_chi_squared                 ? 
_reflns.pdbx_scaling_rejects             ? 
_reflns.pdbx_d_res_high_opt              ? 
_reflns.pdbx_d_res_low_opt               ? 
_reflns.pdbx_d_res_opt_method            ? 
_reflns.phase_calculation_details        ? 
_reflns.pdbx_Rrim_I_all                  ? 
_reflns.pdbx_Rpim_I_all                  ? 
_reflns.pdbx_d_opt                       ? 
_reflns.pdbx_number_measured_all         ? 
_reflns.pdbx_diffrn_id                   1 
_reflns.pdbx_ordinal                     1 
_reflns.pdbx_CC_half                     0.9 
_reflns.pdbx_R_split                     ? 
# 
_reflns_shell.d_res_high                  . 
_reflns_shell.d_res_low                   ? 
_reflns_shell.meanI_over_sigI_all         ? 
_reflns_shell.meanI_over_sigI_obs         ? 
_reflns_shell.number_measured_all         ? 
_reflns_shell.number_measured_obs         ? 
_reflns_shell.number_possible             ? 
_reflns_shell.number_unique_all           ? 
_reflns_shell.number_unique_obs           ? 
_reflns_shell.percent_possible_all        ? 
_reflns_shell.percent_possible_obs        ? 
_reflns_shell.Rmerge_F_all                ? 
_reflns_shell.Rmerge_F_obs                ? 
_reflns_shell.Rmerge_I_all                ? 
_reflns_shell.Rmerge_I_obs                ? 
_reflns_shell.meanI_over_sigI_gt          ? 
_reflns_shell.meanI_over_uI_all           ? 
_reflns_shell.meanI_over_uI_gt            ? 
_reflns_shell.number_measured_gt          ? 
_reflns_shell.number_unique_gt            ? 
_reflns_shell.percent_possible_gt         ? 
_reflns_shell.Rmerge_F_gt                 ? 
_reflns_shell.Rmerge_I_gt                 ? 
_reflns_shell.pdbx_redundancy             ? 
_reflns_shell.pdbx_Rsym_value             ? 
_reflns_shell.pdbx_chi_squared            ? 
_reflns_shell.pdbx_netI_over_sigmaI_all   ? 
_reflns_shell.pdbx_netI_over_sigmaI_obs   ? 
_reflns_shell.pdbx_Rrim_I_all             ? 
_reflns_shell.pdbx_Rpim_I_all             ? 
_reflns_shell.pdbx_rejects                ? 
_reflns_shell.pdbx_ordinal                1 
_reflns_shell.pdbx_diffrn_id              1 
_reflns_shell.pdbx_CC_half                ? 
_reflns_shell.pdbx_R_split                ? 
# 
_refine.aniso_B[1][1]                            -0.0100 
_refine.aniso_B[1][2]                            -0.0000 
_refine.aniso_B[1][3]                            -0.0000 
_refine.aniso_B[2][2]                            -0.0100 
_refine.aniso_B[2][3]                            -0.0000 
_refine.aniso_B[3][3]                            0.0300 
_refine.B_iso_max                                100.000 
_refine.B_iso_mean                               23.0950 
_refine.B_iso_min                                9.890 
_refine.correlation_coeff_Fo_to_Fc               0.9670 
_refine.correlation_coeff_Fo_to_Fc_free          0.9570 
_refine.details                                  LY 
_refine.diff_density_max                         ? 
_refine.diff_density_max_esd                     ? 
_refine.diff_density_min                         ? 
_refine.diff_density_min_esd                     ? 
_refine.diff_density_rms                         ? 
_refine.diff_density_rms_esd                     ? 
_refine.entry_id                                 6BJO 
_refine.pdbx_refine_id                           'X-RAY DIFFRACTION' 
_refine.ls_abs_structure_details                 ? 
_refine.ls_abs_structure_Flack                   ? 
_refine.ls_abs_structure_Flack_esd               ? 
_refine.ls_abs_structure_Rogers                  ? 
_refine.ls_abs_structure_Rogers_esd              ? 
_refine.ls_d_res_high                            1.7500 
_refine.ls_d_res_low                             27.0100 
_refine.ls_extinction_coef                       ? 
_refine.ls_extinction_coef_esd                   ? 
_refine.ls_extinction_expression                 ? 
_refine.ls_extinction_method                     ? 
_refine.ls_goodness_of_fit_all                   ? 
_refine.ls_goodness_of_fit_all_esd               ? 
_refine.ls_goodness_of_fit_obs                   ? 
_refine.ls_goodness_of_fit_obs_esd               ? 
_refine.ls_hydrogen_treatment                    ? 
_refine.ls_matrix_type                           ? 
_refine.ls_number_constraints                    ? 
_refine.ls_number_parameters                     ? 
_refine.ls_number_reflns_all                     ? 
_refine.ls_number_reflns_obs                     23001 
_refine.ls_number_reflns_R_free                  1355 
_refine.ls_number_reflns_R_work                  ? 
_refine.ls_number_restraints                     ? 
_refine.ls_percent_reflns_obs                    95.1800 
_refine.ls_percent_reflns_R_free                 5.6000 
_refine.ls_R_factor_all                          ? 
_refine.ls_R_factor_obs                          0.1402 
_refine.ls_R_factor_R_free                       0.1571 
_refine.ls_R_factor_R_free_error                 ? 
_refine.ls_R_factor_R_free_error_details         ? 
_refine.ls_R_factor_R_work                       0.1392 
_refine.ls_R_Fsqd_factor_obs                     ? 
_refine.ls_R_I_factor_obs                        ? 
_refine.ls_redundancy_reflns_all                 ? 
_refine.ls_redundancy_reflns_obs                 ? 
_refine.ls_restrained_S_all                      ? 
_refine.ls_restrained_S_obs                      ? 
_refine.ls_shift_over_esd_max                    ? 
_refine.ls_shift_over_esd_mean                   ? 
_refine.ls_structure_factor_coef                 ? 
_refine.ls_weighting_details                     ? 
_refine.ls_weighting_scheme                      ? 
_refine.ls_wR_factor_all                         ? 
_refine.ls_wR_factor_obs                         ? 
_refine.ls_wR_factor_R_free                      ? 
_refine.ls_wR_factor_R_work                      ? 
_refine.occupancy_max                            ? 
_refine.occupancy_min                            ? 
_refine.solvent_model_details                    ? 
_refine.solvent_model_param_bsol                 ? 
_refine.solvent_model_param_ksol                 ? 
_refine.ls_R_factor_gt                           ? 
_refine.ls_goodness_of_fit_gt                    ? 
_refine.ls_goodness_of_fit_ref                   ? 
_refine.ls_shift_over_su_max                     ? 
_refine.ls_shift_over_su_max_lt                  ? 
_refine.ls_shift_over_su_mean                    ? 
_refine.ls_shift_over_su_mean_lt                 ? 
_refine.pdbx_ls_sigma_I                          ? 
_refine.pdbx_ls_sigma_F                          0.000 
_refine.pdbx_ls_sigma_Fsqd                       ? 
_refine.pdbx_data_cutoff_high_absF               ? 
_refine.pdbx_data_cutoff_high_rms_absF           ? 
_refine.pdbx_data_cutoff_low_absF                ? 
_refine.pdbx_isotropic_thermal_model             ? 
_refine.pdbx_ls_cross_valid_method               THROUGHOUT 
_refine.pdbx_method_to_determine_struct          ? 
_refine.pdbx_starting_model                      ? 
_refine.pdbx_stereochemistry_target_values       ? 
_refine.pdbx_R_Free_selection_details            RANDOM 
_refine.pdbx_stereochem_target_val_spec_case     ? 
_refine.pdbx_overall_ESU_R                       0.0160 
_refine.pdbx_overall_ESU_R_Free                  0.0150 
_refine.pdbx_solvent_vdw_probe_radii             1.2000 
_refine.pdbx_solvent_ion_probe_radii             0.8000 
_refine.pdbx_solvent_shrinkage_radii             0.8000 
_refine.pdbx_real_space_R                        ? 
_refine.pdbx_density_correlation                 ? 
_refine.pdbx_pd_number_of_powder_patterns        ? 
_refine.pdbx_pd_number_of_points                 ? 
_refine.pdbx_pd_meas_number_of_points            ? 
_refine.pdbx_pd_proc_ls_prof_R_factor            ? 
_refine.pdbx_pd_proc_ls_prof_wR_factor           ? 
_refine.pdbx_pd_Marquardt_correlation_coeff      ? 
_refine.pdbx_pd_Fsqrd_R_factor                   ? 
_refine.pdbx_pd_ls_matrix_band_width             ? 
_refine.pdbx_overall_phase_error                 ? 
_refine.pdbx_overall_SU_R_free_Cruickshank_DPI   ? 
_refine.pdbx_overall_SU_R_free_Blow_DPI          ? 
_refine.pdbx_overall_SU_R_Blow_DPI               ? 
_refine.pdbx_TLS_residual_ADP_flag               ? 
_refine.pdbx_diffrn_id                           1 
_refine.overall_SU_B                             0.3970 
_refine.overall_SU_ML                            0.0150 
_refine.overall_SU_R_Cruickshank_DPI             ? 
_refine.overall_SU_R_free                        ? 
_refine.overall_FOM_free_R_set                   ? 
_refine.overall_FOM_work_R_set                   ? 
_refine.pdbx_average_fsc_overall                 ? 
_refine.pdbx_average_fsc_work                    ? 
_refine.pdbx_average_fsc_free                    ? 
# 
_refine_hist.cycle_id                         final 
_refine_hist.pdbx_refine_id                   'X-RAY DIFFRACTION' 
_refine_hist.d_res_high                       1.7500 
_refine_hist.d_res_low                        27.0100 
_refine_hist.pdbx_number_atoms_ligand         78 
_refine_hist.number_atoms_solvent             160 
_refine_hist.number_atoms_total               1480 
_refine_hist.pdbx_number_residues_total       171 
_refine_hist.pdbx_B_iso_mean_ligand           33.59 
_refine_hist.pdbx_B_iso_mean_solvent          44.33 
_refine_hist.pdbx_number_atoms_protein        1242 
_refine_hist.pdbx_number_atoms_nucleic_acid   0 
# 
loop_
_refine_ls_restr.pdbx_refine_id 
_refine_ls_restr.criterion 
_refine_ls_restr.dev_ideal 
_refine_ls_restr.dev_ideal_target 
_refine_ls_restr.number 
_refine_ls_restr.rejects 
_refine_ls_restr.type 
_refine_ls_restr.weight 
_refine_ls_restr.pdbx_restraint_function 
'X-RAY DIFFRACTION' ? 0.038  0.019  1341 ? r_bond_refined_d       ? ? 
'X-RAY DIFFRACTION' ? 0.004  0.020  1295 ? r_bond_other_d         ? ? 
'X-RAY DIFFRACTION' ? 3.818  2.061  1827 ? r_angle_refined_deg    ? ? 
'X-RAY DIFFRACTION' ? 1.705  3.048  3006 ? r_angle_other_deg      ? ? 
'X-RAY DIFFRACTION' ? 8.356  5.000  168  ? r_dihedral_angle_1_deg ? ? 
'X-RAY DIFFRACTION' ? 34.441 26.744 43   ? r_dihedral_angle_2_deg ? ? 
'X-RAY DIFFRACTION' ? 16.663 15.000 216  ? r_dihedral_angle_3_deg ? ? 
'X-RAY DIFFRACTION' ? 16.480 15.000 2    ? r_dihedral_angle_4_deg ? ? 
'X-RAY DIFFRACTION' ? 0.239  0.200  207  ? r_chiral_restr         ? ? 
'X-RAY DIFFRACTION' ? 0.022  0.021  1436 ? r_gen_planes_refined   ? ? 
'X-RAY DIFFRACTION' ? 0.002  0.020  218  ? r_gen_planes_other     ? ? 
# 
_refine_ls_shell.pdbx_refine_id                   'X-RAY DIFFRACTION' 
_refine_ls_shell.d_res_high                       1.7510 
_refine_ls_shell.d_res_low                        1.7960 
_refine_ls_shell.number_reflns_all                1100 
_refine_ls_shell.number_reflns_obs                ? 
_refine_ls_shell.number_reflns_R_free             70 
_refine_ls_shell.number_reflns_R_work             1030 
_refine_ls_shell.percent_reflns_obs               57.7700 
_refine_ls_shell.percent_reflns_R_free            ? 
_refine_ls_shell.R_factor_all                     ? 
_refine_ls_shell.R_factor_obs                     ? 
_refine_ls_shell.R_factor_R_free                  0.1200 
_refine_ls_shell.R_factor_R_free_error            0.0000 
_refine_ls_shell.R_factor_R_work                  0.0980 
_refine_ls_shell.redundancy_reflns_all            ? 
_refine_ls_shell.redundancy_reflns_obs            ? 
_refine_ls_shell.wR_factor_all                    ? 
_refine_ls_shell.wR_factor_obs                    ? 
_refine_ls_shell.wR_factor_R_free                 ? 
_refine_ls_shell.wR_factor_R_work                 ? 
_refine_ls_shell.pdbx_total_number_of_bins_used   20 
_refine_ls_shell.pdbx_phase_error                 ? 
_refine_ls_shell.pdbx_fsc_work                    ? 
_refine_ls_shell.pdbx_fsc_free                    ? 
# 
_struct.entry_id                     6BJO 
_struct.title                        'PICK1 PDZ domain in complex with the small molecule inhibitor BIO124.' 
_struct.pdbx_model_details           ? 
_struct.pdbx_formula_weight          ? 
_struct.pdbx_formula_weight_method   ? 
_struct.pdbx_model_type_details      ? 
_struct.pdbx_CASP_flag               N 
# 
_struct_keywords.entry_id        6BJO 
_struct_keywords.text            'PICK1 PDZ Domain inhibitor complex Lock and Chop, PEPTIDE BINDING PROTEIN' 
_struct_keywords.pdbx_keywords   'PEPTIDE BINDING PROTEIN' 
# 
loop_
_struct_asym.id 
_struct_asym.pdbx_blank_PDB_chainid_flag 
_struct_asym.pdbx_modified 
_struct_asym.entity_id 
_struct_asym.details 
A N N 1 ? 
B N N 1 ? 
C N N 2 ? 
D N N 2 ? 
E N N 3 ? 
F N N 3 ? 
# 
_struct_ref.id                         1 
_struct_ref.db_name                    UNP 
_struct_ref.db_code                    PICK1_HUMAN 
_struct_ref.pdbx_db_accession          Q9NRD5 
_struct_ref.pdbx_db_isoform            Q9NRD5-2 
_struct_ref.entity_id                  1 
_struct_ref.pdbx_seq_one_letter_code   
;MFADLDYDIEEDKLGIPTVPGKVTLQKDAQNLIGISIGGGAQYCPCLYIVQVFDNTPAALDGTVAAGDEITGVNGRSIKG
KTKVEVAKMIQEVKGEVTIHYNKLQ
;
_struct_ref.pdbx_align_begin           1 
# 
loop_
_struct_ref_seq.align_id 
_struct_ref_seq.ref_id 
_struct_ref_seq.pdbx_PDB_id_code 
_struct_ref_seq.pdbx_strand_id 
_struct_ref_seq.seq_align_beg 
_struct_ref_seq.pdbx_seq_align_beg_ins_code 
_struct_ref_seq.seq_align_end 
_struct_ref_seq.pdbx_seq_align_end_ins_code 
_struct_ref_seq.pdbx_db_accession 
_struct_ref_seq.db_align_beg 
_struct_ref_seq.pdbx_db_align_beg_ins_code 
_struct_ref_seq.db_align_end 
_struct_ref_seq.pdbx_db_align_end_ins_code 
_struct_ref_seq.pdbx_auth_seq_align_beg 
_struct_ref_seq.pdbx_auth_seq_align_end 
1 1 6BJO A 17 ? 121 ? Q9NRD5 1 ? 105 ? 1 105 
2 1 6BJO B 17 ? 121 ? Q9NRD5 1 ? 105 ? 1 105 
# 
loop_
_struct_ref_seq_dif.align_id 
_struct_ref_seq_dif.pdbx_pdb_id_code 
_struct_ref_seq_dif.mon_id 
_struct_ref_seq_dif.pdbx_pdb_strand_id 
_struct_ref_seq_dif.seq_num 
_struct_ref_seq_dif.pdbx_pdb_ins_code 
_struct_ref_seq_dif.pdbx_seq_db_name 
_struct_ref_seq_dif.pdbx_seq_db_accession_code 
_struct_ref_seq_dif.db_mon_id 
_struct_ref_seq_dif.pdbx_seq_db_seq_num 
_struct_ref_seq_dif.details 
_struct_ref_seq_dif.pdbx_auth_seq_num 
_struct_ref_seq_dif.pdbx_ordinal 
1 6BJO MET A 1   ? UNP Q9NRD5 ? ? 'expression tag' -15 1  
1 6BJO GLY A 2   ? UNP Q9NRD5 ? ? 'expression tag' -14 2  
1 6BJO HIS A 3   ? UNP Q9NRD5 ? ? 'expression tag' -13 3  
1 6BJO HIS A 4   ? UNP Q9NRD5 ? ? 'expression tag' -12 4  
1 6BJO HIS A 5   ? UNP Q9NRD5 ? ? 'expression tag' -11 5  
1 6BJO HIS A 6   ? UNP Q9NRD5 ? ? 'expression tag' -10 6  
1 6BJO HIS A 7   ? UNP Q9NRD5 ? ? 'expression tag' -9  7  
1 6BJO HIS A 8   ? UNP Q9NRD5 ? ? 'expression tag' -8  8  
1 6BJO HIS A 9   ? UNP Q9NRD5 ? ? 'expression tag' -7  9  
1 6BJO HIS A 10  ? UNP Q9NRD5 ? ? 'expression tag' -6  10 
1 6BJO LEU A 11  ? UNP Q9NRD5 ? ? 'expression tag' -5  11 
1 6BJO VAL A 12  ? UNP Q9NRD5 ? ? 'expression tag' -4  12 
1 6BJO PRO A 13  ? UNP Q9NRD5 ? ? 'expression tag' -3  13 
1 6BJO ARG A 14  ? UNP Q9NRD5 ? ? 'expression tag' -2  14 
1 6BJO GLY A 15  ? UNP Q9NRD5 ? ? 'expression tag' -1  15 
1 6BJO SER A 16  ? UNP Q9NRD5 ? ? 'expression tag' 0   16 
1 6BJO GLN A 122 ? UNP Q9NRD5 ? ? 'expression tag' 106 17 
1 6BJO SER A 123 ? UNP Q9NRD5 ? ? 'expression tag' 107 18 
1 6BJO ALA A 124 ? UNP Q9NRD5 ? ? 'expression tag' 108 19 
1 6BJO VAL A 125 ? UNP Q9NRD5 ? ? 'expression tag' 109 20 
2 6BJO MET B 1   ? UNP Q9NRD5 ? ? 'expression tag' -15 21 
2 6BJO GLY B 2   ? UNP Q9NRD5 ? ? 'expression tag' -14 22 
2 6BJO HIS B 3   ? UNP Q9NRD5 ? ? 'expression tag' -13 23 
2 6BJO HIS B 4   ? UNP Q9NRD5 ? ? 'expression tag' -12 24 
2 6BJO HIS B 5   ? UNP Q9NRD5 ? ? 'expression tag' -11 25 
2 6BJO HIS B 6   ? UNP Q9NRD5 ? ? 'expression tag' -10 26 
2 6BJO HIS B 7   ? UNP Q9NRD5 ? ? 'expression tag' -9  27 
2 6BJO HIS B 8   ? UNP Q9NRD5 ? ? 'expression tag' -8  28 
2 6BJO HIS B 9   ? UNP Q9NRD5 ? ? 'expression tag' -7  29 
2 6BJO HIS B 10  ? UNP Q9NRD5 ? ? 'expression tag' -6  30 
2 6BJO LEU B 11  ? UNP Q9NRD5 ? ? 'expression tag' -5  31 
2 6BJO VAL B 12  ? UNP Q9NRD5 ? ? 'expression tag' -4  32 
2 6BJO PRO B 13  ? UNP Q9NRD5 ? ? 'expression tag' -3  33 
2 6BJO ARG B 14  ? UNP Q9NRD5 ? ? 'expression tag' -2  34 
2 6BJO GLY B 15  ? UNP Q9NRD5 ? ? 'expression tag' -1  35 
2 6BJO SER B 16  ? UNP Q9NRD5 ? ? 'expression tag' 0   36 
2 6BJO GLN B 122 ? UNP Q9NRD5 ? ? 'expression tag' 106 37 
2 6BJO SER B 123 ? UNP Q9NRD5 ? ? 'expression tag' 107 38 
2 6BJO ALA B 124 ? UNP Q9NRD5 ? ? 'expression tag' 108 39 
2 6BJO VAL B 125 ? UNP Q9NRD5 ? ? 'expression tag' 109 40 
# 
_pdbx_struct_assembly.id                   1 
_pdbx_struct_assembly.details              author_and_software_defined_assembly 
_pdbx_struct_assembly.method_details       PISA 
_pdbx_struct_assembly.oligomeric_details   dimeric 
_pdbx_struct_assembly.oligomeric_count     2 
# 
loop_
_pdbx_struct_assembly_prop.biol_id 
_pdbx_struct_assembly_prop.type 
_pdbx_struct_assembly_prop.value 
_pdbx_struct_assembly_prop.details 
1 'ABSA (A^2)' 910  ? 
1 MORE         -13  ? 
1 'SSA (A^2)'  9360 ? 
# 
_pdbx_struct_assembly_gen.assembly_id       1 
_pdbx_struct_assembly_gen.oper_expression   1 
_pdbx_struct_assembly_gen.asym_id_list      A,B,C,D,E,F 
# 
_pdbx_struct_assembly_auth_evidence.id                     1 
_pdbx_struct_assembly_auth_evidence.assembly_id            1 
_pdbx_struct_assembly_auth_evidence.experimental_support   'gel filtration' 
_pdbx_struct_assembly_auth_evidence.details                ? 
# 
_pdbx_struct_oper_list.id                   1 
_pdbx_struct_oper_list.type                 'identity operation' 
_pdbx_struct_oper_list.name                 1_555 
_pdbx_struct_oper_list.symmetry_operation   x,y,z 
_pdbx_struct_oper_list.matrix[1][1]         1.0000000000 
_pdbx_struct_oper_list.matrix[1][2]         0.0000000000 
_pdbx_struct_oper_list.matrix[1][3]         0.0000000000 
_pdbx_struct_oper_list.vector[1]            0.0000000000 
_pdbx_struct_oper_list.matrix[2][1]         0.0000000000 
_pdbx_struct_oper_list.matrix[2][2]         1.0000000000 
_pdbx_struct_oper_list.matrix[2][3]         0.0000000000 
_pdbx_struct_oper_list.vector[2]            0.0000000000 
_pdbx_struct_oper_list.matrix[3][1]         0.0000000000 
_pdbx_struct_oper_list.matrix[3][2]         0.0000000000 
_pdbx_struct_oper_list.matrix[3][3]         1.0000000000 
_pdbx_struct_oper_list.vector[3]            0.0000000000 
# 
loop_
_struct_conf.conf_type_id 
_struct_conf.id 
_struct_conf.pdbx_PDB_helix_id 
_struct_conf.beg_label_comp_id 
_struct_conf.beg_label_asym_id 
_struct_conf.beg_label_seq_id 
_struct_conf.pdbx_beg_PDB_ins_code 
_struct_conf.end_label_comp_id 
_struct_conf.end_label_asym_id 
_struct_conf.end_label_seq_id 
_struct_conf.pdbx_end_PDB_ins_code 
_struct_conf.beg_auth_comp_id 
_struct_conf.beg_auth_asym_id 
_struct_conf.beg_auth_seq_id 
_struct_conf.end_auth_comp_id 
_struct_conf.end_auth_asym_id 
_struct_conf.end_auth_seq_id 
_struct_conf.pdbx_PDB_helix_class 
_struct_conf.details 
_struct_conf.pdbx_PDB_helix_length 
HELX_P HELX_P1 AA1 THR A 72 ? GLY A 78  ? THR A 56 GLY A 62 1 ? 7  
HELX_P HELX_P2 AA2 THR A 98 ? GLU A 108 ? THR A 82 GLU A 92 1 ? 11 
HELX_P HELX_P3 AA3 THR B 72 ? GLY B 78  ? THR B 56 GLY B 62 1 ? 7  
HELX_P HELX_P4 AA4 THR B 98 ? GLU B 108 ? THR B 82 GLU B 92 1 ? 11 
# 
_struct_conf_type.id          HELX_P 
_struct_conf_type.criteria    ? 
_struct_conf_type.reference   ? 
# 
loop_
_struct_conn.id 
_struct_conn.conn_type_id 
_struct_conn.pdbx_leaving_atom_flag 
_struct_conn.pdbx_PDB_id 
_struct_conn.ptnr1_label_asym_id 
_struct_conn.ptnr1_label_comp_id 
_struct_conn.ptnr1_label_seq_id 
_struct_conn.ptnr1_label_atom_id 
_struct_conn.pdbx_ptnr1_label_alt_id 
_struct_conn.pdbx_ptnr1_PDB_ins_code 
_struct_conn.pdbx_ptnr1_standard_comp_id 
_struct_conn.ptnr1_symmetry 
_struct_conn.ptnr2_label_asym_id 
_struct_conn.ptnr2_label_comp_id 
_struct_conn.ptnr2_label_seq_id 
_struct_conn.ptnr2_label_atom_id 
_struct_conn.pdbx_ptnr2_label_alt_id 
_struct_conn.pdbx_ptnr2_PDB_ins_code 
_struct_conn.ptnr1_auth_asym_id 
_struct_conn.ptnr1_auth_comp_id 
_struct_conn.ptnr1_auth_seq_id 
_struct_conn.ptnr2_auth_asym_id 
_struct_conn.ptnr2_auth_comp_id 
_struct_conn.ptnr2_auth_seq_id 
_struct_conn.ptnr2_symmetry 
_struct_conn.pdbx_ptnr3_label_atom_id 
_struct_conn.pdbx_ptnr3_label_seq_id 
_struct_conn.pdbx_ptnr3_label_comp_id 
_struct_conn.pdbx_ptnr3_label_asym_id 
_struct_conn.pdbx_ptnr3_label_alt_id 
_struct_conn.pdbx_ptnr3_PDB_ins_code 
_struct_conn.details 
_struct_conn.pdbx_dist_value 
_struct_conn.pdbx_value_order 
_struct_conn.pdbx_role 
disulf1 disulf ? ? A CYS 60 SG ? ? ? 1_555 B CYS 62 SG ? ? A CYS 44 B CYS 46 1_555 ? ? ? ? ? ? ? 1.934 ? ? 
disulf2 disulf ? ? A CYS 62 SG ? ? ? 1_555 B CYS 60 SG ? ? A CYS 46 B CYS 44 1_555 ? ? ? ? ? ? ? 1.941 ? ? 
# 
_struct_conn_type.id          disulf 
_struct_conn_type.criteria    ? 
_struct_conn_type.reference   ? 
# 
loop_
_pdbx_modification_feature.ordinal 
_pdbx_modification_feature.label_comp_id 
_pdbx_modification_feature.label_asym_id 
_pdbx_modification_feature.label_seq_id 
_pdbx_modification_feature.label_alt_id 
_pdbx_modification_feature.modified_residue_label_comp_id 
_pdbx_modification_feature.modified_residue_label_asym_id 
_pdbx_modification_feature.modified_residue_label_seq_id 
_pdbx_modification_feature.modified_residue_label_alt_id 
_pdbx_modification_feature.auth_comp_id 
_pdbx_modification_feature.auth_asym_id 
_pdbx_modification_feature.auth_seq_id 
_pdbx_modification_feature.PDB_ins_code 
_pdbx_modification_feature.symmetry 
_pdbx_modification_feature.modified_residue_auth_comp_id 
_pdbx_modification_feature.modified_residue_auth_asym_id 
_pdbx_modification_feature.modified_residue_auth_seq_id 
_pdbx_modification_feature.modified_residue_PDB_ins_code 
_pdbx_modification_feature.modified_residue_symmetry 
_pdbx_modification_feature.comp_id_linking_atom 
_pdbx_modification_feature.modified_residue_id_linking_atom 
_pdbx_modification_feature.modified_residue_id 
_pdbx_modification_feature.ref_pcm_id 
_pdbx_modification_feature.ref_comp_id 
_pdbx_modification_feature.type 
_pdbx_modification_feature.category 
1 CYS A 60 ? CYS B 62 ? CYS A 44 ? 1_555 CYS B 46 ? 1_555 SG SG . . . None 'Disulfide bridge' 
2 CYS A 62 ? CYS B 60 ? CYS A 46 ? 1_555 CYS B 44 ? 1_555 SG SG . . . None 'Disulfide bridge' 
# 
loop_
_struct_sheet.id 
_struct_sheet.type 
_struct_sheet.number_strands 
_struct_sheet.details 
AA1 ? 5 ? 
AA2 ? 4 ? 
AA3 ? 5 ? 
AA4 ? 4 ? 
# 
loop_
_struct_sheet_order.sheet_id 
_struct_sheet_order.range_id_1 
_struct_sheet_order.range_id_2 
_struct_sheet_order.offset 
_struct_sheet_order.sense 
AA1 1 2 ? anti-parallel 
AA1 2 3 ? anti-parallel 
AA1 3 4 ? anti-parallel 
AA1 4 5 ? anti-parallel 
AA2 1 2 ? anti-parallel 
AA2 2 3 ? anti-parallel 
AA2 3 4 ? anti-parallel 
AA3 1 2 ? anti-parallel 
AA3 2 3 ? anti-parallel 
AA3 3 4 ? anti-parallel 
AA3 4 5 ? anti-parallel 
AA4 1 2 ? anti-parallel 
AA4 2 3 ? anti-parallel 
AA4 3 4 ? anti-parallel 
# 
loop_
_struct_sheet_range.sheet_id 
_struct_sheet_range.id 
_struct_sheet_range.beg_label_comp_id 
_struct_sheet_range.beg_label_asym_id 
_struct_sheet_range.beg_label_seq_id 
_struct_sheet_range.pdbx_beg_PDB_ins_code 
_struct_sheet_range.end_label_comp_id 
_struct_sheet_range.end_label_asym_id 
_struct_sheet_range.end_label_seq_id 
_struct_sheet_range.pdbx_end_PDB_ins_code 
_struct_sheet_range.beg_auth_comp_id 
_struct_sheet_range.beg_auth_asym_id 
_struct_sheet_range.beg_auth_seq_id 
_struct_sheet_range.end_auth_comp_id 
_struct_sheet_range.end_auth_asym_id 
_struct_sheet_range.end_auth_seq_id 
AA1 1 PRO A 36  ? GLN A 42  ? PRO A 20 GLN A 26  
AA1 2 GLU A 112 ? ASN A 118 ? GLU A 96 ASN A 102 
AA1 3 GLU A 85  ? VAL A 89  ? GLU A 69 VAL A 73  
AA1 4 CYS A 60  ? VAL A 68  ? CYS A 44 VAL A 52  
AA1 5 ILE A 51  ? ALA A 57  ? ILE A 35 ALA A 41  
AA2 1 PRO A 36  ? GLN A 42  ? PRO A 20 GLN A 26  
AA2 2 GLU A 112 ? ASN A 118 ? GLU A 96 ASN A 102 
AA2 3 GLU A 85  ? VAL A 89  ? GLU A 69 VAL A 73  
AA2 4 ARG A 92  ? SER A 93  ? ARG A 76 SER A 77  
AA3 1 PRO B 36  ? GLN B 42  ? PRO B 20 GLN B 26  
AA3 2 GLU B 112 ? ASN B 118 ? GLU B 96 ASN B 102 
AA3 3 GLU B 85  ? VAL B 89  ? GLU B 69 VAL B 73  
AA3 4 LEU B 63  ? VAL B 68  ? LEU B 47 VAL B 52  
AA3 5 ILE B 51  ? GLY B 55  ? ILE B 35 GLY B 39  
AA4 1 PRO B 36  ? GLN B 42  ? PRO B 20 GLN B 26  
AA4 2 GLU B 112 ? ASN B 118 ? GLU B 96 ASN B 102 
AA4 3 GLU B 85  ? VAL B 89  ? GLU B 69 VAL B 73  
AA4 4 ARG B 92  ? SER B 93  ? ARG B 76 SER B 77  
# 
loop_
_pdbx_struct_sheet_hbond.sheet_id 
_pdbx_struct_sheet_hbond.range_id_1 
_pdbx_struct_sheet_hbond.range_id_2 
_pdbx_struct_sheet_hbond.range_1_label_atom_id 
_pdbx_struct_sheet_hbond.range_1_label_comp_id 
_pdbx_struct_sheet_hbond.range_1_label_asym_id 
_pdbx_struct_sheet_hbond.range_1_label_seq_id 
_pdbx_struct_sheet_hbond.range_1_PDB_ins_code 
_pdbx_struct_sheet_hbond.range_1_auth_atom_id 
_pdbx_struct_sheet_hbond.range_1_auth_comp_id 
_pdbx_struct_sheet_hbond.range_1_auth_asym_id 
_pdbx_struct_sheet_hbond.range_1_auth_seq_id 
_pdbx_struct_sheet_hbond.range_2_label_atom_id 
_pdbx_struct_sheet_hbond.range_2_label_comp_id 
_pdbx_struct_sheet_hbond.range_2_label_asym_id 
_pdbx_struct_sheet_hbond.range_2_label_seq_id 
_pdbx_struct_sheet_hbond.range_2_PDB_ins_code 
_pdbx_struct_sheet_hbond.range_2_auth_atom_id 
_pdbx_struct_sheet_hbond.range_2_auth_comp_id 
_pdbx_struct_sheet_hbond.range_2_auth_asym_id 
_pdbx_struct_sheet_hbond.range_2_auth_seq_id 
AA1 1 2 N VAL A 39  ? N VAL A 23  O ILE A 115 ? O ILE A 99 
AA1 2 3 O HIS A 116 ? O HIS A 100 N GLY A 88  ? N GLY A 72 
AA1 3 4 O ILE A 86  ? O ILE A 70  N LEU A 63  ? N LEU A 47 
AA1 4 5 O VAL A 66  ? O VAL A 50  N SER A 52  ? N SER A 36 
AA2 1 2 N VAL A 39  ? N VAL A 23  O ILE A 115 ? O ILE A 99 
AA2 2 3 O HIS A 116 ? O HIS A 100 N GLY A 88  ? N GLY A 72 
AA2 3 4 N VAL A 89  ? N VAL A 73  O ARG A 92  ? O ARG A 76 
AA3 1 2 N LEU B 41  ? N LEU B 25  O VAL B 113 ? O VAL B 97 
AA3 2 3 O HIS B 116 ? O HIS B 100 N THR B 87  ? N THR B 71 
AA3 3 4 O ILE B 86  ? O ILE B 70  N LEU B 63  ? N LEU B 47 
AA3 4 5 O TYR B 64  ? O TYR B 48  N GLY B 54  ? N GLY B 38 
AA4 1 2 N LEU B 41  ? N LEU B 25  O VAL B 113 ? O VAL B 97 
AA4 2 3 O HIS B 116 ? O HIS B 100 N THR B 87  ? N THR B 71 
AA4 3 4 N VAL B 89  ? N VAL B 73  O ARG B 92  ? O ARG B 76 
# 
loop_
_struct_site.id 
_struct_site.pdbx_evidence_code 
_struct_site.pdbx_auth_asym_id 
_struct_site.pdbx_auth_comp_id 
_struct_site.pdbx_auth_seq_id 
_struct_site.pdbx_auth_ins_code 
_struct_site.pdbx_num_residues 
_struct_site.details 
AC1 Software A DUY 201 ? 10 'binding site for residue DUY A 201' 
AC2 Software B DUY 201 ? 8  'binding site for residue DUY B 201' 
# 
loop_
_struct_site_gen.id 
_struct_site_gen.site_id 
_struct_site_gen.pdbx_num_res 
_struct_site_gen.label_comp_id 
_struct_site_gen.label_asym_id 
_struct_site_gen.label_seq_id 
_struct_site_gen.pdbx_auth_ins_code 
_struct_site_gen.auth_comp_id 
_struct_site_gen.auth_asym_id 
_struct_site_gen.auth_seq_id 
_struct_site_gen.label_atom_id 
_struct_site_gen.label_alt_id 
_struct_site_gen.symmetry 
_struct_site_gen.details 
1  AC1 10 LEU A 48  ? LEU A 32  . ? 1_555 ? 
2  AC1 10 ILE A 49  ? ILE A 33  . ? 1_555 ? 
3  AC1 10 GLY A 50  ? GLY A 34  . ? 1_555 ? 
4  AC1 10 ILE A 51  ? ILE A 35  . ? 1_555 ? 
5  AC1 10 SER A 52  ? SER A 36  . ? 1_555 ? 
6  AC1 10 PHE A 69  ? PHE A 53  . ? 1_555 ? 
7  AC1 10 ALA A 103 ? ALA A 87  . ? 1_555 ? 
8  AC1 10 GLN A 107 ? GLN A 91  . ? 1_555 ? 
9  AC1 10 HOH E .   ? HOH A 323 . ? 1_555 ? 
10 AC1 10 HOH E .   ? HOH A 342 . ? 1_555 ? 
11 AC2 8  LEU B 48  ? LEU B 32  . ? 1_555 ? 
12 AC2 8  ILE B 49  ? ILE B 33  . ? 1_555 ? 
13 AC2 8  GLY B 50  ? GLY B 34  . ? 1_555 ? 
14 AC2 8  ILE B 51  ? ILE B 35  . ? 1_555 ? 
15 AC2 8  PHE B 69  ? PHE B 53  . ? 1_555 ? 
16 AC2 8  LYS B 99  ? LYS B 83  . ? 1_555 ? 
17 AC2 8  GLN B 107 ? GLN B 91  . ? 1_555 ? 
18 AC2 8  HOH F .   ? HOH B 313 . ? 1_555 ? 
# 
_pdbx_entry_details.entry_id                   6BJO 
_pdbx_entry_details.compound_details           ? 
_pdbx_entry_details.source_details             ? 
_pdbx_entry_details.nonpolymer_details         ? 
_pdbx_entry_details.sequence_details           ? 
_pdbx_entry_details.has_ligand_of_interest     ? 
_pdbx_entry_details.has_protein_modification   Y 
# 
loop_
_pdbx_validate_close_contact.id 
_pdbx_validate_close_contact.PDB_model_num 
_pdbx_validate_close_contact.auth_atom_id_1 
_pdbx_validate_close_contact.auth_asym_id_1 
_pdbx_validate_close_contact.auth_comp_id_1 
_pdbx_validate_close_contact.auth_seq_id_1 
_pdbx_validate_close_contact.PDB_ins_code_1 
_pdbx_validate_close_contact.label_alt_id_1 
_pdbx_validate_close_contact.auth_atom_id_2 
_pdbx_validate_close_contact.auth_asym_id_2 
_pdbx_validate_close_contact.auth_comp_id_2 
_pdbx_validate_close_contact.auth_seq_id_2 
_pdbx_validate_close_contact.PDB_ins_code_2 
_pdbx_validate_close_contact.label_alt_id_2 
_pdbx_validate_close_contact.dist 
1 1 O A HOH 329 ? ? O A HOH 356 ? ? 1.17 
2 1 O A HOH 308 ? ? O A HOH 312 ? ? 1.44 
3 1 O A HOH 355 ? ? O A HOH 371 ? ? 2.17 
# 
_pdbx_validate_symm_contact.id                1 
_pdbx_validate_symm_contact.PDB_model_num     1 
_pdbx_validate_symm_contact.auth_atom_id_1    O 
_pdbx_validate_symm_contact.auth_asym_id_1    A 
_pdbx_validate_symm_contact.auth_comp_id_1    HOH 
_pdbx_validate_symm_contact.auth_seq_id_1     344 
_pdbx_validate_symm_contact.PDB_ins_code_1    ? 
_pdbx_validate_symm_contact.label_alt_id_1    ? 
_pdbx_validate_symm_contact.site_symmetry_1   1_555 
_pdbx_validate_symm_contact.auth_atom_id_2    O 
_pdbx_validate_symm_contact.auth_asym_id_2    B 
_pdbx_validate_symm_contact.auth_comp_id_2    HOH 
_pdbx_validate_symm_contact.auth_seq_id_2     308 
_pdbx_validate_symm_contact.PDB_ins_code_2    ? 
_pdbx_validate_symm_contact.label_alt_id_2    ? 
_pdbx_validate_symm_contact.site_symmetry_2   1_665 
_pdbx_validate_symm_contact.dist              1.51 
# 
loop_
_pdbx_validate_rmsd_bond.id 
_pdbx_validate_rmsd_bond.PDB_model_num 
_pdbx_validate_rmsd_bond.auth_atom_id_1 
_pdbx_validate_rmsd_bond.auth_asym_id_1 
_pdbx_validate_rmsd_bond.auth_comp_id_1 
_pdbx_validate_rmsd_bond.auth_seq_id_1 
_pdbx_validate_rmsd_bond.PDB_ins_code_1 
_pdbx_validate_rmsd_bond.label_alt_id_1 
_pdbx_validate_rmsd_bond.auth_atom_id_2 
_pdbx_validate_rmsd_bond.auth_asym_id_2 
_pdbx_validate_rmsd_bond.auth_comp_id_2 
_pdbx_validate_rmsd_bond.auth_seq_id_2 
_pdbx_validate_rmsd_bond.PDB_ins_code_2 
_pdbx_validate_rmsd_bond.label_alt_id_2 
_pdbx_validate_rmsd_bond.bond_value 
_pdbx_validate_rmsd_bond.bond_target_value 
_pdbx_validate_rmsd_bond.bond_deviation 
_pdbx_validate_rmsd_bond.bond_standard_deviation 
_pdbx_validate_rmsd_bond.linker_flag 
1 1 C  A PRO 20 ? ? O   A PRO 20 ? ? 1.364 1.228 0.136  0.020 N 
2 1 C  A THR 24 ? ? O   A THR 24 ? ? 1.355 1.229 0.126  0.019 N 
3 1 CB A TYR 43 ? ? CG  A TYR 43 ? ? 1.631 1.512 0.119  0.015 N 
4 1 CG A TYR 48 ? ? CD1 A TYR 48 ? ? 1.466 1.387 0.079  0.013 N 
5 1 C  A THR 71 ? ? O   A THR 71 ? ? 1.355 1.229 0.126  0.019 N 
6 1 CB A SER 77 ? ? OG  A SER 77 ? ? 1.505 1.418 0.087  0.013 N 
7 1 N  B GLY 38 ? ? CA  B GLY 38 ? ? 1.548 1.456 0.092  0.015 N 
8 1 C  B VAL 50 ? ? O   B VAL 50 ? ? 1.389 1.229 0.160  0.019 N 
9 1 CA B PHE 53 ? ? CB  B PHE 53 ? ? 1.390 1.535 -0.145 0.022 N 
# 
loop_
_pdbx_validate_rmsd_angle.id 
_pdbx_validate_rmsd_angle.PDB_model_num 
_pdbx_validate_rmsd_angle.auth_atom_id_1 
_pdbx_validate_rmsd_angle.auth_asym_id_1 
_pdbx_validate_rmsd_angle.auth_comp_id_1 
_pdbx_validate_rmsd_angle.auth_seq_id_1 
_pdbx_validate_rmsd_angle.PDB_ins_code_1 
_pdbx_validate_rmsd_angle.label_alt_id_1 
_pdbx_validate_rmsd_angle.auth_atom_id_2 
_pdbx_validate_rmsd_angle.auth_asym_id_2 
_pdbx_validate_rmsd_angle.auth_comp_id_2 
_pdbx_validate_rmsd_angle.auth_seq_id_2 
_pdbx_validate_rmsd_angle.PDB_ins_code_2 
_pdbx_validate_rmsd_angle.label_alt_id_2 
_pdbx_validate_rmsd_angle.auth_atom_id_3 
_pdbx_validate_rmsd_angle.auth_asym_id_3 
_pdbx_validate_rmsd_angle.auth_comp_id_3 
_pdbx_validate_rmsd_angle.auth_seq_id_3 
_pdbx_validate_rmsd_angle.PDB_ins_code_3 
_pdbx_validate_rmsd_angle.label_alt_id_3 
_pdbx_validate_rmsd_angle.angle_value 
_pdbx_validate_rmsd_angle.angle_target_value 
_pdbx_validate_rmsd_angle.angle_deviation 
_pdbx_validate_rmsd_angle.angle_standard_deviation 
_pdbx_validate_rmsd_angle.linker_flag 
1 1 CB A ASP 28 ? ? CG  A ASP 28 ? ? OD2 A ASP 28 ? ? 112.10 118.30 -6.20  0.90 N 
2 1 CG A TYR 48 ? ? CD1 A TYR 48 ? ? CE1 A TYR 48 ? ? 116.50 121.30 -4.80  0.80 N 
3 1 CB A ASP 54 ? ? CG  A ASP 54 ? ? OD2 A ASP 54 ? ? 108.76 118.30 -9.54  0.90 N 
4 1 CB B LEU 25 ? ? CG  B LEU 25 ? ? CD1 B LEU 25 ? ? 94.50  111.00 -16.50 1.70 N 
5 1 N  B ASP 28 ? ? CA  B ASP 28 ? ? CB  B ASP 28 ? ? 121.66 110.60 11.06  1.80 N 
6 1 NE B ARG 76 ? ? CZ  B ARG 76 ? ? NH2 B ARG 76 ? ? 123.43 120.30 3.13   0.50 N 
# 
loop_
_pdbx_validate_torsion.id 
_pdbx_validate_torsion.PDB_model_num 
_pdbx_validate_torsion.auth_comp_id 
_pdbx_validate_torsion.auth_asym_id 
_pdbx_validate_torsion.auth_seq_id 
_pdbx_validate_torsion.PDB_ins_code 
_pdbx_validate_torsion.label_alt_id 
_pdbx_validate_torsion.phi 
_pdbx_validate_torsion.psi 
1 1 TYR A 43 ? ? 84.68  -4.09  
2 1 ALA A 66 ? ? -38.80 120.68 
# 
_pdbx_validate_chiral.id              1 
_pdbx_validate_chiral.PDB_model_num   1 
_pdbx_validate_chiral.auth_atom_id    C15 
_pdbx_validate_chiral.label_alt_id    ? 
_pdbx_validate_chiral.auth_asym_id    A 
_pdbx_validate_chiral.auth_comp_id    DUY 
_pdbx_validate_chiral.auth_seq_id     201 
_pdbx_validate_chiral.PDB_ins_code    ? 
_pdbx_validate_chiral.details         'WRONG HAND' 
_pdbx_validate_chiral.omega           . 
# 
loop_
_pdbx_validate_main_chain_plane.id 
_pdbx_validate_main_chain_plane.PDB_model_num 
_pdbx_validate_main_chain_plane.auth_comp_id 
_pdbx_validate_main_chain_plane.auth_asym_id 
_pdbx_validate_main_chain_plane.auth_seq_id 
_pdbx_validate_main_chain_plane.PDB_ins_code 
_pdbx_validate_main_chain_plane.label_alt_id 
_pdbx_validate_main_chain_plane.improper_torsion_angle 
1 1 ILE A 33 ? ? -10.01 
2 1 TYR A 43 ? ? -10.33 
3 1 PRO A 57 ? ? -11.80 
4 1 LEU A 60 ? ? -12.03 
5 1 ASN A 74 ? ? 10.09  
6 1 GLU A 92 ? ? -12.94 
# 
loop_
_pdbx_unobs_or_zero_occ_residues.id 
_pdbx_unobs_or_zero_occ_residues.PDB_model_num 
_pdbx_unobs_or_zero_occ_residues.polymer_flag 
_pdbx_unobs_or_zero_occ_residues.occupancy_flag 
_pdbx_unobs_or_zero_occ_residues.auth_asym_id 
_pdbx_unobs_or_zero_occ_residues.auth_comp_id 
_pdbx_unobs_or_zero_occ_residues.auth_seq_id 
_pdbx_unobs_or_zero_occ_residues.PDB_ins_code 
_pdbx_unobs_or_zero_occ_residues.label_asym_id 
_pdbx_unobs_or_zero_occ_residues.label_comp_id 
_pdbx_unobs_or_zero_occ_residues.label_seq_id 
1  1 Y 1 A MET -15 ? A MET 1   
2  1 Y 1 A GLY -14 ? A GLY 2   
3  1 Y 1 A HIS -13 ? A HIS 3   
4  1 Y 1 A HIS -12 ? A HIS 4   
5  1 Y 1 A HIS -11 ? A HIS 5   
6  1 Y 1 A HIS -10 ? A HIS 6   
7  1 Y 1 A HIS -9  ? A HIS 7   
8  1 Y 1 A HIS -8  ? A HIS 8   
9  1 Y 1 A HIS -7  ? A HIS 9   
10 1 Y 1 A HIS -6  ? A HIS 10  
11 1 Y 1 A LEU -5  ? A LEU 11  
12 1 Y 1 A VAL -4  ? A VAL 12  
13 1 Y 1 A PRO -3  ? A PRO 13  
14 1 Y 1 A ARG -2  ? A ARG 14  
15 1 Y 1 A GLY -1  ? A GLY 15  
16 1 Y 1 A SER 0   ? A SER 16  
17 1 Y 1 A MET 1   ? A MET 17  
18 1 Y 1 A PHE 2   ? A PHE 18  
19 1 Y 1 A ALA 3   ? A ALA 19  
20 1 Y 1 A ASP 4   ? A ASP 20  
21 1 Y 1 A LEU 5   ? A LEU 21  
22 1 Y 1 A ASP 6   ? A ASP 22  
23 1 Y 1 A TYR 7   ? A TYR 23  
24 1 Y 1 A ASP 8   ? A ASP 24  
25 1 Y 1 A ILE 9   ? A ILE 25  
26 1 Y 1 A GLU 10  ? A GLU 26  
27 1 Y 1 A GLU 11  ? A GLU 27  
28 1 Y 1 A ASP 12  ? A ASP 28  
29 1 Y 1 A LYS 13  ? A LYS 29  
30 1 Y 1 A LEU 14  ? A LEU 30  
31 1 Y 1 A GLY 15  ? A GLY 31  
32 1 Y 1 A ILE 16  ? A ILE 32  
33 1 Y 1 A PRO 17  ? A PRO 33  
34 1 Y 1 A THR 18  ? A THR 34  
35 1 Y 1 A GLN 105 ? A GLN 121 
36 1 Y 1 A GLN 106 ? A GLN 122 
37 1 Y 1 A SER 107 ? A SER 123 
38 1 Y 1 A ALA 108 ? A ALA 124 
39 1 Y 1 A VAL 109 ? A VAL 125 
40 1 Y 1 B MET -15 ? B MET 1   
41 1 Y 1 B GLY -14 ? B GLY 2   
42 1 Y 1 B HIS -13 ? B HIS 3   
43 1 Y 1 B HIS -12 ? B HIS 4   
44 1 Y 1 B HIS -11 ? B HIS 5   
45 1 Y 1 B HIS -10 ? B HIS 6   
46 1 Y 1 B HIS -9  ? B HIS 7   
47 1 Y 1 B HIS -8  ? B HIS 8   
48 1 Y 1 B HIS -7  ? B HIS 9   
49 1 Y 1 B HIS -6  ? B HIS 10  
50 1 Y 1 B LEU -5  ? B LEU 11  
51 1 Y 1 B VAL -4  ? B VAL 12  
52 1 Y 1 B PRO -3  ? B PRO 13  
53 1 Y 1 B ARG -2  ? B ARG 14  
54 1 Y 1 B GLY -1  ? B GLY 15  
55 1 Y 1 B SER 0   ? B SER 16  
56 1 Y 1 B MET 1   ? B MET 17  
57 1 Y 1 B PHE 2   ? B PHE 18  
58 1 Y 1 B ALA 3   ? B ALA 19  
59 1 Y 1 B ASP 4   ? B ASP 20  
60 1 Y 1 B LEU 5   ? B LEU 21  
61 1 Y 1 B ASP 6   ? B ASP 22  
62 1 Y 1 B TYR 7   ? B TYR 23  
63 1 Y 1 B ASP 8   ? B ASP 24  
64 1 Y 1 B ILE 9   ? B ILE 25  
65 1 Y 1 B GLU 10  ? B GLU 26  
66 1 Y 1 B GLU 11  ? B GLU 27  
67 1 Y 1 B ASP 12  ? B ASP 28  
68 1 Y 1 B LYS 13  ? B LYS 29  
69 1 Y 1 B LEU 14  ? B LEU 30  
70 1 Y 1 B GLY 15  ? B GLY 31  
71 1 Y 1 B ILE 16  ? B ILE 32  
72 1 Y 1 B PRO 17  ? B PRO 33  
73 1 Y 1 B THR 18  ? B THR 34  
74 1 Y 1 B GLN 42  ? B GLN 58  
75 1 Y 1 B GLN 105 ? B GLN 121 
76 1 Y 1 B GLN 106 ? B GLN 122 
77 1 Y 1 B SER 107 ? B SER 123 
78 1 Y 1 B ALA 108 ? B ALA 124 
79 1 Y 1 B VAL 109 ? B VAL 125 
# 
loop_
_chem_comp_atom.comp_id 
_chem_comp_atom.atom_id 
_chem_comp_atom.type_symbol 
_chem_comp_atom.pdbx_aromatic_flag 
_chem_comp_atom.pdbx_stereo_config 
_chem_comp_atom.pdbx_ordinal 
ALA N    N  N N 1   
ALA CA   C  N S 2   
ALA C    C  N N 3   
ALA O    O  N N 4   
ALA CB   C  N N 5   
ALA OXT  O  N N 6   
ALA H    H  N N 7   
ALA H2   H  N N 8   
ALA HA   H  N N 9   
ALA HB1  H  N N 10  
ALA HB2  H  N N 11  
ALA HB3  H  N N 12  
ALA HXT  H  N N 13  
ARG N    N  N N 14  
ARG CA   C  N S 15  
ARG C    C  N N 16  
ARG O    O  N N 17  
ARG CB   C  N N 18  
ARG CG   C  N N 19  
ARG CD   C  N N 20  
ARG NE   N  N N 21  
ARG CZ   C  N N 22  
ARG NH1  N  N N 23  
ARG NH2  N  N N 24  
ARG OXT  O  N N 25  
ARG H    H  N N 26  
ARG H2   H  N N 27  
ARG HA   H  N N 28  
ARG HB2  H  N N 29  
ARG HB3  H  N N 30  
ARG HG2  H  N N 31  
ARG HG3  H  N N 32  
ARG HD2  H  N N 33  
ARG HD3  H  N N 34  
ARG HE   H  N N 35  
ARG HH11 H  N N 36  
ARG HH12 H  N N 37  
ARG HH21 H  N N 38  
ARG HH22 H  N N 39  
ARG HXT  H  N N 40  
ASN N    N  N N 41  
ASN CA   C  N S 42  
ASN C    C  N N 43  
ASN O    O  N N 44  
ASN CB   C  N N 45  
ASN CG   C  N N 46  
ASN OD1  O  N N 47  
ASN ND2  N  N N 48  
ASN OXT  O  N N 49  
ASN H    H  N N 50  
ASN H2   H  N N 51  
ASN HA   H  N N 52  
ASN HB2  H  N N 53  
ASN HB3  H  N N 54  
ASN HD21 H  N N 55  
ASN HD22 H  N N 56  
ASN HXT  H  N N 57  
ASP N    N  N N 58  
ASP CA   C  N S 59  
ASP C    C  N N 60  
ASP O    O  N N 61  
ASP CB   C  N N 62  
ASP CG   C  N N 63  
ASP OD1  O  N N 64  
ASP OD2  O  N N 65  
ASP OXT  O  N N 66  
ASP H    H  N N 67  
ASP H2   H  N N 68  
ASP HA   H  N N 69  
ASP HB2  H  N N 70  
ASP HB3  H  N N 71  
ASP HD2  H  N N 72  
ASP HXT  H  N N 73  
CYS N    N  N N 74  
CYS CA   C  N R 75  
CYS C    C  N N 76  
CYS O    O  N N 77  
CYS CB   C  N N 78  
CYS SG   S  N N 79  
CYS OXT  O  N N 80  
CYS H    H  N N 81  
CYS H2   H  N N 82  
CYS HA   H  N N 83  
CYS HB2  H  N N 84  
CYS HB3  H  N N 85  
CYS HG   H  N N 86  
CYS HXT  H  N N 87  
DUY C1   C  N N 88  
DUY C2   C  N S 89  
DUY C3   C  N N 90  
DUY O4   O  N N 91  
DUY C5   C  N N 92  
DUY C6   C  N N 93  
DUY O6   O  N N 94  
DUY C7   C  N N 95  
DUY C8   C  N N 96  
DUY C9   C  N N 97  
DUY C10  C  N N 98  
DUY C15  C  N S 99  
DUY C16  C  N N 100 
DUY C17  C  N N 101 
DUY C18  C  N N 102 
DUY C19  C  N N 103 
DUY C20  C  N N 104 
DUY C21  C  N N 105 
DUY OH   O  N N 106 
DUY N    N  N N 107 
DUY O    O  N N 108 
DUY C    C  N N 109 
DUY O3   O  N N 110 
DUY N2   N  N N 111 
DUY CE1  C  N N 112 
DUY CD1  C  N N 113 
DUY CG   C  N N 114 
DUY CB   C  N N 115 
DUY N3   N  N N 116 
DUY O5   O  N N 117 
DUY CD2  C  Y N 118 
DUY CE2  C  Y N 119 
DUY C24  C  Y N 120 
DUY C25  C  Y N 121 
DUY BR1  BR N N 122 
DUY C26  C  Y N 123 
DUY C27  C  Y N 124 
DUY C28  C  N N 125 
DUY C29  C  N N 126 
DUY H1   H  N N 127 
DUY H2   H  N N 128 
DUY H3   H  N N 129 
DUY H4   H  N N 130 
DUY H5   H  N N 131 
DUY H6   H  N N 132 
DUY H7   H  N N 133 
DUY H8   H  N N 134 
DUY H9   H  N N 135 
DUY H10  H  N N 136 
DUY H11  H  N N 137 
DUY H12  H  N N 138 
DUY H13  H  N N 139 
DUY H14  H  N N 140 
DUY H15  H  N N 141 
DUY H16  H  N N 142 
DUY H17  H  N N 143 
DUY H18  H  N N 144 
DUY H19  H  N N 145 
DUY H20  H  N N 146 
DUY H21  H  N N 147 
DUY H22  H  N N 148 
DUY H23  H  N N 149 
DUY H24  H  N N 150 
DUY H25  H  N N 151 
DUY H26  H  N N 152 
DUY H27  H  N N 153 
DUY H28  H  N N 154 
DUY H29  H  N N 155 
DUY H30  H  N N 156 
DUY H31  H  N N 157 
DUY H32  H  N N 158 
DUY H33  H  N N 159 
DUY H34  H  N N 160 
DUY H35  H  N N 161 
DUY H36  H  N N 162 
DUY H37  H  N N 163 
DUY H38  H  N N 164 
DUY H39  H  N N 165 
DUY H40  H  N N 166 
GLN N    N  N N 167 
GLN CA   C  N S 168 
GLN C    C  N N 169 
GLN O    O  N N 170 
GLN CB   C  N N 171 
GLN CG   C  N N 172 
GLN CD   C  N N 173 
GLN OE1  O  N N 174 
GLN NE2  N  N N 175 
GLN OXT  O  N N 176 
GLN H    H  N N 177 
GLN H2   H  N N 178 
GLN HA   H  N N 179 
GLN HB2  H  N N 180 
GLN HB3  H  N N 181 
GLN HG2  H  N N 182 
GLN HG3  H  N N 183 
GLN HE21 H  N N 184 
GLN HE22 H  N N 185 
GLN HXT  H  N N 186 
GLU N    N  N N 187 
GLU CA   C  N S 188 
GLU C    C  N N 189 
GLU O    O  N N 190 
GLU CB   C  N N 191 
GLU CG   C  N N 192 
GLU CD   C  N N 193 
GLU OE1  O  N N 194 
GLU OE2  O  N N 195 
GLU OXT  O  N N 196 
GLU H    H  N N 197 
GLU H2   H  N N 198 
GLU HA   H  N N 199 
GLU HB2  H  N N 200 
GLU HB3  H  N N 201 
GLU HG2  H  N N 202 
GLU HG3  H  N N 203 
GLU HE2  H  N N 204 
GLU HXT  H  N N 205 
GLY N    N  N N 206 
GLY CA   C  N N 207 
GLY C    C  N N 208 
GLY O    O  N N 209 
GLY OXT  O  N N 210 
GLY H    H  N N 211 
GLY H2   H  N N 212 
GLY HA2  H  N N 213 
GLY HA3  H  N N 214 
GLY HXT  H  N N 215 
HIS N    N  N N 216 
HIS CA   C  N S 217 
HIS C    C  N N 218 
HIS O    O  N N 219 
HIS CB   C  N N 220 
HIS CG   C  Y N 221 
HIS ND1  N  Y N 222 
HIS CD2  C  Y N 223 
HIS CE1  C  Y N 224 
HIS NE2  N  Y N 225 
HIS OXT  O  N N 226 
HIS H    H  N N 227 
HIS H2   H  N N 228 
HIS HA   H  N N 229 
HIS HB2  H  N N 230 
HIS HB3  H  N N 231 
HIS HD1  H  N N 232 
HIS HD2  H  N N 233 
HIS HE1  H  N N 234 
HIS HE2  H  N N 235 
HIS HXT  H  N N 236 
HOH O    O  N N 237 
HOH H1   H  N N 238 
HOH H2   H  N N 239 
ILE N    N  N N 240 
ILE CA   C  N S 241 
ILE C    C  N N 242 
ILE O    O  N N 243 
ILE CB   C  N S 244 
ILE CG1  C  N N 245 
ILE CG2  C  N N 246 
ILE CD1  C  N N 247 
ILE OXT  O  N N 248 
ILE H    H  N N 249 
ILE H2   H  N N 250 
ILE HA   H  N N 251 
ILE HB   H  N N 252 
ILE HG12 H  N N 253 
ILE HG13 H  N N 254 
ILE HG21 H  N N 255 
ILE HG22 H  N N 256 
ILE HG23 H  N N 257 
ILE HD11 H  N N 258 
ILE HD12 H  N N 259 
ILE HD13 H  N N 260 
ILE HXT  H  N N 261 
LEU N    N  N N 262 
LEU CA   C  N S 263 
LEU C    C  N N 264 
LEU O    O  N N 265 
LEU CB   C  N N 266 
LEU CG   C  N N 267 
LEU CD1  C  N N 268 
LEU CD2  C  N N 269 
LEU OXT  O  N N 270 
LEU H    H  N N 271 
LEU H2   H  N N 272 
LEU HA   H  N N 273 
LEU HB2  H  N N 274 
LEU HB3  H  N N 275 
LEU HG   H  N N 276 
LEU HD11 H  N N 277 
LEU HD12 H  N N 278 
LEU HD13 H  N N 279 
LEU HD21 H  N N 280 
LEU HD22 H  N N 281 
LEU HD23 H  N N 282 
LEU HXT  H  N N 283 
LYS N    N  N N 284 
LYS CA   C  N S 285 
LYS C    C  N N 286 
LYS O    O  N N 287 
LYS CB   C  N N 288 
LYS CG   C  N N 289 
LYS CD   C  N N 290 
LYS CE   C  N N 291 
LYS NZ   N  N N 292 
LYS OXT  O  N N 293 
LYS H    H  N N 294 
LYS H2   H  N N 295 
LYS HA   H  N N 296 
LYS HB2  H  N N 297 
LYS HB3  H  N N 298 
LYS HG2  H  N N 299 
LYS HG3  H  N N 300 
LYS HD2  H  N N 301 
LYS HD3  H  N N 302 
LYS HE2  H  N N 303 
LYS HE3  H  N N 304 
LYS HZ1  H  N N 305 
LYS HZ2  H  N N 306 
LYS HZ3  H  N N 307 
LYS HXT  H  N N 308 
MET N    N  N N 309 
MET CA   C  N S 310 
MET C    C  N N 311 
MET O    O  N N 312 
MET CB   C  N N 313 
MET CG   C  N N 314 
MET SD   S  N N 315 
MET CE   C  N N 316 
MET OXT  O  N N 317 
MET H    H  N N 318 
MET H2   H  N N 319 
MET HA   H  N N 320 
MET HB2  H  N N 321 
MET HB3  H  N N 322 
MET HG2  H  N N 323 
MET HG3  H  N N 324 
MET HE1  H  N N 325 
MET HE2  H  N N 326 
MET HE3  H  N N 327 
MET HXT  H  N N 328 
PHE N    N  N N 329 
PHE CA   C  N S 330 
PHE C    C  N N 331 
PHE O    O  N N 332 
PHE CB   C  N N 333 
PHE CG   C  Y N 334 
PHE CD1  C  Y N 335 
PHE CD2  C  Y N 336 
PHE CE1  C  Y N 337 
PHE CE2  C  Y N 338 
PHE CZ   C  Y N 339 
PHE OXT  O  N N 340 
PHE H    H  N N 341 
PHE H2   H  N N 342 
PHE HA   H  N N 343 
PHE HB2  H  N N 344 
PHE HB3  H  N N 345 
PHE HD1  H  N N 346 
PHE HD2  H  N N 347 
PHE HE1  H  N N 348 
PHE HE2  H  N N 349 
PHE HZ   H  N N 350 
PHE HXT  H  N N 351 
PRO N    N  N N 352 
PRO CA   C  N S 353 
PRO C    C  N N 354 
PRO O    O  N N 355 
PRO CB   C  N N 356 
PRO CG   C  N N 357 
PRO CD   C  N N 358 
PRO OXT  O  N N 359 
PRO H    H  N N 360 
PRO HA   H  N N 361 
PRO HB2  H  N N 362 
PRO HB3  H  N N 363 
PRO HG2  H  N N 364 
PRO HG3  H  N N 365 
PRO HD2  H  N N 366 
PRO HD3  H  N N 367 
PRO HXT  H  N N 368 
SER N    N  N N 369 
SER CA   C  N S 370 
SER C    C  N N 371 
SER O    O  N N 372 
SER CB   C  N N 373 
SER OG   O  N N 374 
SER OXT  O  N N 375 
SER H    H  N N 376 
SER H2   H  N N 377 
SER HA   H  N N 378 
SER HB2  H  N N 379 
SER HB3  H  N N 380 
SER HG   H  N N 381 
SER HXT  H  N N 382 
THR N    N  N N 383 
THR CA   C  N S 384 
THR C    C  N N 385 
THR O    O  N N 386 
THR CB   C  N R 387 
THR OG1  O  N N 388 
THR CG2  C  N N 389 
THR OXT  O  N N 390 
THR H    H  N N 391 
THR H2   H  N N 392 
THR HA   H  N N 393 
THR HB   H  N N 394 
THR HG1  H  N N 395 
THR HG21 H  N N 396 
THR HG22 H  N N 397 
THR HG23 H  N N 398 
THR HXT  H  N N 399 
TYR N    N  N N 400 
TYR CA   C  N S 401 
TYR C    C  N N 402 
TYR O    O  N N 403 
TYR CB   C  N N 404 
TYR CG   C  Y N 405 
TYR CD1  C  Y N 406 
TYR CD2  C  Y N 407 
TYR CE1  C  Y N 408 
TYR CE2  C  Y N 409 
TYR CZ   C  Y N 410 
TYR OH   O  N N 411 
TYR OXT  O  N N 412 
TYR H    H  N N 413 
TYR H2   H  N N 414 
TYR HA   H  N N 415 
TYR HB2  H  N N 416 
TYR HB3  H  N N 417 
TYR HD1  H  N N 418 
TYR HD2  H  N N 419 
TYR HE1  H  N N 420 
TYR HE2  H  N N 421 
TYR HH   H  N N 422 
TYR HXT  H  N N 423 
VAL N    N  N N 424 
VAL CA   C  N S 425 
VAL C    C  N N 426 
VAL O    O  N N 427 
VAL CB   C  N N 428 
VAL CG1  C  N N 429 
VAL CG2  C  N N 430 
VAL OXT  O  N N 431 
VAL H    H  N N 432 
VAL H2   H  N N 433 
VAL HA   H  N N 434 
VAL HB   H  N N 435 
VAL HG11 H  N N 436 
VAL HG12 H  N N 437 
VAL HG13 H  N N 438 
VAL HG21 H  N N 439 
VAL HG22 H  N N 440 
VAL HG23 H  N N 441 
VAL HXT  H  N N 442 
# 
loop_
_chem_comp_bond.comp_id 
_chem_comp_bond.atom_id_1 
_chem_comp_bond.atom_id_2 
_chem_comp_bond.value_order 
_chem_comp_bond.pdbx_aromatic_flag 
_chem_comp_bond.pdbx_stereo_config 
_chem_comp_bond.pdbx_ordinal 
ALA N   CA   sing N N 1   
ALA N   H    sing N N 2   
ALA N   H2   sing N N 3   
ALA CA  C    sing N N 4   
ALA CA  CB   sing N N 5   
ALA CA  HA   sing N N 6   
ALA C   O    doub N N 7   
ALA C   OXT  sing N N 8   
ALA CB  HB1  sing N N 9   
ALA CB  HB2  sing N N 10  
ALA CB  HB3  sing N N 11  
ALA OXT HXT  sing N N 12  
ARG N   CA   sing N N 13  
ARG N   H    sing N N 14  
ARG N   H2   sing N N 15  
ARG CA  C    sing N N 16  
ARG CA  CB   sing N N 17  
ARG CA  HA   sing N N 18  
ARG C   O    doub N N 19  
ARG C   OXT  sing N N 20  
ARG CB  CG   sing N N 21  
ARG CB  HB2  sing N N 22  
ARG CB  HB3  sing N N 23  
ARG CG  CD   sing N N 24  
ARG CG  HG2  sing N N 25  
ARG CG  HG3  sing N N 26  
ARG CD  NE   sing N N 27  
ARG CD  HD2  sing N N 28  
ARG CD  HD3  sing N N 29  
ARG NE  CZ   sing N N 30  
ARG NE  HE   sing N N 31  
ARG CZ  NH1  sing N N 32  
ARG CZ  NH2  doub N N 33  
ARG NH1 HH11 sing N N 34  
ARG NH1 HH12 sing N N 35  
ARG NH2 HH21 sing N N 36  
ARG NH2 HH22 sing N N 37  
ARG OXT HXT  sing N N 38  
ASN N   CA   sing N N 39  
ASN N   H    sing N N 40  
ASN N   H2   sing N N 41  
ASN CA  C    sing N N 42  
ASN CA  CB   sing N N 43  
ASN CA  HA   sing N N 44  
ASN C   O    doub N N 45  
ASN C   OXT  sing N N 46  
ASN CB  CG   sing N N 47  
ASN CB  HB2  sing N N 48  
ASN CB  HB3  sing N N 49  
ASN CG  OD1  doub N N 50  
ASN CG  ND2  sing N N 51  
ASN ND2 HD21 sing N N 52  
ASN ND2 HD22 sing N N 53  
ASN OXT HXT  sing N N 54  
ASP N   CA   sing N N 55  
ASP N   H    sing N N 56  
ASP N   H2   sing N N 57  
ASP CA  C    sing N N 58  
ASP CA  CB   sing N N 59  
ASP CA  HA   sing N N 60  
ASP C   O    doub N N 61  
ASP C   OXT  sing N N 62  
ASP CB  CG   sing N N 63  
ASP CB  HB2  sing N N 64  
ASP CB  HB3  sing N N 65  
ASP CG  OD1  doub N N 66  
ASP CG  OD2  sing N N 67  
ASP OD2 HD2  sing N N 68  
ASP OXT HXT  sing N N 69  
CYS N   CA   sing N N 70  
CYS N   H    sing N N 71  
CYS N   H2   sing N N 72  
CYS CA  C    sing N N 73  
CYS CA  CB   sing N N 74  
CYS CA  HA   sing N N 75  
CYS C   O    doub N N 76  
CYS C   OXT  sing N N 77  
CYS CB  SG   sing N N 78  
CYS CB  HB2  sing N N 79  
CYS CB  HB3  sing N N 80  
CYS SG  HG   sing N N 81  
CYS OXT HXT  sing N N 82  
DUY C8  C9   sing N N 83  
DUY C8  N    sing N N 84  
DUY O3  C3   doub N N 85  
DUY C9  C10  sing N N 86  
DUY N   C3   sing N N 87  
DUY N   C2   sing N N 88  
DUY C3  O    sing N N 89  
DUY C10 C2   sing N N 90  
DUY C7  C    sing N N 91  
DUY O   C    sing N N 92  
DUY C2  C1   sing N N 93  
DUY OH  C1   doub N N 94  
DUY C6  C    sing N N 95  
DUY C   C5   sing N N 96  
DUY C1  N2   sing N N 97  
DUY N2  CE1  sing N N 98  
DUY N2  C29  sing N N 99  
DUY CE1 CD1  sing N N 100 
DUY C29 C28  sing N N 101 
DUY O5  C21  doub N N 102 
DUY CD1 CG   sing N N 103 
DUY C28 CG   sing N N 104 
DUY C21 O4   sing N N 105 
DUY C21 C15  sing N N 106 
DUY CG  CB   sing N N 107 
DUY CG  CD2  sing N N 108 
DUY CB  O6   doub N N 109 
DUY CB  N3   sing N N 110 
DUY N3  C15  sing N N 111 
DUY C15 C16  sing N N 112 
DUY CD2 CE2  doub Y N 113 
DUY CD2 C27  sing Y N 114 
DUY CE2 C24  sing Y N 115 
DUY C27 C26  doub Y N 116 
DUY C16 C20  sing N N 117 
DUY C16 C17  sing N N 118 
DUY C20 C19  sing N N 119 
DUY C24 C25  doub Y N 120 
DUY C17 C18  sing N N 121 
DUY C26 C25  sing Y N 122 
DUY C19 C18  sing N N 123 
DUY C25 BR1  sing N N 124 
DUY C2  H1   sing N N 125 
DUY O4  H2   sing N N 126 
DUY C5  H3   sing N N 127 
DUY C5  H4   sing N N 128 
DUY C5  H5   sing N N 129 
DUY C6  H6   sing N N 130 
DUY C6  H7   sing N N 131 
DUY C6  H8   sing N N 132 
DUY C7  H9   sing N N 133 
DUY C7  H10  sing N N 134 
DUY C7  H11  sing N N 135 
DUY C8  H12  sing N N 136 
DUY C8  H13  sing N N 137 
DUY C9  H14  sing N N 138 
DUY C9  H15  sing N N 139 
DUY C10 H16  sing N N 140 
DUY C10 H17  sing N N 141 
DUY C15 H18  sing N N 142 
DUY C16 H19  sing N N 143 
DUY C17 H20  sing N N 144 
DUY C17 H21  sing N N 145 
DUY C18 H22  sing N N 146 
DUY C18 H23  sing N N 147 
DUY C19 H24  sing N N 148 
DUY C19 H25  sing N N 149 
DUY C20 H26  sing N N 150 
DUY C20 H27  sing N N 151 
DUY CE1 H28  sing N N 152 
DUY CE1 H29  sing N N 153 
DUY CD1 H30  sing N N 154 
DUY CD1 H31  sing N N 155 
DUY N3  H32  sing N N 156 
DUY CE2 H33  sing N N 157 
DUY C24 H34  sing N N 158 
DUY C26 H35  sing N N 159 
DUY C27 H36  sing N N 160 
DUY C28 H37  sing N N 161 
DUY C28 H38  sing N N 162 
DUY C29 H39  sing N N 163 
DUY C29 H40  sing N N 164 
GLN N   CA   sing N N 165 
GLN N   H    sing N N 166 
GLN N   H2   sing N N 167 
GLN CA  C    sing N N 168 
GLN CA  CB   sing N N 169 
GLN CA  HA   sing N N 170 
GLN C   O    doub N N 171 
GLN C   OXT  sing N N 172 
GLN CB  CG   sing N N 173 
GLN CB  HB2  sing N N 174 
GLN CB  HB3  sing N N 175 
GLN CG  CD   sing N N 176 
GLN CG  HG2  sing N N 177 
GLN CG  HG3  sing N N 178 
GLN CD  OE1  doub N N 179 
GLN CD  NE2  sing N N 180 
GLN NE2 HE21 sing N N 181 
GLN NE2 HE22 sing N N 182 
GLN OXT HXT  sing N N 183 
GLU N   CA   sing N N 184 
GLU N   H    sing N N 185 
GLU N   H2   sing N N 186 
GLU CA  C    sing N N 187 
GLU CA  CB   sing N N 188 
GLU CA  HA   sing N N 189 
GLU C   O    doub N N 190 
GLU C   OXT  sing N N 191 
GLU CB  CG   sing N N 192 
GLU CB  HB2  sing N N 193 
GLU CB  HB3  sing N N 194 
GLU CG  CD   sing N N 195 
GLU CG  HG2  sing N N 196 
GLU CG  HG3  sing N N 197 
GLU CD  OE1  doub N N 198 
GLU CD  OE2  sing N N 199 
GLU OE2 HE2  sing N N 200 
GLU OXT HXT  sing N N 201 
GLY N   CA   sing N N 202 
GLY N   H    sing N N 203 
GLY N   H2   sing N N 204 
GLY CA  C    sing N N 205 
GLY CA  HA2  sing N N 206 
GLY CA  HA3  sing N N 207 
GLY C   O    doub N N 208 
GLY C   OXT  sing N N 209 
GLY OXT HXT  sing N N 210 
HIS N   CA   sing N N 211 
HIS N   H    sing N N 212 
HIS N   H2   sing N N 213 
HIS CA  C    sing N N 214 
HIS CA  CB   sing N N 215 
HIS CA  HA   sing N N 216 
HIS C   O    doub N N 217 
HIS C   OXT  sing N N 218 
HIS CB  CG   sing N N 219 
HIS CB  HB2  sing N N 220 
HIS CB  HB3  sing N N 221 
HIS CG  ND1  sing Y N 222 
HIS CG  CD2  doub Y N 223 
HIS ND1 CE1  doub Y N 224 
HIS ND1 HD1  sing N N 225 
HIS CD2 NE2  sing Y N 226 
HIS CD2 HD2  sing N N 227 
HIS CE1 NE2  sing Y N 228 
HIS CE1 HE1  sing N N 229 
HIS NE2 HE2  sing N N 230 
HIS OXT HXT  sing N N 231 
HOH O   H1   sing N N 232 
HOH O   H2   sing N N 233 
ILE N   CA   sing N N 234 
ILE N   H    sing N N 235 
ILE N   H2   sing N N 236 
ILE CA  C    sing N N 237 
ILE CA  CB   sing N N 238 
ILE CA  HA   sing N N 239 
ILE C   O    doub N N 240 
ILE C   OXT  sing N N 241 
ILE CB  CG1  sing N N 242 
ILE CB  CG2  sing N N 243 
ILE CB  HB   sing N N 244 
ILE CG1 CD1  sing N N 245 
ILE CG1 HG12 sing N N 246 
ILE CG1 HG13 sing N N 247 
ILE CG2 HG21 sing N N 248 
ILE CG2 HG22 sing N N 249 
ILE CG2 HG23 sing N N 250 
ILE CD1 HD11 sing N N 251 
ILE CD1 HD12 sing N N 252 
ILE CD1 HD13 sing N N 253 
ILE OXT HXT  sing N N 254 
LEU N   CA   sing N N 255 
LEU N   H    sing N N 256 
LEU N   H2   sing N N 257 
LEU CA  C    sing N N 258 
LEU CA  CB   sing N N 259 
LEU CA  HA   sing N N 260 
LEU C   O    doub N N 261 
LEU C   OXT  sing N N 262 
LEU CB  CG   sing N N 263 
LEU CB  HB2  sing N N 264 
LEU CB  HB3  sing N N 265 
LEU CG  CD1  sing N N 266 
LEU CG  CD2  sing N N 267 
LEU CG  HG   sing N N 268 
LEU CD1 HD11 sing N N 269 
LEU CD1 HD12 sing N N 270 
LEU CD1 HD13 sing N N 271 
LEU CD2 HD21 sing N N 272 
LEU CD2 HD22 sing N N 273 
LEU CD2 HD23 sing N N 274 
LEU OXT HXT  sing N N 275 
LYS N   CA   sing N N 276 
LYS N   H    sing N N 277 
LYS N   H2   sing N N 278 
LYS CA  C    sing N N 279 
LYS CA  CB   sing N N 280 
LYS CA  HA   sing N N 281 
LYS C   O    doub N N 282 
LYS C   OXT  sing N N 283 
LYS CB  CG   sing N N 284 
LYS CB  HB2  sing N N 285 
LYS CB  HB3  sing N N 286 
LYS CG  CD   sing N N 287 
LYS CG  HG2  sing N N 288 
LYS CG  HG3  sing N N 289 
LYS CD  CE   sing N N 290 
LYS CD  HD2  sing N N 291 
LYS CD  HD3  sing N N 292 
LYS CE  NZ   sing N N 293 
LYS CE  HE2  sing N N 294 
LYS CE  HE3  sing N N 295 
LYS NZ  HZ1  sing N N 296 
LYS NZ  HZ2  sing N N 297 
LYS NZ  HZ3  sing N N 298 
LYS OXT HXT  sing N N 299 
MET N   CA   sing N N 300 
MET N   H    sing N N 301 
MET N   H2   sing N N 302 
MET CA  C    sing N N 303 
MET CA  CB   sing N N 304 
MET CA  HA   sing N N 305 
MET C   O    doub N N 306 
MET C   OXT  sing N N 307 
MET CB  CG   sing N N 308 
MET CB  HB2  sing N N 309 
MET CB  HB3  sing N N 310 
MET CG  SD   sing N N 311 
MET CG  HG2  sing N N 312 
MET CG  HG3  sing N N 313 
MET SD  CE   sing N N 314 
MET CE  HE1  sing N N 315 
MET CE  HE2  sing N N 316 
MET CE  HE3  sing N N 317 
MET OXT HXT  sing N N 318 
PHE N   CA   sing N N 319 
PHE N   H    sing N N 320 
PHE N   H2   sing N N 321 
PHE CA  C    sing N N 322 
PHE CA  CB   sing N N 323 
PHE CA  HA   sing N N 324 
PHE C   O    doub N N 325 
PHE C   OXT  sing N N 326 
PHE CB  CG   sing N N 327 
PHE CB  HB2  sing N N 328 
PHE CB  HB3  sing N N 329 
PHE CG  CD1  doub Y N 330 
PHE CG  CD2  sing Y N 331 
PHE CD1 CE1  sing Y N 332 
PHE CD1 HD1  sing N N 333 
PHE CD2 CE2  doub Y N 334 
PHE CD2 HD2  sing N N 335 
PHE CE1 CZ   doub Y N 336 
PHE CE1 HE1  sing N N 337 
PHE CE2 CZ   sing Y N 338 
PHE CE2 HE2  sing N N 339 
PHE CZ  HZ   sing N N 340 
PHE OXT HXT  sing N N 341 
PRO N   CA   sing N N 342 
PRO N   CD   sing N N 343 
PRO N   H    sing N N 344 
PRO CA  C    sing N N 345 
PRO CA  CB   sing N N 346 
PRO CA  HA   sing N N 347 
PRO C   O    doub N N 348 
PRO C   OXT  sing N N 349 
PRO CB  CG   sing N N 350 
PRO CB  HB2  sing N N 351 
PRO CB  HB3  sing N N 352 
PRO CG  CD   sing N N 353 
PRO CG  HG2  sing N N 354 
PRO CG  HG3  sing N N 355 
PRO CD  HD2  sing N N 356 
PRO CD  HD3  sing N N 357 
PRO OXT HXT  sing N N 358 
SER N   CA   sing N N 359 
SER N   H    sing N N 360 
SER N   H2   sing N N 361 
SER CA  C    sing N N 362 
SER CA  CB   sing N N 363 
SER CA  HA   sing N N 364 
SER C   O    doub N N 365 
SER C   OXT  sing N N 366 
SER CB  OG   sing N N 367 
SER CB  HB2  sing N N 368 
SER CB  HB3  sing N N 369 
SER OG  HG   sing N N 370 
SER OXT HXT  sing N N 371 
THR N   CA   sing N N 372 
THR N   H    sing N N 373 
THR N   H2   sing N N 374 
THR CA  C    sing N N 375 
THR CA  CB   sing N N 376 
THR CA  HA   sing N N 377 
THR C   O    doub N N 378 
THR C   OXT  sing N N 379 
THR CB  OG1  sing N N 380 
THR CB  CG2  sing N N 381 
THR CB  HB   sing N N 382 
THR OG1 HG1  sing N N 383 
THR CG2 HG21 sing N N 384 
THR CG2 HG22 sing N N 385 
THR CG2 HG23 sing N N 386 
THR OXT HXT  sing N N 387 
TYR N   CA   sing N N 388 
TYR N   H    sing N N 389 
TYR N   H2   sing N N 390 
TYR CA  C    sing N N 391 
TYR CA  CB   sing N N 392 
TYR CA  HA   sing N N 393 
TYR C   O    doub N N 394 
TYR C   OXT  sing N N 395 
TYR CB  CG   sing N N 396 
TYR CB  HB2  sing N N 397 
TYR CB  HB3  sing N N 398 
TYR CG  CD1  doub Y N 399 
TYR CG  CD2  sing Y N 400 
TYR CD1 CE1  sing Y N 401 
TYR CD1 HD1  sing N N 402 
TYR CD2 CE2  doub Y N 403 
TYR CD2 HD2  sing N N 404 
TYR CE1 CZ   doub Y N 405 
TYR CE1 HE1  sing N N 406 
TYR CE2 CZ   sing Y N 407 
TYR CE2 HE2  sing N N 408 
TYR CZ  OH   sing N N 409 
TYR OH  HH   sing N N 410 
TYR OXT HXT  sing N N 411 
VAL N   CA   sing N N 412 
VAL N   H    sing N N 413 
VAL N   H2   sing N N 414 
VAL CA  C    sing N N 415 
VAL CA  CB   sing N N 416 
VAL CA  HA   sing N N 417 
VAL C   O    doub N N 418 
VAL C   OXT  sing N N 419 
VAL CB  CG1  sing N N 420 
VAL CB  CG2  sing N N 421 
VAL CB  HB   sing N N 422 
VAL CG1 HG11 sing N N 423 
VAL CG1 HG12 sing N N 424 
VAL CG1 HG13 sing N N 425 
VAL CG2 HG21 sing N N 426 
VAL CG2 HG22 sing N N 427 
VAL CG2 HG23 sing N N 428 
VAL OXT HXT  sing N N 429 
# 
_atom_sites.entry_id                    6BJO 
_atom_sites.fract_transf_matrix[1][1]   0.00333695 
_atom_sites.fract_transf_matrix[1][2]   -0.01699799 
_atom_sites.fract_transf_matrix[1][3]   0.01252969 
_atom_sites.fract_transf_matrix[2][1]   0.01984274 
_atom_sites.fract_transf_matrix[2][2]   -0.00741032 
_atom_sites.fract_transf_matrix[2][3]   0.00290075 
_atom_sites.fract_transf_matrix[3][1]   0.00141253 
_atom_sites.fract_transf_matrix[3][2]   0.00775146 
_atom_sites.fract_transf_matrix[3][3]   0.01013957 
_atom_sites.fract_transf_vector[1]      -0.000398 
_atom_sites.fract_transf_vector[2]      0.500445 
_atom_sites.fract_transf_vector[3]      0.003404 
# 
loop_
_atom_type.symbol 
BR 
C  
N  
O  
S  
# 
loop_
_atom_site.group_PDB 
_atom_site.id 
_atom_site.type_symbol 
_atom_site.label_atom_id 
_atom_site.label_alt_id 
_atom_site.label_comp_id 
_atom_site.label_asym_id 
_atom_site.label_entity_id 
_atom_site.label_seq_id 
_atom_site.pdbx_PDB_ins_code 
_atom_site.Cartn_x 
_atom_site.Cartn_y 
_atom_site.Cartn_z 
_atom_site.occupancy 
_atom_site.B_iso_or_equiv 
_atom_site.pdbx_formal_charge 
_atom_site.auth_seq_id 
_atom_site.auth_comp_id 
_atom_site.auth_asym_id 
_atom_site.auth_atom_id 
_atom_site.pdbx_PDB_model_num 
ATOM   1    N  N   . VAL A 1 35  ? -7.867  -6.184  12.104  1.00 35.71  ? 19  VAL A N   1 
ATOM   2    C  CA  . VAL A 1 35  ? -7.913  -7.623  12.569  1.00 35.07  ? 19  VAL A CA  1 
ATOM   3    C  C   . VAL A 1 35  ? -6.455  -8.165  12.452  1.00 30.74  ? 19  VAL A C   1 
ATOM   4    O  O   . VAL A 1 35  ? -5.891  -8.096  11.313  1.00 27.64  ? 19  VAL A O   1 
ATOM   5    C  CB  . VAL A 1 35  ? -8.878  -8.573  11.743  1.00 37.58  ? 19  VAL A CB  1 
ATOM   6    C  CG1 . VAL A 1 35  ? -10.367 -8.285  12.018  1.00 34.39  ? 19  VAL A CG1 1 
ATOM   7    C  CG2 . VAL A 1 35  ? -8.594  -8.626  10.266  1.00 37.92  ? 19  VAL A CG2 1 
ATOM   8    N  N   . PRO A 1 36  ? -5.880  -8.585  13.596  1.00 28.87  ? 20  PRO A N   1 
ATOM   9    C  CA  . PRO A 1 36  ? -4.506  -8.895  13.642  1.00 29.68  ? 20  PRO A CA  1 
ATOM   10   C  C   . PRO A 1 36  ? -4.249  -10.381 13.235  1.00 25.47  ? 20  PRO A C   1 
ATOM   11   O  O   . PRO A 1 36  ? -5.181  -11.361 13.419  1.00 24.54  ? 20  PRO A O   1 
ATOM   12   C  CB  . PRO A 1 36  ? -4.168  -8.587  15.101  1.00 29.10  ? 20  PRO A CB  1 
ATOM   13   C  CG  . PRO A 1 36  ? -5.379  -9.079  15.841  1.00 26.94  ? 20  PRO A CG  1 
ATOM   14   C  CD  . PRO A 1 36  ? -6.536  -8.912  14.908  1.00 32.40  ? 20  PRO A CD  1 
ATOM   15   N  N   . GLY A 1 37  ? -2.988  -10.625 12.843  1.00 20.92  ? 21  GLY A N   1 
ATOM   16   C  CA  . GLY A 1 37  ? -2.612  -11.913 12.372  1.00 19.54  ? 21  GLY A CA  1 
ATOM   17   C  C   . GLY A 1 37  ? -1.135  -12.132 12.353  1.00 16.91  ? 21  GLY A C   1 
ATOM   18   O  O   . GLY A 1 37  ? -0.381  -11.188 12.548  1.00 14.61  ? 21  GLY A O   1 
ATOM   19   N  N   . LYS A 1 38  ? -0.749  -13.347 12.059  1.00 22.10  ? 22  LYS A N   1 
ATOM   20   C  CA  . LYS A 1 38  ? 0.678   -13.687 11.854  1.00 22.63  ? 22  LYS A CA  1 
ATOM   21   C  C   . LYS A 1 38  ? 0.715   -14.919 10.973  1.00 17.75  ? 22  LYS A C   1 
ATOM   22   O  O   . LYS A 1 38  ? -0.246  -15.787 10.888  1.00 18.82  ? 22  LYS A O   1 
ATOM   23   C  CB  . LYS A 1 38  ? 1.536   -13.751 13.126  1.00 30.65  ? 22  LYS A CB  1 
ATOM   24   C  CG  . LYS A 1 38  ? 1.051   -14.805 14.098  1.00 31.01  ? 22  LYS A CG  1 
ATOM   25   C  CD  . LYS A 1 38  ? 1.400   -14.645 15.588  1.00 35.39  ? 22  LYS A CD  1 
ATOM   26   C  CE  . LYS A 1 38  ? 0.656   -15.785 16.287  1.00 30.80  ? 22  LYS A CE  1 
ATOM   27   N  NZ  . LYS A 1 38  ? 1.481   -17.118 16.269  1.00 28.93  ? 22  LYS A NZ  1 
ATOM   28   N  N   . VAL A 1 39  ? 1.655   -14.919 10.043  1.00 19.13  ? 23  VAL A N   1 
ATOM   29   C  CA  . VAL A 1 39  ? 1.936   -16.052 9.167   1.00 19.03  ? 23  VAL A CA  1 
ATOM   30   C  C   . VAL A 1 39  ? 3.391   -16.334 9.137   1.00 20.90  ? 23  VAL A C   1 
ATOM   31   O  O   . VAL A 1 39  ? 4.157   -15.375 9.090   1.00 15.54  ? 23  VAL A O   1 
ATOM   32   C  CB  . VAL A 1 39  ? 1.395   -15.812 7.770   1.00 20.33  ? 23  VAL A CB  1 
ATOM   33   C  CG1 . VAL A 1 39  ? 1.917   -14.547 7.068   1.00 17.94  ? 23  VAL A CG1 1 
ATOM   34   C  CG2 . VAL A 1 39  ? 1.711   -16.932 6.762   1.00 20.11  ? 23  VAL A CG2 1 
ATOM   35   N  N   . THR A 1 40  ? 3.743   -17.652 9.111   1.00 16.26  ? 24  THR A N   1 
ATOM   36   C  CA  . THR A 1 40  ? 5.179   -18.013 8.961   1.00 20.40  ? 24  THR A CA  1 
ATOM   37   C  C   . THR A 1 40  ? 5.406   -18.530 7.525   1.00 15.33  ? 24  THR A C   1 
ATOM   38   O  O   . THR A 1 40  ? 4.543   -19.392 6.935   1.00 17.25  ? 24  THR A O   1 
ATOM   39   C  CB  . THR A 1 40  ? 5.481   -19.166 9.905   1.00 24.87  ? 24  THR A CB  1 
ATOM   40   O  OG1 . THR A 1 40  ? 5.204   -18.675 11.254  1.00 18.63  ? 24  THR A OG1 1 
ATOM   41   C  CG2 . THR A 1 40  ? 6.909   -19.746 9.756   1.00 24.62  ? 24  THR A CG2 1 
ATOM   42   N  N   . LEU A 1 41  ? 6.234   -17.835 6.824   1.00 15.37  ? 25  LEU A N   1 
ATOM   43   C  CA  . LEU A 1 41  ? 6.517   -18.021 5.411   1.00 16.85  ? 25  LEU A CA  1 
ATOM   44   C  C   . LEU A 1 41  ? 7.972   -18.601 5.166   1.00 22.23  ? 25  LEU A C   1 
ATOM   45   O  O   . LEU A 1 41  ? 8.862   -18.144 5.766   1.00 18.02  ? 25  LEU A O   1 
ATOM   46   C  CB  . LEU A 1 41  ? 6.386   -16.638 4.753   1.00 17.63  ? 25  LEU A CB  1 
ATOM   47   C  CG  . LEU A 1 41  ? 4.944   -16.214 4.582   1.00 17.08  ? 25  LEU A CG  1 
ATOM   48   C  CD1 . LEU A 1 41  ? 4.992   -14.715 4.298   1.00 17.07  ? 25  LEU A CD1 1 
ATOM   49   C  CD2 . LEU A 1 41  ? 3.941   -17.102 3.803   1.00 17.98  ? 25  LEU A CD2 1 
ATOM   50   N  N   . GLN A 1 42  ? 8.040   -19.669 4.385   1.00 23.49  ? 26  GLN A N   1 
ATOM   51   C  CA  . GLN A 1 42  ? 9.369   -20.297 4.097   1.00 21.56  ? 26  GLN A CA  1 
ATOM   52   C  C   . GLN A 1 42  ? 10.105  -19.365 3.054   1.00 19.87  ? 26  GLN A C   1 
ATOM   53   O  O   . GLN A 1 42  ? 9.451   -18.858 2.151   1.00 27.50  ? 26  GLN A O   1 
ATOM   54   C  CB  . GLN A 1 42  ? 9.087   -21.694 3.571   1.00 22.90  ? 26  GLN A CB  1 
ATOM   55   C  CG  . GLN A 1 42  ? 8.438   -22.656 4.517   1.00 27.15  ? 26  GLN A CG  1 
ATOM   56   C  CD  . GLN A 1 42  ? 9.107   -22.779 5.808   1.00 32.06  ? 26  GLN A CD  1 
ATOM   57   O  OE1 . GLN A 1 42  ? 10.347  -23.159 5.870   1.00 28.17  ? 26  GLN A OE1 1 
ATOM   58   N  NE2 . GLN A 1 42  ? 8.366   -22.617 6.853   1.00 32.03  ? 26  GLN A NE2 1 
ATOM   59   N  N   . LYS A 1 43  ? 11.396  -19.052 3.280   1.00 17.21  ? 27  LYS A N   1 
ATOM   60   C  CA  . LYS A 1 43  ? 12.144  -18.333 2.317   1.00 16.17  ? 27  LYS A CA  1 
ATOM   61   C  C   . LYS A 1 43  ? 12.298  -19.195 1.079   1.00 18.30  ? 27  LYS A C   1 
ATOM   62   O  O   . LYS A 1 43  ? 12.759  -20.410 1.171   1.00 18.32  ? 27  LYS A O   1 
ATOM   63   C  CB  . LYS A 1 43  ? 13.565  -17.943 2.804   1.00 15.33  ? 27  LYS A CB  1 
ATOM   64   C  CG  . LYS A 1 43  ? 13.642  -17.032 3.988   1.00 13.30  ? 27  LYS A CG  1 
ATOM   65   C  CD  . LYS A 1 43  ? 13.086  -15.663 3.492   1.00 12.66  ? 27  LYS A CD  1 
ATOM   66   C  CE  . LYS A 1 43  ? 13.269  -14.616 4.514   1.00 13.48  ? 27  LYS A CE  1 
ATOM   67   N  NZ  . LYS A 1 43  ? 14.579  -13.882 4.373   1.00 13.47  ? 27  LYS A NZ  1 
ATOM   68   N  N   . ASP A 1 44  ? 12.301  -18.579 -0.096  1.00 20.77  ? 28  ASP A N   1 
ATOM   69   C  CA  . ASP A 1 44  ? 12.786  -19.379 -1.290  1.00 20.10  ? 28  ASP A CA  1 
ATOM   70   C  C   . ASP A 1 44  ? 14.321  -19.548 -1.354  1.00 18.86  ? 28  ASP A C   1 
ATOM   71   O  O   . ASP A 1 44  ? 15.124  -19.154 -0.444  1.00 18.06  ? 28  ASP A O   1 
ATOM   72   C  CB  . ASP A 1 44  ? 12.116  -18.806 -2.555  1.00 23.51  ? 28  ASP A CB  1 
ATOM   73   C  CG  . ASP A 1 44  ? 12.677  -17.420 -2.935  1.00 28.97  ? 28  ASP A CG  1 
ATOM   74   O  OD1 . ASP A 1 44  ? 13.830  -17.045 -2.503  1.00 32.12  ? 28  ASP A OD1 1 
ATOM   75   O  OD2 . ASP A 1 44  ? 11.859  -16.740 -3.510  1.00 34.78  ? 28  ASP A OD2 1 
ATOM   76   N  N   . ALA A 1 45  ? 14.754  -20.055 -2.479  1.00 30.79  ? 29  ALA A N   1 
ATOM   77   C  CA  . ALA A 1 45  ? 16.166  -20.208 -2.848  1.00 26.52  ? 29  ALA A CA  1 
ATOM   78   C  C   . ALA A 1 45  ? 17.014  -18.983 -2.916  1.00 25.02  ? 29  ALA A C   1 
ATOM   79   O  O   . ALA A 1 45  ? 18.235  -19.061 -2.762  1.00 25.97  ? 29  ALA A O   1 
ATOM   80   C  CB  . ALA A 1 45  ? 16.249  -20.867 -4.262  1.00 20.68  ? 29  ALA A CB  1 
ATOM   81   N  N   . GLN A 1 46  ? 16.390  -17.833 -3.189  1.00 26.99  ? 30  GLN A N   1 
ATOM   82   C  CA  . GLN A 1 46  ? 17.083  -16.553 -3.061  1.00 26.50  ? 30  GLN A CA  1 
ATOM   83   C  C   . GLN A 1 46  ? 16.849  -15.845 -1.720  1.00 21.10  ? 30  GLN A C   1 
ATOM   84   O  O   . GLN A 1 46  ? 17.117  -14.684 -1.620  1.00 27.79  ? 30  GLN A O   1 
ATOM   85   C  CB  . GLN A 1 46  ? 16.813  -15.610 -4.265  1.00 34.69  ? 30  GLN A CB  1 
ATOM   86   C  CG  . GLN A 1 46  ? 17.255  -16.113 -5.632  1.00 35.09  ? 30  GLN A CG  1 
ATOM   87   C  CD  . GLN A 1 46  ? 16.311  -17.151 -6.225  1.00 34.85  ? 30  GLN A CD  1 
ATOM   88   O  OE1 . GLN A 1 46  ? 16.679  -18.306 -6.404  1.00 36.33  ? 30  GLN A OE1 1 
ATOM   89   N  NE2 . GLN A 1 46  ? 15.047  -16.806 -6.321  1.00 35.77  ? 30  GLN A NE2 1 
ATOM   90   N  N   . ASN A 1 47  ? 16.426  -16.571 -0.701  1.00 21.52  ? 31  ASN A N   1 
ATOM   91   C  CA  . ASN A 1 47  ? 16.146  -15.981 0.609   1.00 18.96  ? 31  ASN A CA  1 
ATOM   92   C  C   . ASN A 1 47  ? 15.080  -14.852 0.496   1.00 20.18  ? 31  ASN A C   1 
ATOM   93   O  O   . ASN A 1 47  ? 15.160  -13.782 1.105   1.00 25.95  ? 31  ASN A O   1 
ATOM   94   C  CB  . ASN A 1 47  ? 17.422  -15.395 1.231   1.00 19.49  ? 31  ASN A CB  1 
ATOM   95   C  CG  . ASN A 1 47  ? 17.309  -15.053 2.671   1.00 17.10  ? 31  ASN A CG  1 
ATOM   96   O  OD1 . ASN A 1 47  ? 16.540  -15.684 3.405   1.00 21.35  ? 31  ASN A OD1 1 
ATOM   97   N  ND2 . ASN A 1 47  ? 17.948  -13.957 3.065   1.00 18.25  ? 31  ASN A ND2 1 
ATOM   98   N  N   . LEU A 1 48  ? 14.035  -15.124 -0.201  1.00 17.69  ? 32  LEU A N   1 
ATOM   99   C  CA  . LEU A 1 48  ? 13.003  -14.132 -0.441  1.00 19.38  ? 32  LEU A CA  1 
ATOM   100  C  C   . LEU A 1 48  ? 11.706  -14.725 0.027   1.00 15.99  ? 32  LEU A C   1 
ATOM   101  O  O   . LEU A 1 48  ? 11.523  -15.926 -0.271  1.00 16.50  ? 32  LEU A O   1 
ATOM   102  C  CB  . LEU A 1 48  ? 12.764  -13.748 -1.982  1.00 20.29  ? 32  LEU A CB  1 
ATOM   103  C  CG  . LEU A 1 48  ? 13.943  -13.088 -2.680  1.00 25.52  ? 32  LEU A CG  1 
ATOM   104  C  CD1 . LEU A 1 48  ? 13.593  -12.318 -3.958  1.00 31.77  ? 32  LEU A CD1 1 
ATOM   105  C  CD2 . LEU A 1 48  ? 14.526  -12.072 -1.751  1.00 24.62  ? 32  LEU A CD2 1 
ATOM   106  N  N   . ILE A 1 49  ? 10.809  -13.926 0.617   1.00 15.60  ? 33  ILE A N   1 
ATOM   107  C  CA  . ILE A 1 49  ? 9.406   -14.358 0.682   1.00 18.80  ? 33  ILE A CA  1 
ATOM   108  C  C   . ILE A 1 49  ? 8.513   -13.731 -0.312  1.00 18.08  ? 33  ILE A C   1 
ATOM   109  O  O   . ILE A 1 49  ? 7.470   -14.350 -0.579  1.00 20.91  ? 33  ILE A O   1 
ATOM   110  C  CB  . ILE A 1 49  ? 8.793   -13.987 2.092   1.00 18.51  ? 33  ILE A CB  1 
ATOM   111  C  CG1 . ILE A 1 49  ? 8.649   -12.426 2.396   1.00 21.33  ? 33  ILE A CG1 1 
ATOM   112  C  CG2 . ILE A 1 49  ? 9.470   -14.793 3.158   1.00 17.04  ? 33  ILE A CG2 1 
ATOM   113  C  CD1 . ILE A 1 49  ? 8.172   -12.065 3.802   1.00 22.78  ? 33  ILE A CD1 1 
ATOM   114  N  N   . GLY A 1 50  ? 8.970   -12.774 -1.121  1.00 17.93  ? 34  GLY A N   1 
ATOM   115  C  CA  . GLY A 1 50  ? 8.347   -12.288 -2.319  1.00 13.79  ? 34  GLY A CA  1 
ATOM   116  C  C   . GLY A 1 50  ? 7.485   -11.047 -2.098  1.00 15.32  ? 34  GLY A C   1 
ATOM   117  O  O   . GLY A 1 50  ? 6.316   -11.092 -2.559  1.00 15.79  ? 34  GLY A O   1 
ATOM   118  N  N   . ILE A 1 51  ? 7.919   -10.096 -1.300  1.00 12.29  ? 35  ILE A N   1 
ATOM   119  C  CA  . ILE A 1 51  ? 7.001   -8.937  -1.068  1.00 12.88  ? 35  ILE A CA  1 
ATOM   120  C  C   . ILE A 1 51  ? 7.827   -7.690  -1.166  1.00 13.99  ? 35  ILE A C   1 
ATOM   121  O  O   . ILE A 1 51  ? 9.012   -7.613  -0.868  1.00 17.56  ? 35  ILE A O   1 
ATOM   122  C  CB  . ILE A 1 51  ? 6.202   -8.942  0.289   1.00 15.36  ? 35  ILE A CB  1 
ATOM   123  C  CG1 . ILE A 1 51  ? 7.157   -8.785  1.493   1.00 15.27  ? 35  ILE A CG1 1 
ATOM   124  C  CG2 . ILE A 1 51  ? 5.225   -10.084 0.456   1.00 18.75  ? 35  ILE A CG2 1 
ATOM   125  C  CD1 . ILE A 1 51  ? 6.507   -8.718  2.939   1.00 19.46  ? 35  ILE A CD1 1 
ATOM   126  N  N   . SER A 1 52  ? 7.095   -6.603  -1.407  1.00 14.46  ? 36  SER A N   1 
ATOM   127  C  CA  . SER A 1 52  ? 7.652   -5.249  -1.458  1.00 16.96  ? 36  SER A CA  1 
ATOM   128  C  C   . SER A 1 52  ? 6.918   -4.377  -0.419  1.00 18.82  ? 36  SER A C   1 
ATOM   129  O  O   . SER A 1 52  ? 5.689   -4.412  -0.346  1.00 17.52  ? 36  SER A O   1 
ATOM   130  C  CB  . SER A 1 52  ? 7.501   -4.653  -2.858  1.00 20.38  ? 36  SER A CB  1 
ATOM   131  O  OG  . SER A 1 52  ? 8.559   -3.758  -3.148  1.00 27.41  ? 36  SER A OG  1 
ATOM   132  N  N   . ILE A 1 53  ? 7.658   -3.603  0.378   1.00 15.44  ? 37  ILE A N   1 
ATOM   133  C  CA  . ILE A 1 53  ? 7.059   -2.764  1.406   1.00 19.11  ? 37  ILE A CA  1 
ATOM   134  C  C   . ILE A 1 53  ? 7.016   -1.213  1.207   1.00 20.31  ? 37  ILE A C   1 
ATOM   135  O  O   . ILE A 1 53  ? 7.783   -0.700  0.289   1.00 26.03  ? 37  ILE A O   1 
ATOM   136  C  CB  . ILE A 1 53  ? 7.579   -3.098  2.717   1.00 17.76  ? 37  ILE A CB  1 
ATOM   137  C  CG1 . ILE A 1 53  ? 9.085   -2.694  2.835   1.00 18.61  ? 37  ILE A CG1 1 
ATOM   138  C  CG2 . ILE A 1 53  ? 7.373   -4.559  3.087   1.00 19.00  ? 37  ILE A CG2 1 
ATOM   139  C  CD1 . ILE A 1 53  ? 9.667   -3.015  4.155   1.00 19.35  ? 37  ILE A CD1 1 
ATOM   140  N  N   . GLY A 1 54  ? 6.141   -0.642  1.936   1.00 21.45  ? 38  GLY A N   1 
ATOM   141  C  CA  . GLY A 1 54  ? 5.662   0.744   1.830   1.00 24.45  ? 38  GLY A CA  1 
ATOM   142  C  C   . GLY A 1 54  ? 5.727   1.475   3.150   1.00 27.49  ? 38  GLY A C   1 
ATOM   143  O  O   . GLY A 1 54  ? 5.446   0.840   4.136   1.00 22.48  ? 38  GLY A O   1 
ATOM   144  N  N   . GLY A 1 55  ? 5.830   2.772   3.256   1.00 22.45  ? 39  GLY A N   1 
ATOM   145  C  CA  . GLY A 1 55  ? 5.704   3.334   4.526   1.00 23.25  ? 39  GLY A CA  1 
ATOM   146  C  C   . GLY A 1 55  ? 7.034   3.575   5.240   1.00 22.51  ? 39  GLY A C   1 
ATOM   147  O  O   . GLY A 1 55  ? 8.107   3.751   4.655   1.00 18.28  ? 39  GLY A O   1 
ATOM   148  N  N   . GLY A 1 56  ? 6.891   3.638   6.575   1.00 32.60  ? 40  GLY A N   1 
ATOM   149  C  CA  . GLY A 1 56  ? 7.993   3.941   7.460   1.00 31.96  ? 40  GLY A CA  1 
ATOM   150  C  C   . GLY A 1 56  ? 8.913   5.033   6.939   1.00 27.94  ? 40  GLY A C   1 
ATOM   151  O  O   . GLY A 1 56  ? 10.189  4.911   6.868   1.00 25.64  ? 40  GLY A O   1 
ATOM   152  N  N   . ALA A 1 57  ? 8.280   6.205   6.627   1.00 33.27  ? 41  ALA A N   1 
ATOM   153  C  CA  . ALA A 1 57  ? 8.993   7.495   6.521   1.00 39.00  ? 41  ALA A CA  1 
ATOM   154  C  C   . ALA A 1 57  ? 8.533   8.337   7.759   1.00 34.94  ? 41  ALA A C   1 
ATOM   155  O  O   . ALA A 1 57  ? 7.699   7.902   8.592   1.00 34.13  ? 41  ALA A O   1 
ATOM   156  C  CB  . ALA A 1 57  ? 8.723   8.265   5.227   1.00 36.90  ? 41  ALA A CB  1 
ATOM   157  N  N   . GLN A 1 58  ? 9.150   9.489   7.899   1.00 32.76  ? 42  GLN A N   1 
ATOM   158  C  CA  . GLN A 1 58  ? 8.657   10.463  8.876   1.00 37.11  ? 42  GLN A CA  1 
ATOM   159  C  C   . GLN A 1 58  ? 7.351   11.039  8.306   1.00 45.98  ? 42  GLN A C   1 
ATOM   160  O  O   . GLN A 1 58  ? 7.196   11.311  7.123   1.00 41.26  ? 42  GLN A O   1 
ATOM   161  C  CB  . GLN A 1 58  ? 9.734   11.494  9.145   1.00 32.96  ? 42  GLN A CB  1 
ATOM   162  N  N   . TYR A 1 59  ? 6.385   11.139  9.199   1.00 43.65  ? 43  TYR A N   1 
ATOM   163  C  CA  . TYR A 1 59  ? 5.029   11.628  8.920   1.00 44.83  ? 43  TYR A CA  1 
ATOM   164  C  C   . TYR A 1 59  ? 4.064   10.517  8.369   1.00 35.15  ? 43  TYR A C   1 
ATOM   165  O  O   . TYR A 1 59  ? 2.816   10.617  8.493   1.00 34.41  ? 43  TYR A O   1 
ATOM   166  C  CB  . TYR A 1 59  ? 5.028   13.076  8.340   1.00 58.64  ? 43  TYR A CB  1 
ATOM   167  C  CG  . TYR A 1 59  ? 5.610   14.156  9.415   1.00 42.62  ? 43  TYR A CG  1 
ATOM   168  C  CD1 . TYR A 1 59  ? 4.832   14.560  10.561  1.00 67.43  ? 43  TYR A CD1 1 
ATOM   169  C  CD2 . TYR A 1 59  ? 6.916   14.741  9.264   1.00 71.31  ? 43  TYR A CD2 1 
ATOM   170  C  CE1 . TYR A 1 59  ? 5.325   15.489  11.496  1.00 72.62  ? 43  TYR A CE1 1 
ATOM   171  C  CE2 . TYR A 1 59  ? 7.411   15.673  10.201  1.00 69.43  ? 43  TYR A CE2 1 
ATOM   172  C  CZ  . TYR A 1 59  ? 6.610   16.042  11.308  1.00 74.44  ? 43  TYR A CZ  1 
ATOM   173  O  OH  . TYR A 1 59  ? 7.065   16.953  12.231  1.00 86.55  ? 43  TYR A OH  1 
ATOM   174  N  N   . CYS A 1 60  ? 4.661   9.336   8.164   1.00 31.48  ? 44  CYS A N   1 
ATOM   175  C  CA  . CYS A 1 60  ? 4.074   8.202   7.672   1.00 25.93  ? 44  CYS A CA  1 
ATOM   176  C  C   . CYS A 1 60  ? 4.776   6.997   8.301   1.00 24.38  ? 44  CYS A C   1 
ATOM   177  O  O   . CYS A 1 60  ? 5.538   6.351   7.639   1.00 20.41  ? 44  CYS A O   1 
ATOM   178  C  CB  . CYS A 1 60  ? 4.178   8.160   6.096   1.00 25.24  ? 44  CYS A CB  1 
ATOM   179  S  SG  . CYS A 1 60  ? 3.409   9.622   5.298   1.00 29.88  ? 44  CYS A SG  1 
ATOM   180  N  N   . PRO A 1 61  ? 4.513   6.786   9.581   1.00 23.25  ? 45  PRO A N   1 
ATOM   181  C  CA  . PRO A 1 61  ? 5.113   5.700   10.259  1.00 22.73  ? 45  PRO A CA  1 
ATOM   182  C  C   . PRO A 1 61  ? 4.822   4.298   9.930   1.00 21.49  ? 45  PRO A C   1 
ATOM   183  O  O   . PRO A 1 61  ? 5.709   3.381   10.015  1.00 23.30  ? 45  PRO A O   1 
ATOM   184  C  CB  . PRO A 1 61  ? 4.645   5.932   11.760  1.00 20.72  ? 45  PRO A CB  1 
ATOM   185  C  CG  . PRO A 1 61  ? 3.713   6.967   11.780  1.00 20.10  ? 45  PRO A CG  1 
ATOM   186  C  CD  . PRO A 1 61  ? 3.921   7.764   10.570  1.00 18.26  ? 45  PRO A CD  1 
ATOM   187  N  N   . CYS A 1 62  ? 3.550   4.009   9.669   1.00 28.21  ? 46  CYS A N   1 
ATOM   188  C  CA  . CYS A 1 62  ? 2.996   2.663   9.343   1.00 19.98  ? 46  CYS A CA  1 
ATOM   189  C  C   . CYS A 1 62  ? 3.677   2.029   8.153   1.00 22.03  ? 46  CYS A C   1 
ATOM   190  O  O   . CYS A 1 62  ? 3.977   2.807   7.126   1.00 15.20  ? 46  CYS A O   1 
ATOM   191  C  CB  . CYS A 1 62  ? 1.426   2.756   9.252   1.00 24.45  ? 46  CYS A CB  1 
ATOM   192  S  SG  . CYS A 1 62  ? 0.670   3.159   10.899  1.00 23.37  ? 46  CYS A SG  1 
ATOM   193  N  N   . LEU A 1 63  ? 3.948   0.687   8.268   1.00 17.45  ? 47  LEU A N   1 
ATOM   194  C  CA  . LEU A 1 63  ? 4.535   -0.097  7.189   1.00 16.10  ? 47  LEU A CA  1 
ATOM   195  C  C   . LEU A 1 63  ? 3.493   -0.953  6.547   1.00 16.96  ? 47  LEU A C   1 
ATOM   196  O  O   . LEU A 1 63  ? 2.649   -1.540  7.282   1.00 15.99  ? 47  LEU A O   1 
ATOM   197  C  CB  . LEU A 1 63  ? 5.774   -0.981  7.674   1.00 19.35  ? 47  LEU A CB  1 
ATOM   198  C  CG  . LEU A 1 63  ? 7.164   -0.278  7.996   1.00 20.79  ? 47  LEU A CG  1 
ATOM   199  C  CD1 . LEU A 1 63  ? 7.697   0.360   6.691   1.00 24.99  ? 47  LEU A CD1 1 
ATOM   200  C  CD2 . LEU A 1 63  ? 7.060   0.675   9.129   1.00 18.64  ? 47  LEU A CD2 1 
ATOM   201  N  N   . TYR A 1 64  ? 3.498   -1.132  5.235   1.00 15.68  ? 48  TYR A N   1 
ATOM   202  C  CA  . TYR A 1 64  ? 2.602   -1.993  4.537   1.00 18.21  ? 48  TYR A CA  1 
ATOM   203  C  C   . TYR A 1 64  ? 3.219   -2.931  3.538   1.00 15.03  ? 48  TYR A C   1 
ATOM   204  O  O   . TYR A 1 64  ? 4.278   -2.633  3.013   1.00 11.94  ? 48  TYR A O   1 
ATOM   205  C  CB  . TYR A 1 64  ? 1.498   -1.243  3.957   1.00 16.86  ? 48  TYR A CB  1 
ATOM   206  C  CG  . TYR A 1 64  ? 0.716   -0.272  4.811   1.00 19.93  ? 48  TYR A CG  1 
ATOM   207  C  CD1 . TYR A 1 64  ? 1.127   1.130   4.939   1.00 22.54  ? 48  TYR A CD1 1 
ATOM   208  C  CD2 . TYR A 1 64  ? -0.475  -0.711  5.515   1.00 18.32  ? 48  TYR A CD2 1 
ATOM   209  C  CE1 . TYR A 1 64  ? 0.260   1.977   5.661   1.00 25.52  ? 48  TYR A CE1 1 
ATOM   210  C  CE2 . TYR A 1 64  ? -1.319  0.185   6.217   1.00 23.71  ? 48  TYR A CE2 1 
ATOM   211  C  CZ  . TYR A 1 64  ? -0.920  1.458   6.287   1.00 23.10  ? 48  TYR A CZ  1 
ATOM   212  O  OH  . TYR A 1 64  ? -1.749  2.263   7.009   1.00 22.51  ? 48  TYR A OH  1 
ATOM   213  N  N   . ILE A 1 65  ? 2.453   -3.901  3.108   1.00 14.64  ? 49  ILE A N   1 
ATOM   214  C  CA  . ILE A 1 65  ? 2.843   -4.767  1.945   1.00 15.49  ? 49  ILE A CA  1 
ATOM   215  C  C   . ILE A 1 65  ? 2.313   -3.976  0.742   1.00 15.06  ? 49  ILE A C   1 
ATOM   216  O  O   . ILE A 1 65  ? 1.037   -3.717  0.810   1.00 17.97  ? 49  ILE A O   1 
ATOM   217  C  CB  . ILE A 1 65  ? 2.275   -6.223  2.085   1.00 20.48  ? 49  ILE A CB  1 
ATOM   218  C  CG1 . ILE A 1 65  ? 2.746   -6.875  3.399   1.00 20.16  ? 49  ILE A CG1 1 
ATOM   219  C  CG2 . ILE A 1 65  ? 2.621   -7.055  0.889   1.00 19.59  ? 49  ILE A CG2 1 
ATOM   220  C  CD1 . ILE A 1 65  ? 2.104   -8.180  3.840   1.00 24.33  ? 49  ILE A CD1 1 
ATOM   221  N  N   . VAL A 1 66  ? 3.164   -3.629  -0.183  1.00 14.83  ? 50  VAL A N   1 
ATOM   222  C  CA  . VAL A 1 66  ? 2.841   -2.891  -1.415  1.00 15.47  ? 50  VAL A CA  1 
ATOM   223  C  C   . VAL A 1 66  ? 2.562   -3.898  -2.558  1.00 15.56  ? 50  VAL A C   1 
ATOM   224  O  O   . VAL A 1 66  ? 1.532   -3.777  -3.159  1.00 17.42  ? 50  VAL A O   1 
ATOM   225  C  CB  . VAL A 1 66  ? 3.928   -1.949  -1.809  1.00 20.42  ? 50  VAL A CB  1 
ATOM   226  C  CG1 . VAL A 1 66  ? 3.853   -1.536  -3.274  1.00 16.70  ? 50  VAL A CG1 1 
ATOM   227  C  CG2 . VAL A 1 66  ? 3.919   -0.758  -0.831  1.00 20.30  ? 50  VAL A CG2 1 
ATOM   228  N  N   . GLN A 1 67  ? 3.381   -4.921  -2.698  1.00 18.40  ? 51  GLN A N   1 
ATOM   229  C  CA  . GLN A 1 67  ? 3.190   -5.874  -3.735  1.00 16.13  ? 51  GLN A CA  1 
ATOM   230  C  C   . GLN A 1 67  ? 3.601   -7.296  -3.274  1.00 15.05  ? 51  GLN A C   1 
ATOM   231  O  O   . GLN A 1 67  ? 4.584   -7.418  -2.584  1.00 15.60  ? 51  GLN A O   1 
ATOM   232  C  CB  . GLN A 1 67  ? 4.124   -5.489  -4.950  1.00 17.93  ? 51  GLN A CB  1 
ATOM   233  C  CG  . GLN A 1 67  ? 3.989   -6.420  -6.105  1.00 17.79  ? 51  GLN A CG  1 
ATOM   234  C  CD  . GLN A 1 67  ? 4.583   -5.854  -7.323  1.00 21.78  ? 51  GLN A CD  1 
ATOM   235  O  OE1 . GLN A 1 67  ? 5.255   -4.872  -7.196  1.00 23.25  ? 51  GLN A OE1 1 
ATOM   236  N  NE2 . GLN A 1 67  ? 4.438   -6.450  -8.473  1.00 20.94  ? 51  GLN A NE2 1 
ATOM   237  N  N   . VAL A 1 68  ? 2.832   -8.239  -3.702  1.00 12.75  ? 52  VAL A N   1 
ATOM   238  C  CA  . VAL A 1 68  ? 3.130   -9.667  -3.584  1.00 13.66  ? 52  VAL A CA  1 
ATOM   239  C  C   . VAL A 1 68  ? 3.404   -10.204 -4.954  1.00 18.78  ? 52  VAL A C   1 
ATOM   240  O  O   . VAL A 1 68  ? 2.629   -10.076 -5.837  1.00 19.38  ? 52  VAL A O   1 
ATOM   241  C  CB  . VAL A 1 68  ? 1.967   -10.466 -2.883  1.00 14.87  ? 52  VAL A CB  1 
ATOM   242  C  CG1 . VAL A 1 68  ? 2.449   -11.789 -2.391  1.00 18.16  ? 52  VAL A CG1 1 
ATOM   243  C  CG2 . VAL A 1 68  ? 1.413   -9.750  -1.588  1.00 17.63  ? 52  VAL A CG2 1 
ATOM   244  N  N   . PHE A 1 69  ? 4.548   -10.763 -5.132  1.00 19.25  ? 53  PHE A N   1 
ATOM   245  C  CA  . PHE A 1 69  ? 5.072   -11.068 -6.475  1.00 17.56  ? 53  PHE A CA  1 
ATOM   246  C  C   . PHE A 1 69  ? 4.730   -12.487 -6.842  1.00 18.66  ? 53  PHE A C   1 
ATOM   247  O  O   . PHE A 1 69  ? 4.841   -13.401 -5.998  1.00 17.75  ? 53  PHE A O   1 
ATOM   248  C  CB  . PHE A 1 69  ? 6.619   -10.998 -6.524  1.00 16.76  ? 53  PHE A CB  1 
ATOM   249  C  CG  . PHE A 1 69  ? 7.145   -9.677  -6.440  1.00 16.36  ? 53  PHE A CG  1 
ATOM   250  C  CD1 . PHE A 1 69  ? 7.221   -9.013  -5.205  1.00 20.50  ? 53  PHE A CD1 1 
ATOM   251  C  CD2 . PHE A 1 69  ? 7.594   -9.011  -7.582  1.00 22.60  ? 53  PHE A CD2 1 
ATOM   252  C  CE1 . PHE A 1 69  ? 7.644   -7.700  -5.180  1.00 23.06  ? 53  PHE A CE1 1 
ATOM   253  C  CE2 . PHE A 1 69  ? 8.004   -7.736  -7.559  1.00 22.92  ? 53  PHE A CE2 1 
ATOM   254  C  CZ  . PHE A 1 69  ? 8.005   -7.032  -6.342  1.00 24.11  ? 53  PHE A CZ  1 
ATOM   255  N  N   . ASP A 1 70  ? 4.345   -12.742 -8.061  1.00 19.56  ? 54  ASP A N   1 
ATOM   256  C  CA  . ASP A 1 70  ? 3.788   -14.096 -8.330  1.00 19.57  ? 54  ASP A CA  1 
ATOM   257  C  C   . ASP A 1 70  ? 4.837   -15.175 -8.099  1.00 17.78  ? 54  ASP A C   1 
ATOM   258  O  O   . ASP A 1 70  ? 6.092   -14.956 -8.108  1.00 18.18  ? 54  ASP A O   1 
ATOM   259  C  CB  . ASP A 1 70  ? 3.242   -14.321 -9.705  1.00 19.29  ? 54  ASP A CB  1 
ATOM   260  C  CG  . ASP A 1 70  ? 2.059   -13.444 -10.056 1.00 18.11  ? 54  ASP A CG  1 
ATOM   261  O  OD1 . ASP A 1 70  ? 1.319   -12.956 -9.144  1.00 21.34  ? 54  ASP A OD1 1 
ATOM   262  O  OD2 . ASP A 1 70  ? 2.018   -13.299 -11.320 1.00 22.24  ? 54  ASP A OD2 1 
ATOM   263  N  N   . ASN A 1 71  ? 4.397   -16.390 -7.853  1.00 17.27  ? 55  ASN A N   1 
ATOM   264  C  CA  . ASN A 1 71  ? 5.406   -17.564 -7.743  1.00 21.59  ? 55  ASN A CA  1 
ATOM   265  C  C   . ASN A 1 71  ? 6.504   -17.434 -6.633  1.00 26.32  ? 55  ASN A C   1 
ATOM   266  O  O   . ASN A 1 71  ? 7.540   -18.003 -6.769  1.00 26.48  ? 55  ASN A O   1 
ATOM   267  C  CB  . ASN A 1 71  ? 6.157   -17.717 -9.054  1.00 29.58  ? 55  ASN A CB  1 
ATOM   268  C  CG  . ASN A 1 71  ? 5.529   -18.853 -9.850  1.00 31.48  ? 55  ASN A CG  1 
ATOM   269  O  OD1 . ASN A 1 71  ? 5.210   -18.703 -10.984 1.00 31.85  ? 55  ASN A OD1 1 
ATOM   270  N  ND2 . ASN A 1 71  ? 5.320   -19.969 -9.188  1.00 30.96  ? 55  ASN A ND2 1 
ATOM   271  N  N   . THR A 1 72  ? 6.214   -16.682 -5.568  1.00 20.97  ? 56  THR A N   1 
ATOM   272  C  CA  . THR A 1 72  ? 6.996   -16.626 -4.394  1.00 19.13  ? 56  THR A CA  1 
ATOM   273  C  C   . THR A 1 72  ? 6.249   -17.286 -3.228  1.00 13.73  ? 56  THR A C   1 
ATOM   274  O  O   . THR A 1 72  ? 4.966   -17.498 -3.273  1.00 15.95  ? 56  THR A O   1 
ATOM   275  C  CB  . THR A 1 72  ? 7.330   -15.179 -3.989  1.00 16.73  ? 56  THR A CB  1 
ATOM   276  O  OG1 . THR A 1 72  ? 6.041   -14.516 -3.870  1.00 15.88  ? 56  THR A OG1 1 
ATOM   277  C  CG2 . THR A 1 72  ? 8.278   -14.479 -5.059  1.00 23.33  ? 56  THR A CG2 1 
ATOM   278  N  N   . PRO A 1 73  ? 6.942   -17.377 -2.117  1.00 16.83  ? 57  PRO A N   1 
ATOM   279  C  CA  . PRO A 1 73  ? 6.302   -18.006 -0.873  1.00 16.69  ? 57  PRO A CA  1 
ATOM   280  C  C   . PRO A 1 73  ? 5.064   -17.244 -0.375  1.00 11.93  ? 57  PRO A C   1 
ATOM   281  O  O   . PRO A 1 73  ? 3.986   -17.870 -0.429  1.00 18.07  ? 57  PRO A O   1 
ATOM   282  C  CB  . PRO A 1 73  ? 7.437   -18.173 0.053   1.00 18.11  ? 57  PRO A CB  1 
ATOM   283  C  CG  . PRO A 1 73  ? 8.529   -18.335 -0.956  1.00 17.63  ? 57  PRO A CG  1 
ATOM   284  C  CD  . PRO A 1 73  ? 8.385   -17.232 -1.909  1.00 15.93  ? 57  PRO A CD  1 
ATOM   285  N  N   . ALA A 1 74  ? 5.145   -15.926 -0.345  1.00 19.15  ? 58  ALA A N   1 
ATOM   286  C  CA  . ALA A 1 74  ? 4.057   -15.073 0.111   1.00 14.63  ? 58  ALA A CA  1 
ATOM   287  C  C   . ALA A 1 74  ? 2.816   -15.268 -0.778  1.00 14.61  ? 58  ALA A C   1 
ATOM   288  O  O   . ALA A 1 74  ? 1.678   -15.449 -0.330  1.00 16.70  ? 58  ALA A O   1 
ATOM   289  C  CB  . ALA A 1 74  ? 4.454   -13.662 0.125   1.00 13.64  ? 58  ALA A CB  1 
ATOM   290  N  N   . ALA A 1 75  ? 3.027   -15.158 -2.115  1.00 14.48  ? 59  ALA A N   1 
ATOM   291  C  CA  . ALA A 1 75  ? 2.027   -15.474 -3.104  1.00 17.10  ? 59  ALA A CA  1 
ATOM   292  C  C   . ALA A 1 75  ? 1.344   -16.776 -3.047  1.00 13.51  ? 59  ALA A C   1 
ATOM   293  O  O   . ALA A 1 75  ? 0.110   -16.749 -3.161  1.00 20.36  ? 59  ALA A O   1 
ATOM   294  C  CB  . ALA A 1 75  ? 2.508   -15.107 -4.479  1.00 14.94  ? 59  ALA A CB  1 
ATOM   295  N  N   . LEU A 1 76  ? 2.075   -17.823 -2.899  1.00 14.90  ? 60  LEU A N   1 
ATOM   296  C  CA  . LEU A 1 76  ? 1.462   -19.156 -3.018  1.00 19.19  ? 60  LEU A CA  1 
ATOM   297  C  C   . LEU A 1 76  ? 0.785   -19.555 -1.678  1.00 21.24  ? 60  LEU A C   1 
ATOM   298  O  O   . LEU A 1 76  ? -0.368  -19.973 -1.595  1.00 24.64  ? 60  LEU A O   1 
ATOM   299  C  CB  . LEU A 1 76  ? 2.571   -20.073 -3.402  1.00 19.90  ? 60  LEU A CB  1 
ATOM   300  C  CG  . LEU A 1 76  ? 2.765   -19.842 -4.922  1.00 23.67  ? 60  LEU A CG  1 
ATOM   301  C  CD1 . LEU A 1 76  ? 4.137   -20.313 -5.289  1.00 26.56  ? 60  LEU A CD1 1 
ATOM   302  C  CD2 . LEU A 1 76  ? 1.577   -20.319 -5.828  1.00 23.45  ? 60  LEU A CD2 1 
ATOM   303  N  N   . ASP A 1 77  ? 1.280   -19.013 -0.605  1.00 15.45  ? 61  ASP A N   1 
ATOM   304  C  CA  . ASP A 1 77  ? 0.681   -19.135 0.762   1.00 16.20  ? 61  ASP A CA  1 
ATOM   305  C  C   . ASP A 1 77  ? -0.744  -18.389 0.783   1.00 18.48  ? 61  ASP A C   1 
ATOM   306  O  O   . ASP A 1 77  ? -1.735  -18.912 1.431   1.00 21.42  ? 61  ASP A O   1 
ATOM   307  C  CB  . ASP A 1 77  ? 1.601   -18.566 1.835   1.00 16.72  ? 61  ASP A CB  1 
ATOM   308  C  CG  . ASP A 1 77  ? 0.969   -18.596 3.190   1.00 19.86  ? 61  ASP A CG  1 
ATOM   309  O  OD1 . ASP A 1 77  ? 0.936   -19.692 3.797   1.00 18.91  ? 61  ASP A OD1 1 
ATOM   310  O  OD2 . ASP A 1 77  ? 0.419   -17.607 3.679   1.00 18.70  ? 61  ASP A OD2 1 
ATOM   311  N  N   . GLY A 1 78  ? -0.864  -17.226 0.135   1.00 16.15  ? 62  GLY A N   1 
ATOM   312  C  CA  . GLY A 1 78  ? -2.131  -16.682 0.046   1.00 19.99  ? 62  GLY A CA  1 
ATOM   313  C  C   . GLY A 1 78  ? -2.714  -15.938 1.246   1.00 20.96  ? 62  GLY A C   1 
ATOM   314  O  O   . GLY A 1 78  ? -3.858  -15.393 1.174   1.00 22.70  ? 62  GLY A O   1 
ATOM   315  N  N   . THR A 1 79  ? -1.884  -15.728 2.312   1.00 18.96  ? 63  THR A N   1 
ATOM   316  C  CA  . THR A 1 79  ? -2.404  -15.120 3.528   1.00 20.56  ? 63  THR A CA  1 
ATOM   317  C  C   . THR A 1 79  ? -2.365  -13.584 3.326   1.00 21.65  ? 63  THR A C   1 
ATOM   318  O  O   . THR A 1 79  ? -3.351  -12.864 3.516   1.00 22.29  ? 63  THR A O   1 
ATOM   319  C  CB  . THR A 1 79  ? -1.761  -15.544 4.895   1.00 25.69  ? 63  THR A CB  1 
ATOM   320  O  OG1 . THR A 1 79  ? -1.801  -16.987 5.081   1.00 20.68  ? 63  THR A OG1 1 
ATOM   321  C  CG2 . THR A 1 79  ? -2.520  -14.925 5.989   1.00 26.22  ? 63  THR A CG2 1 
ATOM   322  N  N   . VAL A 1 80  ? -1.195  -13.068 2.976   1.00 21.57  ? 64  VAL A N   1 
ATOM   323  C  CA  . VAL A 1 80  ? -1.045  -11.646 2.956   1.00 19.28  ? 64  VAL A CA  1 
ATOM   324  C  C   . VAL A 1 80  ? -1.210  -11.121 1.584   1.00 17.41  ? 64  VAL A C   1 
ATOM   325  O  O   . VAL A 1 80  ? -1.003  -11.859 0.534   1.00 21.19  ? 64  VAL A O   1 
ATOM   326  C  CB  . VAL A 1 80  ? 0.372   -11.193 3.489   1.00 22.28  ? 64  VAL A CB  1 
ATOM   327  C  CG1 . VAL A 1 80  ? 0.574   -11.702 4.923   1.00 21.04  ? 64  VAL A CG1 1 
ATOM   328  C  CG2 . VAL A 1 80  ? 1.352   -11.599 2.487   1.00 23.62  ? 64  VAL A CG2 1 
ATOM   329  N  N   . ALA A 1 81  ? -1.474  -9.801  1.525   1.00 21.22  ? 65  ALA A N   1 
ATOM   330  C  CA  . ALA A 1 81  ? -1.914  -9.134  0.336   1.00 23.47  ? 65  ALA A CA  1 
ATOM   331  C  C   . ALA A 1 81  ? -1.495  -7.717  0.350   1.00 20.44  ? 65  ALA A C   1 
ATOM   332  O  O   . ALA A 1 81  ? -1.218  -7.110  1.460   1.00 18.53  ? 65  ALA A O   1 
ATOM   333  C  CB  . ALA A 1 81  ? -3.450  -9.217  0.144   1.00 23.50  ? 65  ALA A CB  1 
ATOM   334  N  N   . ALA A 1 82  ? -1.360  -7.149  -0.877  1.00 17.17  ? 66  ALA A N   1 
ATOM   335  C  CA  . ALA A 1 82  ? -1.307  -5.685  -1.014  1.00 15.00  ? 66  ALA A CA  1 
ATOM   336  C  C   . ALA A 1 82  ? -2.263  -4.981  -0.070  1.00 15.91  ? 66  ALA A C   1 
ATOM   337  O  O   . ALA A 1 82  ? -3.547  -5.139  -0.119  1.00 12.80  ? 66  ALA A O   1 
ATOM   338  C  CB  . ALA A 1 82  ? -1.516  -5.175  -2.440  1.00 18.03  ? 66  ALA A CB  1 
ATOM   339  N  N   . GLY A 1 83  ? -1.609  -4.152  0.750   1.00 11.91  ? 67  GLY A N   1 
ATOM   340  C  CA  . GLY A 1 83  ? -2.234  -3.156  1.650   1.00 15.86  ? 67  GLY A CA  1 
ATOM   341  C  C   . GLY A 1 83  ? -2.421  -3.610  3.084   1.00 14.31  ? 67  GLY A C   1 
ATOM   342  O  O   . GLY A 1 83  ? -2.898  -2.826  3.928   1.00 12.80  ? 67  GLY A O   1 
ATOM   343  N  N   . ASP A 1 84  ? -2.029  -4.820  3.338   1.00 13.82  ? 68  ASP A N   1 
ATOM   344  C  CA  . ASP A 1 84  ? -1.948  -5.244  4.787   1.00 15.44  ? 68  ASP A CA  1 
ATOM   345  C  C   . ASP A 1 84  ? -0.794  -4.559  5.536   1.00 11.93  ? 68  ASP A C   1 
ATOM   346  O  O   . ASP A 1 84  ? 0.195   -4.203  4.965   1.00 12.65  ? 68  ASP A O   1 
ATOM   347  C  CB  . ASP A 1 84  ? -1.702  -6.780  4.750   1.00 17.21  ? 68  ASP A CB  1 
ATOM   348  C  CG  . ASP A 1 84  ? -2.842  -7.578  4.282   1.00 16.67  ? 68  ASP A CG  1 
ATOM   349  O  OD1 . ASP A 1 84  ? -4.017  -7.146  4.232   1.00 17.21  ? 68  ASP A OD1 1 
ATOM   350  O  OD2 . ASP A 1 84  ? -2.619  -8.790  4.095   1.00 18.46  ? 68  ASP A OD2 1 
ATOM   351  N  N   . GLU A 1 85  ? -1.062  -4.184  6.825   1.00 15.94  ? 69  GLU A N   1 
ATOM   352  C  CA  . GLU A 1 85  ? -0.086  -3.548  7.625   1.00 16.28  ? 69  GLU A CA  1 
ATOM   353  C  C   . GLU A 1 85  ? 0.891   -4.520  8.247   1.00 16.12  ? 69  GLU A C   1 
ATOM   354  O  O   . GLU A 1 85  ? 0.448   -5.483  8.805   1.00 18.44  ? 69  GLU A O   1 
ATOM   355  C  CB  . GLU A 1 85  ? -0.796  -2.769  8.729   1.00 18.53  ? 69  GLU A CB  1 
ATOM   356  C  CG  . GLU A 1 85  ? 0.189   -1.775  9.375   1.00 17.52  ? 69  GLU A CG  1 
ATOM   357  C  CD  . GLU A 1 85  ? -0.411  -1.235  10.619  1.00 22.63  ? 69  GLU A CD  1 
ATOM   358  O  OE1 . GLU A 1 85  ? 0.252   -0.598  11.464  1.00 18.50  ? 69  GLU A OE1 1 
ATOM   359  O  OE2 . GLU A 1 85  ? -1.602  -1.462  10.883  1.00 21.71  ? 69  GLU A OE2 1 
ATOM   360  N  N   . ILE A 1 86  ? 2.149   -4.214  8.221   1.00 13.10  ? 70  ILE A N   1 
ATOM   361  C  CA  . ILE A 1 86  ? 3.193   -5.114  8.796   1.00 13.00  ? 70  ILE A CA  1 
ATOM   362  C  C   . ILE A 1 86  ? 3.301   -4.480  10.253  1.00 12.48  ? 70  ILE A C   1 
ATOM   363  O  O   . ILE A 1 86  ? 3.742   -3.322  10.349  1.00 18.74  ? 70  ILE A O   1 
ATOM   364  C  CB  . ILE A 1 86  ? 4.519   -5.122  8.053   1.00 13.09  ? 70  ILE A CB  1 
ATOM   365  C  CG1 . ILE A 1 86  ? 4.443   -5.930  6.679   1.00 14.95  ? 70  ILE A CG1 1 
ATOM   366  C  CG2 . ILE A 1 86  ? 5.449   -6.019  8.778   1.00 9.89   ? 70  ILE A CG2 1 
ATOM   367  C  CD1 . ILE A 1 86  ? 5.612   -5.659  5.816   1.00 14.43  ? 70  ILE A CD1 1 
ATOM   368  N  N   . THR A 1 87  ? 3.060   -5.254  11.316  1.00 15.52  ? 71  THR A N   1 
ATOM   369  C  CA  . THR A 1 87  ? 3.287   -4.719  12.604  1.00 14.26  ? 71  THR A CA  1 
ATOM   370  C  C   . THR A 1 87  ? 4.595   -5.361  13.251  1.00 17.73  ? 71  THR A C   1 
ATOM   371  O  O   . THR A 1 87  ? 5.113   -4.776  14.358  1.00 17.15  ? 71  THR A O   1 
ATOM   372  C  CB  . THR A 1 87  ? 2.045   -5.214  13.505  1.00 17.64  ? 71  THR A CB  1 
ATOM   373  O  OG1 . THR A 1 87  ? 1.729   -6.531  13.246  1.00 19.75  ? 71  THR A OG1 1 
ATOM   374  C  CG2 . THR A 1 87  ? 0.838   -4.390  13.239  1.00 19.95  ? 71  THR A CG2 1 
ATOM   375  N  N   . GLY A 1 88  ? 5.080   -6.494  12.819  1.00 12.97  ? 72  GLY A N   1 
ATOM   376  C  CA  . GLY A 1 88  ? 6.073   -7.252  13.583  1.00 14.83  ? 72  GLY A CA  1 
ATOM   377  C  C   . GLY A 1 88  ? 6.754   -8.256  12.751  1.00 12.74  ? 72  GLY A C   1 
ATOM   378  O  O   . GLY A 1 88  ? 6.064   -8.805  11.785  1.00 14.26  ? 72  GLY A O   1 
ATOM   379  N  N   . VAL A 1 89  ? 8.077   -8.499  12.959  1.00 13.55  ? 73  VAL A N   1 
ATOM   380  C  CA  . VAL A 1 89  ? 8.750   -9.726  12.388  1.00 15.94  ? 73  VAL A CA  1 
ATOM   381  C  C   . VAL A 1 89  ? 9.329   -10.588 13.484  1.00 17.15  ? 73  VAL A C   1 
ATOM   382  O  O   . VAL A 1 89  ? 10.111  -10.066 14.361  1.00 20.81  ? 73  VAL A O   1 
ATOM   383  C  CB  . VAL A 1 89  ? 9.973   -9.249  11.538  1.00 15.68  ? 73  VAL A CB  1 
ATOM   384  C  CG1 . VAL A 1 89  ? 10.683  -10.395 10.878  1.00 17.15  ? 73  VAL A CG1 1 
ATOM   385  C  CG2 . VAL A 1 89  ? 9.594   -8.213  10.537  1.00 15.68  ? 73  VAL A CG2 1 
ATOM   386  N  N   . ASN A 1 90  ? 9.031   -11.831 13.419  1.00 15.50  ? 74  ASN A N   1 
ATOM   387  C  CA  . ASN A 1 90  ? 9.700   -12.864 14.330  1.00 19.83  ? 74  ASN A CA  1 
ATOM   388  C  C   . ASN A 1 90  ? 9.515   -12.514 15.852  1.00 17.37  ? 74  ASN A C   1 
ATOM   389  O  O   . ASN A 1 90  ? 10.512  -12.375 16.611  1.00 18.96  ? 74  ASN A O   1 
ATOM   390  C  CB  . ASN A 1 90  ? 11.128  -13.093 13.898  1.00 19.49  ? 74  ASN A CB  1 
ATOM   391  C  CG  . ASN A 1 90  ? 11.248  -14.429 13.211  1.00 17.63  ? 74  ASN A CG  1 
ATOM   392  O  OD1 . ASN A 1 90  ? 10.326  -14.806 12.445  1.00 19.13  ? 74  ASN A OD1 1 
ATOM   393  N  ND2 . ASN A 1 90  ? 12.442  -15.023 13.286  1.00 20.20  ? 74  ASN A ND2 1 
ATOM   394  N  N   . GLY A 1 91  ? 8.329   -12.002 16.142  1.00 18.74  ? 75  GLY A N   1 
ATOM   395  C  CA  . GLY A 1 91  ? 8.050   -11.655 17.550  1.00 21.36  ? 75  GLY A CA  1 
ATOM   396  C  C   . GLY A 1 91  ? 8.600   -10.317 18.027  1.00 19.56  ? 75  GLY A C   1 
ATOM   397  O  O   . GLY A 1 91  ? 8.424   -10.059 19.284  1.00 19.61  ? 75  GLY A O   1 
ATOM   398  N  N   . ARG A 1 92  ? 9.246   -9.505  17.164  1.00 16.88  ? 76  ARG A N   1 
ATOM   399  C  CA  . ARG A 1 92  ? 9.592   -8.032  17.513  1.00 17.82  ? 76  ARG A CA  1 
ATOM   400  C  C   . ARG A 1 92  ? 8.922   -6.965  16.588  1.00 17.04  ? 76  ARG A C   1 
ATOM   401  O  O   . ARG A 1 92  ? 8.896   -7.112  15.405  1.00 14.34  ? 76  ARG A O   1 
ATOM   402  C  CB  . ARG A 1 92  ? 11.062  -7.784  17.489  1.00 19.45  ? 76  ARG A CB  1 
ATOM   403  C  CG  . ARG A 1 92  ? 11.889  -8.891  18.123  1.00 21.51  ? 76  ARG A CG  1 
ATOM   404  C  CD  . ARG A 1 92  ? 13.407  -8.805  17.905  1.00 27.55  ? 76  ARG A CD  1 
ATOM   405  N  NE  . ARG A 1 92  ? 13.997  -9.861  18.745  1.00 37.95  ? 76  ARG A NE  1 
ATOM   406  C  CZ  . ARG A 1 92  ? 15.298  -9.994  19.042  1.00 43.44  ? 76  ARG A CZ  1 
ATOM   407  N  NH1 . ARG A 1 92  ? 16.210  -9.180  18.495  1.00 43.61  ? 76  ARG A NH1 1 
ATOM   408  N  NH2 . ARG A 1 92  ? 15.708  -10.958 19.880  1.00 40.20  ? 76  ARG A NH2 1 
ATOM   409  N  N   . SER A 1 93  ? 8.626   -5.872  17.175  1.00 17.51  ? 77  SER A N   1 
ATOM   410  C  CA  . SER A 1 93  ? 7.988   -4.786  16.444  1.00 15.72  ? 77  SER A CA  1 
ATOM   411  C  C   . SER A 1 93  ? 8.824   -4.157  15.419  1.00 15.14  ? 77  SER A C   1 
ATOM   412  O  O   . SER A 1 93  ? 10.015  -4.076  15.502  1.00 19.26  ? 77  SER A O   1 
ATOM   413  C  CB  . SER A 1 93  ? 7.755   -3.709  17.421  1.00 19.41  ? 77  SER A CB  1 
ATOM   414  O  OG  . SER A 1 93  ? 7.000   -2.530  16.868  1.00 19.34  ? 77  SER A OG  1 
ATOM   415  N  N   . ILE A 1 94  ? 8.076   -3.695  14.419  1.00 16.48  ? 78  ILE A N   1 
ATOM   416  C  CA  . ILE A 1 94  ? 8.727   -2.787  13.429  1.00 17.46  ? 78  ILE A CA  1 
ATOM   417  C  C   . ILE A 1 94  ? 8.460   -1.273  13.735  1.00 19.36  ? 78  ILE A C   1 
ATOM   418  O  O   . ILE A 1 94  ? 9.025   -0.384  12.991  1.00 20.78  ? 78  ILE A O   1 
ATOM   419  C  CB  . ILE A 1 94  ? 8.458   -3.200  12.018  1.00 17.07  ? 78  ILE A CB  1 
ATOM   420  C  CG1 . ILE A 1 94  ? 6.950   -3.299  11.732  1.00 17.23  ? 78  ILE A CG1 1 
ATOM   421  C  CG2 . ILE A 1 94  ? 9.196   -4.466  11.794  1.00 19.68  ? 78  ILE A CG2 1 
ATOM   422  C  CD1 . ILE A 1 94  ? 6.209   -2.021  12.027  1.00 18.53  ? 78  ILE A CD1 1 
ATOM   423  N  N   . LYS A 1 95  ? 7.819   -0.965  14.858  1.00 23.05  ? 79  LYS A N   1 
ATOM   424  C  CA  . LYS A 1 95  ? 7.542   0.436   15.233  1.00 24.07  ? 79  LYS A CA  1 
ATOM   425  C  C   . LYS A 1 95  ? 8.801   1.327   15.165  1.00 27.64  ? 79  LYS A C   1 
ATOM   426  O  O   . LYS A 1 95  ? 9.850   1.062   15.783  1.00 21.98  ? 79  LYS A O   1 
ATOM   427  C  CB  . LYS A 1 95  ? 6.708   0.575   16.484  1.00 24.26  ? 79  LYS A CB  1 
ATOM   428  C  CG  . LYS A 1 95  ? 6.236   2.003   16.863  1.00 28.87  ? 79  LYS A CG  1 
ATOM   429  C  CD  . LYS A 1 95  ? 6.093   2.253   18.332  1.00 28.98  ? 79  LYS A CD  1 
ATOM   430  C  CE  . LYS A 1 95  ? 5.744   3.775   18.548  1.00 28.11  ? 79  LYS A CE  1 
ATOM   431  N  NZ  . LYS A 1 95  ? 5.115   4.064   19.827  1.00 28.17  ? 79  LYS A NZ  1 
ATOM   432  N  N   . GLY A 1 96  ? 8.687   2.427   14.393  1.00 30.47  ? 80  GLY A N   1 
ATOM   433  C  CA  . GLY A 1 96  ? 9.789   3.440   14.389  1.00 37.76  ? 80  GLY A CA  1 
ATOM   434  C  C   . GLY A 1 96  ? 11.061  2.979   13.648  1.00 33.43  ? 80  GLY A C   1 
ATOM   435  O  O   . GLY A 1 96  ? 12.164  3.472   13.966  1.00 30.47  ? 80  GLY A O   1 
ATOM   436  N  N   . LYS A 1 97  ? 10.926  1.957   12.739  1.00 28.98  ? 81  LYS A N   1 
ATOM   437  C  CA  . LYS A 1 97  ? 11.940  1.653   11.780  1.00 30.40  ? 81  LYS A CA  1 
ATOM   438  C  C   . LYS A 1 97  ? 11.569  2.115   10.378  1.00 22.92  ? 81  LYS A C   1 
ATOM   439  O  O   . LYS A 1 97  ? 10.355  2.140   10.043  1.00 27.86  ? 81  LYS A O   1 
ATOM   440  C  CB  . LYS A 1 97  ? 12.156  0.110   11.706  1.00 27.71  ? 81  LYS A CB  1 
ATOM   441  C  CG  . LYS A 1 97  ? 12.430  -0.591  12.985  1.00 28.04  ? 81  LYS A CG  1 
ATOM   442  C  CD  . LYS A 1 97  ? 13.893  -1.029  13.106  1.00 34.67  ? 81  LYS A CD  1 
ATOM   443  C  CE  . LYS A 1 97  ? 14.055  -1.952  14.348  1.00 37.12  ? 81  LYS A CE  1 
ATOM   444  N  NZ  . LYS A 1 97  ? 13.050  -3.049  14.040  1.00 30.49  ? 81  LYS A NZ  1 
ATOM   445  N  N   . THR A 1 98  ? 12.599  2.442   9.598   1.00 21.06  ? 82  THR A N   1 
ATOM   446  C  CA  . THR A 1 98  ? 12.405  2.771   8.204   1.00 25.84  ? 82  THR A CA  1 
ATOM   447  C  C   . THR A 1 98  ? 12.322  1.501   7.393   1.00 27.37  ? 82  THR A C   1 
ATOM   448  O  O   . THR A 1 98  ? 12.578  0.423   7.933   1.00 20.99  ? 82  THR A O   1 
ATOM   449  C  CB  . THR A 1 98  ? 13.619  3.518   7.577   1.00 24.37  ? 82  THR A CB  1 
ATOM   450  O  OG1 . THR A 1 98  ? 14.723  2.692   7.692   1.00 25.23  ? 82  THR A OG1 1 
ATOM   451  C  CG2 . THR A 1 98  ? 13.841  4.885   8.274   1.00 26.48  ? 82  THR A CG2 1 
ATOM   452  N  N   . LYS A 1 99  ? 11.899  1.689   6.130   1.00 32.18  ? 83  LYS A N   1 
ATOM   453  C  CA  . LYS A 1 99  ? 11.723  0.581   5.194   1.00 29.24  ? 83  LYS A CA  1 
ATOM   454  C  C   . LYS A 1 99  ? 12.990  -0.187  5.026   1.00 31.55  ? 83  LYS A C   1 
ATOM   455  O  O   . LYS A 1 99  ? 12.938  -1.353  4.981   1.00 28.72  ? 83  LYS A O   1 
ATOM   456  C  CB  . LYS A 1 99  ? 11.311  0.965   3.773   1.00 34.36  ? 83  LYS A CB  1 
ATOM   457  C  CG  . LYS A 1 99  ? 10.263  2.028   3.548   1.00 31.51  ? 83  LYS A CG  1 
ATOM   458  C  CD  . LYS A 1 99  ? 9.788   1.957   2.123   1.00 32.36  ? 83  LYS A CD  1 
ATOM   459  C  CE  . LYS A 1 99  ? 10.247  3.098   1.257   1.00 36.62  ? 83  LYS A CE  1 
ATOM   460  N  NZ  . LYS A 1 99  ? 10.524  2.678   -0.128  1.00 39.93  ? 83  LYS A NZ  1 
ATOM   461  N  N   . VAL A 1 100 ? 14.113  0.507   4.852   1.00 24.00  ? 84  VAL A N   1 
ATOM   462  C  CA  . VAL A 1 100 ? 15.382  -0.173  4.662   1.00 25.97  ? 84  VAL A CA  1 
ATOM   463  C  C   . VAL A 1 100 ? 15.565  -1.117  5.848   1.00 23.32  ? 84  VAL A C   1 
ATOM   464  O  O   . VAL A 1 100 ? 15.958  -2.298  5.661   1.00 22.95  ? 84  VAL A O   1 
ATOM   465  C  CB  . VAL A 1 100 ? 16.545  0.889   4.405   1.00 24.51  ? 84  VAL A CB  1 
ATOM   466  C  CG1 . VAL A 1 100 ? 17.843  0.229   4.055   1.00 26.50  ? 84  VAL A CG1 1 
ATOM   467  C  CG2 . VAL A 1 100 ? 16.238  1.778   3.201   1.00 26.18  ? 84  VAL A CG2 1 
ATOM   468  N  N   . GLU A 1 101 ? 15.454  -0.560  7.046   1.00 23.43  ? 85  GLU A N   1 
ATOM   469  C  CA  . GLU A 1 101 ? 15.660  -1.361  8.263   1.00 25.16  ? 85  GLU A CA  1 
ATOM   470  C  C   . GLU A 1 101 ? 14.796  -2.571  8.376   1.00 21.62  ? 85  GLU A C   1 
ATOM   471  O  O   . GLU A 1 101 ? 15.330  -3.674  8.685   1.00 21.12  ? 85  GLU A O   1 
ATOM   472  C  CB  . GLU A 1 101 ? 15.554  -0.502  9.480   1.00 19.65  ? 85  GLU A CB  1 
ATOM   473  N  N   . VAL A 1 102 ? 13.547  -2.420  8.086   1.00 20.49  ? 86  VAL A N   1 
ATOM   474  C  CA  . VAL A 1 102 ? 12.586  -3.535  8.026   1.00 14.95  ? 86  VAL A CA  1 
ATOM   475  C  C   . VAL A 1 102 ? 12.981  -4.606  7.044   1.00 19.88  ? 86  VAL A C   1 
ATOM   476  O  O   . VAL A 1 102 ? 13.014  -5.791  7.297   1.00 19.52  ? 86  VAL A O   1 
ATOM   477  C  CB  . VAL A 1 102 ? 11.134  -2.970  7.930   1.00 17.54  ? 86  VAL A CB  1 
ATOM   478  C  CG1 . VAL A 1 102 ? 10.059  -4.019  7.553   1.00 16.33  ? 86  VAL A CG1 1 
ATOM   479  C  CG2 . VAL A 1 102 ? 10.671  -2.107  9.145   1.00 21.37  ? 86  VAL A CG2 1 
ATOM   480  N  N   . ALA A 1 103 ? 13.273  -4.161  5.815   1.00 15.06  ? 87  ALA A N   1 
ATOM   481  C  CA  . ALA A 1 103 ? 13.837  -4.979  4.763   1.00 15.42  ? 87  ALA A CA  1 
ATOM   482  C  C   . ALA A 1 103 ? 15.095  -5.871  5.165   1.00 18.55  ? 87  ALA A C   1 
ATOM   483  O  O   . ALA A 1 103 ? 15.094  -7.140  5.087   1.00 18.03  ? 87  ALA A O   1 
ATOM   484  C  CB  . ALA A 1 103 ? 14.149  -4.156  3.483   1.00 15.23  ? 87  ALA A CB  1 
ATOM   485  N  N   . LYS A 1 104 ? 16.033  -5.246  5.881   1.00 19.27  ? 88  LYS A N   1 
ATOM   486  C  CA  . LYS A 1 104 ? 17.120  -6.029  6.379   1.00 21.06  ? 88  LYS A CA  1 
ATOM   487  C  C   . LYS A 1 104 ? 16.658  -6.843  7.615   1.00 22.70  ? 88  LYS A C   1 
ATOM   488  O  O   . LYS A 1 104 ? 17.211  -7.942  7.801   1.00 24.26  ? 88  LYS A O   1 
ATOM   489  C  CB  . LYS A 1 104 ? 18.394  -5.111  6.508   1.00 19.27  ? 88  LYS A CB  1 
ATOM   490  N  N   . MET A 1 105 ? 15.695  -6.460  8.408   1.00 22.33  ? 89  MET A N   1 
ATOM   491  C  CA  . MET A 1 105 ? 15.136  -7.352  9.466   1.00 24.76  ? 89  MET A CA  1 
ATOM   492  C  C   . MET A 1 105 ? 14.606  -8.705  8.854   1.00 26.51  ? 89  MET A C   1 
ATOM   493  O  O   . MET A 1 105 ? 14.655  -9.813  9.485   1.00 26.02  ? 89  MET A O   1 
ATOM   494  C  CB  . MET A 1 105 ? 14.063  -6.604  10.200  1.00 23.30  ? 89  MET A CB  1 
ATOM   495  C  CG  . MET A 1 105 ? 13.546  -7.207  11.512  1.00 24.42  ? 89  MET A CG  1 
ATOM   496  S  SD  . MET A 1 105 ? 12.446  -5.945  12.128  1.00 27.48  ? 89  MET A SD  1 
ATOM   497  C  CE  . MET A 1 105 ? 12.063  -6.678  13.759  1.00 17.33  ? 89  MET A CE  1 
ATOM   498  N  N   . ILE A 1 106 ? 14.019  -8.579  7.697   1.00 18.94  ? 90  ILE A N   1 
ATOM   499  C  CA  . ILE A 1 106 ? 13.425  -9.708  7.042   1.00 20.82  ? 90  ILE A CA  1 
ATOM   500  C  C   . ILE A 1 106 ? 14.468  -10.487 6.310   1.00 22.58  ? 90  ILE A C   1 
ATOM   501  O  O   . ILE A 1 106 ? 14.505  -11.748 6.387   1.00 19.13  ? 90  ILE A O   1 
ATOM   502  C  CB  . ILE A 1 106 ? 12.190  -9.380  6.216   1.00 18.72  ? 90  ILE A CB  1 
ATOM   503  C  CG1 . ILE A 1 106 ? 11.172  -8.697  7.021   1.00 17.72  ? 90  ILE A CG1 1 
ATOM   504  C  CG2 . ILE A 1 106 ? 11.663  -10.579 5.472   1.00 17.28  ? 90  ILE A CG2 1 
ATOM   505  C  CD1 . ILE A 1 106 ? 10.069  -7.930  6.343   1.00 19.00  ? 90  ILE A CD1 1 
ATOM   506  N  N   . GLN A 1 107 ? 15.413  -9.837  5.578   1.00 22.26  ? 91  GLN A N   1 
ATOM   507  C  CA  . GLN A 1 107 ? 16.474  -10.466 4.889   1.00 24.40  ? 91  GLN A CA  1 
ATOM   508  C  C   . GLN A 1 107 ? 17.299  -11.314 5.827   1.00 21.55  ? 91  GLN A C   1 
ATOM   509  O  O   . GLN A 1 107 ? 17.669  -12.463 5.530   1.00 23.10  ? 91  GLN A O   1 
ATOM   510  C  CB  . GLN A 1 107 ? 17.284  -9.491  4.055   1.00 23.86  ? 91  GLN A CB  1 
ATOM   511  C  CG  . GLN A 1 107 ? 16.410  -9.043  2.920   1.00 26.74  ? 91  GLN A CG  1 
ATOM   512  C  CD  . GLN A 1 107 ? 16.945  -7.814  2.271   1.00 34.43  ? 91  GLN A CD  1 
ATOM   513  O  OE1 . GLN A 1 107 ? 17.869  -7.165  2.822   1.00 36.91  ? 91  GLN A OE1 1 
ATOM   514  N  NE2 . GLN A 1 107 ? 16.440  -7.492  1.062   1.00 29.63  ? 91  GLN A NE2 1 
ATOM   515  N  N   . GLU A 1 108 ? 17.574  -10.801 7.047   1.00 28.94  ? 92  GLU A N   1 
ATOM   516  C  CA  . GLU A 1 108 ? 18.485  -11.536 7.819   1.00 30.77  ? 92  GLU A CA  1 
ATOM   517  C  C   . GLU A 1 108 ? 17.889  -12.657 8.694   1.00 21.81  ? 92  GLU A C   1 
ATOM   518  O  O   . GLU A 1 108 ? 18.693  -13.425 9.165   1.00 23.64  ? 92  GLU A O   1 
ATOM   519  C  CB  . GLU A 1 108 ? 19.417  -10.607 8.441   1.00 46.57  ? 92  GLU A CB  1 
ATOM   520  C  CG  . GLU A 1 108 ? 18.745  -10.077 9.584   1.00 29.21  ? 92  GLU A CG  1 
ATOM   521  C  CD  . GLU A 1 108 ? 19.561  -8.947  10.272  1.00 52.50  ? 92  GLU A CD  1 
ATOM   522  O  OE1 . GLU A 1 108 ? 19.207  -8.695  11.419  1.00 46.32  ? 92  GLU A OE1 1 
ATOM   523  O  OE2 . GLU A 1 108 ? 20.498  -8.328  9.693   1.00 55.56  ? 92  GLU A OE2 1 
ATOM   524  N  N   . VAL A 1 109 ? 16.626  -12.983 8.500   1.00 19.61  ? 93  VAL A N   1 
ATOM   525  C  CA  . VAL A 1 109 ? 16.160  -14.193 9.066   1.00 20.43  ? 93  VAL A CA  1 
ATOM   526  C  C   . VAL A 1 109 ? 16.141  -15.213 7.910   1.00 30.16  ? 93  VAL A C   1 
ATOM   527  O  O   . VAL A 1 109 ? 15.355  -15.086 6.978   1.00 27.64  ? 93  VAL A O   1 
ATOM   528  C  CB  . VAL A 1 109 ? 14.778  -13.958 9.677   1.00 18.73  ? 93  VAL A CB  1 
ATOM   529  C  CG1 . VAL A 1 109 ? 14.026  -15.135 10.191  1.00 20.60  ? 93  VAL A CG1 1 
ATOM   530  C  CG2 . VAL A 1 109 ? 14.777  -12.751 10.598  1.00 21.20  ? 93  VAL A CG2 1 
ATOM   531  N  N   . LYS A 1 110 ? 16.889  -16.318 8.051   1.00 24.34  ? 94  LYS A N   1 
ATOM   532  C  CA  . LYS A 1 110 ? 16.965  -17.356 7.117   1.00 21.67  ? 94  LYS A CA  1 
ATOM   533  C  C   . LYS A 1 110 ? 15.879  -18.432 7.295   1.00 17.75  ? 94  LYS A C   1 
ATOM   534  O  O   . LYS A 1 110 ? 15.421  -18.729 8.393   1.00 21.53  ? 94  LYS A O   1 
ATOM   535  C  CB  . LYS A 1 110 ? 18.305  -18.078 7.157   1.00 24.29  ? 94  LYS A CB  1 
ATOM   536  C  CG  . LYS A 1 110 ? 19.470  -17.050 6.973   1.00 28.37  ? 94  LYS A CG  1 
ATOM   537  C  CD  . LYS A 1 110 ? 19.394  -16.341 5.603   1.00 29.28  ? 94  LYS A CD  1 
ATOM   538  C  CE  . LYS A 1 110 ? 20.087  -15.044 5.877   1.00 25.55  ? 94  LYS A CE  1 
ATOM   539  N  NZ  . LYS A 1 110 ? 20.797  -14.533 4.724   1.00 27.64  ? 94  LYS A NZ  1 
ATOM   540  N  N   . GLY A 1 111 ? 15.650  -19.187 6.228   1.00 18.63  ? 95  GLY A N   1 
ATOM   541  C  CA  . GLY A 1 111 ? 14.853  -20.367 6.375   1.00 18.87  ? 95  GLY A CA  1 
ATOM   542  C  C   . GLY A 1 111 ? 13.337  -20.119 6.322   1.00 16.94  ? 95  GLY A C   1 
ATOM   543  O  O   . GLY A 1 111 ? 12.689  -20.530 5.295   1.00 17.56  ? 95  GLY A O   1 
ATOM   544  N  N   . GLU A 1 112 ? 12.828  -19.547 7.393   1.00 20.75  ? 96  GLU A N   1 
ATOM   545  C  CA  . GLU A 1 112 ? 11.454  -18.994 7.489   1.00 17.27  ? 96  GLU A CA  1 
ATOM   546  C  C   . GLU A 1 112 ? 11.463  -17.752 8.368   1.00 21.05  ? 96  GLU A C   1 
ATOM   547  O  O   . GLU A 1 112 ? 12.347  -17.518 9.200   1.00 18.29  ? 96  GLU A O   1 
ATOM   548  C  CB  . GLU A 1 112 ? 10.584  -20.018 8.097   1.00 20.80  ? 96  GLU A CB  1 
ATOM   549  C  CG  . GLU A 1 112 ? 10.966  -20.549 9.472   1.00 20.76  ? 96  GLU A CG  1 
ATOM   550  C  CD  . GLU A 1 112 ? 10.046  -21.577 10.107  1.00 24.71  ? 96  GLU A CD  1 
ATOM   551  O  OE1 . GLU A 1 112 ? 9.391   -22.420 9.426   1.00 30.80  ? 96  GLU A OE1 1 
ATOM   552  O  OE2 . GLU A 1 112 ? 10.000  -21.707 11.345  1.00 25.58  ? 96  GLU A OE2 1 
ATOM   553  N  N   . VAL A 1 113 ? 10.354  -17.059 8.246   1.00 15.47  ? 97  VAL A N   1 
ATOM   554  C  CA  . VAL A 1 113 ? 10.202  -15.692 8.919   1.00 14.36  ? 97  VAL A CA  1 
ATOM   555  C  C   . VAL A 1 113 ? 8.706   -15.627 9.257   1.00 15.48  ? 97  VAL A C   1 
ATOM   556  O  O   . VAL A 1 113 ? 7.919   -16.097 8.405   1.00 16.55  ? 97  VAL A O   1 
ATOM   557  C  CB  . VAL A 1 113 ? 10.714  -14.473 8.182   1.00 13.16  ? 97  VAL A CB  1 
ATOM   558  C  CG1 . VAL A 1 113 ? 10.052  -14.230 6.889   1.00 15.46  ? 97  VAL A CG1 1 
ATOM   559  C  CG2 . VAL A 1 113 ? 10.419  -13.212 9.115   1.00 18.03  ? 97  VAL A CG2 1 
ATOM   560  N  N   . THR A 1 114 ? 8.352   -15.161 10.502  1.00 17.54  ? 98  THR A N   1 
ATOM   561  C  CA  . THR A 1 114 ? 6.999   -14.923 10.818  1.00 16.19  ? 98  THR A CA  1 
ATOM   562  C  C   . THR A 1 114 ? 6.692   -13.415 10.641  1.00 17.31  ? 98  THR A C   1 
ATOM   563  O  O   . THR A 1 114 ? 7.405   -12.459 11.208  1.00 16.18  ? 98  THR A O   1 
ATOM   564  C  CB  . THR A 1 114 ? 6.657   -15.524 12.279  1.00 17.27  ? 98  THR A CB  1 
ATOM   565  O  OG1 . THR A 1 114 ? 6.984   -16.927 12.263  1.00 18.84  ? 98  THR A OG1 1 
ATOM   566  C  CG2 . THR A 1 114 ? 5.305   -15.347 12.639  1.00 16.34  ? 98  THR A CG2 1 
ATOM   567  N  N   . ILE A 1 115 ? 5.616   -13.140 9.961   1.00 11.76  ? 99  ILE A N   1 
ATOM   568  C  CA  . ILE A 1 115 ? 5.088   -11.859 9.643   1.00 15.88  ? 99  ILE A CA  1 
ATOM   569  C  C   . ILE A 1 115 ? 3.887   -11.562 10.411  1.00 14.65  ? 99  ILE A C   1 
ATOM   570  O  O   . ILE A 1 115 ? 2.848   -12.206 10.207  1.00 14.59  ? 99  ILE A O   1 
ATOM   571  C  CB  . ILE A 1 115 ? 4.899   -11.538 8.105   1.00 16.03  ? 99  ILE A CB  1 
ATOM   572  C  CG1 . ILE A 1 115 ? 6.112   -11.792 7.336   1.00 17.15  ? 99  ILE A CG1 1 
ATOM   573  C  CG2 . ILE A 1 115 ? 4.438   -10.082 7.918   1.00 16.92  ? 99  ILE A CG2 1 
ATOM   574  C  CD1 . ILE A 1 115 ? 7.399   -11.168 7.743   1.00 16.09  ? 99  ILE A CD1 1 
ATOM   575  N  N   . HIS A 1 116 ? 3.878   -10.515 11.289  1.00 13.14  ? 100 HIS A N   1 
ATOM   576  C  CA  . HIS A 1 116 ? 2.848   -10.145 12.060  1.00 14.41  ? 100 HIS A CA  1 
ATOM   577  C  C   . HIS A 1 116 ? 2.133   -8.916  11.304  1.00 15.21  ? 100 HIS A C   1 
ATOM   578  O  O   . HIS A 1 116 ? 2.900   -8.107  10.909  1.00 14.19  ? 100 HIS A O   1 
ATOM   579  C  CB  . HIS A 1 116 ? 3.329   -9.738  13.443  1.00 16.58  ? 100 HIS A CB  1 
ATOM   580  C  CG  . HIS A 1 116 ? 4.067   -10.810 14.182  1.00 18.48  ? 100 HIS A CG  1 
ATOM   581  N  ND1 . HIS A 1 116 ? 3.551   -11.365 15.315  1.00 17.10  ? 100 HIS A ND1 1 
ATOM   582  C  CD2 . HIS A 1 116 ? 5.151   -11.565 13.842  1.00 18.35  ? 100 HIS A CD2 1 
ATOM   583  C  CE1 . HIS A 1 116 ? 4.418   -12.275 15.778  1.00 20.47  ? 100 HIS A CE1 1 
ATOM   584  N  NE2 . HIS A 1 116 ? 5.393   -12.425 14.899  1.00 22.04  ? 100 HIS A NE2 1 
ATOM   585  N  N   . TYR A 1 117 ? 0.859   -8.999  11.035  1.00 15.09  ? 101 TYR A N   1 
ATOM   586  C  CA  . TYR A 1 117 ? 0.181   -8.078  10.284  1.00 15.15  ? 101 TYR A CA  1 
ATOM   587  C  C   . TYR A 1 117 ? -1.256  -7.771  10.758  1.00 18.96  ? 101 TYR A C   1 
ATOM   588  O  O   . TYR A 1 117 ? -1.882  -8.530  11.605  1.00 20.48  ? 101 TYR A O   1 
ATOM   589  C  CB  . TYR A 1 117 ? 0.114   -8.610  8.812   1.00 18.30  ? 101 TYR A CB  1 
ATOM   590  C  CG  . TYR A 1 117 ? -0.702  -9.921  8.653   1.00 16.98  ? 101 TYR A CG  1 
ATOM   591  C  CD1 . TYR A 1 117 ? -2.104  -9.902  8.670   1.00 20.96  ? 101 TYR A CD1 1 
ATOM   592  C  CD2 . TYR A 1 117 ? -0.107  -11.160 8.863   1.00 16.83  ? 101 TYR A CD2 1 
ATOM   593  C  CE1 . TYR A 1 117 ? -2.806  -10.997 8.738   1.00 22.52  ? 101 TYR A CE1 1 
ATOM   594  C  CE2 . TYR A 1 117 ? -0.874  -12.255 8.894   1.00 16.66  ? 101 TYR A CE2 1 
ATOM   595  C  CZ  . TYR A 1 117 ? -2.178  -12.168 8.811   1.00 22.10  ? 101 TYR A CZ  1 
ATOM   596  O  OH  . TYR A 1 117 ? -2.915  -13.287 8.929   1.00 19.64  ? 101 TYR A OH  1 
ATOM   597  N  N   . ASN A 1 118 ? -1.788  -6.732  10.148  1.00 17.08  ? 102 ASN A N   1 
ATOM   598  C  CA  . ASN A 1 118 ? -3.181  -6.364  10.258  1.00 22.86  ? 102 ASN A CA  1 
ATOM   599  C  C   . ASN A 1 118 ? -3.824  -6.462  8.919   1.00 18.00  ? 102 ASN A C   1 
ATOM   600  O  O   . ASN A 1 118 ? -3.193  -5.998  7.867   1.00 19.38  ? 102 ASN A O   1 
ATOM   601  C  CB  . ASN A 1 118 ? -3.367  -5.012  10.835  1.00 20.79  ? 102 ASN A CB  1 
ATOM   602  C  CG  . ASN A 1 118 ? -2.945  -4.926  12.312  1.00 23.19  ? 102 ASN A CG  1 
ATOM   603  O  OD1 . ASN A 1 118 ? -3.129  -5.827  13.142  1.00 19.55  ? 102 ASN A OD1 1 
ATOM   604  N  ND2 . ASN A 1 118 ? -2.446  -3.769  12.655  1.00 22.20  ? 102 ASN A ND2 1 
ATOM   605  N  N   . LYS A 1 119 ? -4.993  -7.097  8.825   1.00 17.81  ? 103 LYS A N   1 
ATOM   606  C  CA  . LYS A 1 119 ? -5.543  -7.444  7.548   1.00 22.32  ? 103 LYS A CA  1 
ATOM   607  C  C   . LYS A 1 119 ? -6.212  -6.159  7.108   1.00 32.87  ? 103 LYS A C   1 
ATOM   608  O  O   . LYS A 1 119 ? -6.748  -5.484  7.914   1.00 22.06  ? 103 LYS A O   1 
ATOM   609  C  CB  . LYS A 1 119 ? -6.514  -8.581  7.674   1.00 26.31  ? 103 LYS A CB  1 
ATOM   610  C  CG  . LYS A 1 119 ? -6.003  -9.876  6.964   1.00 32.35  ? 103 LYS A CG  1 
ATOM   611  C  CD  . LYS A 1 119 ? -6.013  -9.693  5.474   1.00 35.83  ? 103 LYS A CD  1 
ATOM   612  C  CE  . LYS A 1 119 ? -5.116  -10.653 4.761   1.00 31.67  ? 103 LYS A CE  1 
ATOM   613  N  NZ  . LYS A 1 119 ? -4.646  -10.236 3.425   1.00 29.10  ? 103 LYS A NZ  1 
ATOM   614  N  N   . LEU A 1 120 ? -6.093  -5.818  5.836   1.00 25.76  ? 104 LEU A N   1 
ATOM   615  C  CA  . LEU A 1 120 ? -6.719  -4.533  5.317   1.00 28.10  ? 104 LEU A CA  1 
ATOM   616  C  C   . LEU A 1 120 ? -8.258  -4.578  5.192   1.00 33.15  ? 104 LEU A C   1 
ATOM   617  O  O   . LEU A 1 120 ? -8.808  -5.607  4.769   1.00 31.26  ? 104 LEU A O   1 
ATOM   618  C  CB  . LEU A 1 120 ? -6.149  -4.055  3.911   1.00 28.81  ? 104 LEU A CB  1 
ATOM   619  C  CG  . LEU A 1 120 ? -6.773  -2.859  3.132   1.00 29.23  ? 104 LEU A CG  1 
ATOM   620  C  CD1 . LEU A 1 120 ? -6.369  -1.506  3.761   1.00 26.68  ? 104 LEU A CD1 1 
ATOM   621  C  CD2 . LEU A 1 120 ? -6.510  -2.874  1.633   1.00 24.81  ? 104 LEU A CD2 1 
ATOM   622  N  N   . VAL B 1 35  ? 8.568   11.214  -5.003  1.00 36.87  ? 19  VAL B N   1 
ATOM   623  C  CA  . VAL B 1 35  ? 8.618   12.555  -5.632  1.00 40.55  ? 19  VAL B CA  1 
ATOM   624  C  C   . VAL B 1 35  ? 7.187   13.025  -5.913  1.00 40.60  ? 19  VAL B C   1 
ATOM   625  O  O   . VAL B 1 35  ? 6.497   12.222  -6.615  1.00 32.13  ? 19  VAL B O   1 
ATOM   626  C  CB  . VAL B 1 35  ? 9.433   12.484  -6.946  1.00 44.15  ? 19  VAL B CB  1 
ATOM   627  C  CG1 . VAL B 1 35  ? 9.187   13.665  -7.867  1.00 37.62  ? 19  VAL B CG1 1 
ATOM   628  C  CG2 . VAL B 1 35  ? 10.920  12.447  -6.624  1.00 57.26  ? 19  VAL B CG2 1 
ATOM   629  N  N   . PRO B 1 36  ? 6.774   14.301  -5.525  1.00 38.36  ? 20  PRO B N   1 
ATOM   630  C  CA  . PRO B 1 36  ? 5.381   14.807  -5.754  1.00 34.58  ? 20  PRO B CA  1 
ATOM   631  C  C   . PRO B 1 36  ? 5.056   14.908  -7.252  1.00 34.52  ? 20  PRO B C   1 
ATOM   632  O  O   . PRO B 1 36  ? 5.964   15.238  -8.051  1.00 35.26  ? 20  PRO B O   1 
ATOM   633  C  CB  . PRO B 1 36  ? 5.389   16.156  -5.132  1.00 36.14  ? 20  PRO B CB  1 
ATOM   634  C  CG  . PRO B 1 36  ? 6.812   16.614  -5.331  1.00 32.27  ? 20  PRO B CG  1 
ATOM   635  C  CD  . PRO B 1 36  ? 7.644   15.396  -5.020  1.00 36.79  ? 20  PRO B CD  1 
ATOM   636  N  N   . GLY B 1 37  ? 3.824   14.472  -7.646  1.00 29.90  ? 21  GLY B N   1 
ATOM   637  C  CA  . GLY B 1 37  ? 3.240   14.791  -8.908  1.00 23.80  ? 21  GLY B CA  1 
ATOM   638  C  C   . GLY B 1 37  ? 1.693   14.864  -8.813  1.00 22.19  ? 21  GLY B C   1 
ATOM   639  O  O   . GLY B 1 37  ? 1.042   14.830  -7.717  1.00 21.06  ? 21  GLY B O   1 
ATOM   640  N  N   . LYS B 1 38  ? 1.175   15.103  -9.930  1.00 19.57  ? 22  LYS B N   1 
ATOM   641  C  CA  . LYS B 1 38  ? -0.348  15.078  -10.070 1.00 23.50  ? 22  LYS B CA  1 
ATOM   642  C  C   . LYS B 1 38  ? -0.841  14.625  -11.405 1.00 20.68  ? 22  LYS B C   1 
ATOM   643  O  O   . LYS B 1 38  ? -0.161  14.855  -12.414 1.00 26.02  ? 22  LYS B O   1 
ATOM   644  C  CB  . LYS B 1 38  ? -0.833  16.497  -9.844  1.00 20.20  ? 22  LYS B CB  1 
ATOM   645  C  CG  . LYS B 1 38  ? -0.767  17.456  -10.947 1.00 23.96  ? 22  LYS B CG  1 
ATOM   646  C  CD  . LYS B 1 38  ? -1.235  18.822  -10.409 1.00 26.21  ? 22  LYS B CD  1 
ATOM   647  C  CE  . LYS B 1 38  ? -0.562  19.920  -11.216 1.00 28.50  ? 22  LYS B CE  1 
ATOM   648  N  NZ  . LYS B 1 38  ? -1.073  21.324  -10.866 1.00 26.10  ? 22  LYS B NZ  1 
ATOM   649  N  N   . VAL B 1 39  ? -2.045  14.073  -11.511 1.00 15.96  ? 23  VAL B N   1 
ATOM   650  C  CA  . VAL B 1 39  ? -2.487  13.530  -12.755 1.00 18.91  ? 23  VAL B CA  1 
ATOM   651  C  C   . VAL B 1 39  ? -4.001  13.679  -12.749 1.00 18.86  ? 23  VAL B C   1 
ATOM   652  O  O   . VAL B 1 39  ? -4.640  13.254  -11.803 1.00 14.49  ? 23  VAL B O   1 
ATOM   653  C  CB  . VAL B 1 39  ? -2.092  11.994  -12.933 1.00 13.88  ? 23  VAL B CB  1 
ATOM   654  C  CG1 . VAL B 1 39  ? -2.775  11.103  -11.881 1.00 13.68  ? 23  VAL B CG1 1 
ATOM   655  C  CG2 . VAL B 1 39  ? -2.442  11.412  -14.263 1.00 17.24  ? 23  VAL B CG2 1 
ATOM   656  N  N   . THR B 1 40  ? -4.473  14.115  -13.897 1.00 18.26  ? 24  THR B N   1 
ATOM   657  C  CA  . THR B 1 40  ? -5.961  14.185  -14.064 1.00 17.36  ? 24  THR B CA  1 
ATOM   658  C  C   . THR B 1 40  ? -6.474  12.929  -14.745 1.00 17.23  ? 24  THR B C   1 
ATOM   659  O  O   . THR B 1 40  ? -6.133  12.710  -15.929 1.00 16.58  ? 24  THR B O   1 
ATOM   660  C  CB  . THR B 1 40  ? -6.253  15.418  -14.951 1.00 14.73  ? 24  THR B CB  1 
ATOM   661  O  OG1 . THR B 1 40  ? -5.732  16.578  -14.322 1.00 15.85  ? 24  THR B OG1 1 
ATOM   662  C  CG2 . THR B 1 40  ? -7.761  15.519  -15.098 1.00 12.41  ? 24  THR B CG2 1 
ATOM   663  N  N   . LEU B 1 41  ? -7.411  12.221  -14.096 1.00 14.10  ? 25  LEU B N   1 
ATOM   664  C  CA  . LEU B 1 41  ? -7.936  10.905  -14.564 1.00 16.45  ? 25  LEU B CA  1 
ATOM   665  C  C   . LEU B 1 41  ? -9.351  11.066  -15.045 1.00 17.42  ? 25  LEU B C   1 
ATOM   666  O  O   . LEU B 1 41  ? -10.181 11.591  -14.279 1.00 21.96  ? 25  LEU B O   1 
ATOM   667  C  CB  . LEU B 1 41  ? -7.830  9.714   -13.501 1.00 17.32  ? 25  LEU B CB  1 
ATOM   668  C  CG  . LEU B 1 41  ? -6.313  9.495   -13.376 1.00 18.11  ? 25  LEU B CG  1 
ATOM   669  C  CD1 . LEU B 1 41  ? -6.435  8.425   -12.293 1.00 23.20  ? 25  LEU B CD1 1 
ATOM   670  C  CD2 . LEU B 1 41  ? -5.478  9.048   -14.616 1.00 24.89  ? 25  LEU B CD2 1 
ATOM   671  N  N   . GLN B 1 42  ? -9.705  10.594  -16.230 1.00 17.74  ? 26  GLN B N   1 
ATOM   672  C  CA  . GLN B 1 42  ? -11.099 10.529  -16.616 1.00 15.28  ? 26  GLN B CA  1 
ATOM   673  C  C   . GLN B 1 42  ? -11.887 9.430   -15.740 1.00 23.95  ? 26  GLN B C   1 
ATOM   674  O  O   . GLN B 1 42  ? -11.550 8.200   -15.459 1.00 26.34  ? 26  GLN B O   1 
ATOM   675  C  CB  . GLN B 1 42  ? -11.107 10.348  -18.138 1.00 19.53  ? 26  GLN B CB  1 
ATOM   676  C  CG  . GLN B 1 42  ? -10.574 11.508  -18.983 1.00 21.62  ? 26  GLN B CG  1 
ATOM   677  C  CD  . GLN B 1 42  ? -10.939 12.853  -18.680 1.00 23.06  ? 26  GLN B CD  1 
ATOM   678  O  OE1 . GLN B 1 42  ? -12.147 13.136  -18.696 1.00 25.36  ? 26  GLN B OE1 1 
ATOM   679  N  NE2 . GLN B 1 42  ? -9.937  13.700  -18.196 1.00 20.61  ? 26  GLN B NE2 1 
ATOM   680  N  N   . LYS B 1 43  ? -13.085 9.779   -15.442 1.00 21.55  ? 27  LYS B N   1 
ATOM   681  C  CA  . LYS B 1 43  ? -14.038 8.837   -14.766 1.00 22.14  ? 27  LYS B CA  1 
ATOM   682  C  C   . LYS B 1 43  ? -14.747 7.989   -15.808 1.00 26.21  ? 27  LYS B C   1 
ATOM   683  O  O   . LYS B 1 43  ? -14.939 8.502   -16.950 1.00 21.79  ? 27  LYS B O   1 
ATOM   684  C  CB  . LYS B 1 43  ? -15.005 9.537   -13.946 1.00 20.64  ? 27  LYS B CB  1 
ATOM   685  C  CG  . LYS B 1 43  ? -14.252 10.305  -12.810 1.00 18.65  ? 27  LYS B CG  1 
ATOM   686  C  CD  . LYS B 1 43  ? -15.065 10.553  -11.649 1.00 20.09  ? 27  LYS B CD  1 
ATOM   687  C  CE  . LYS B 1 43  ? -14.430 10.501  -10.300 1.00 19.36  ? 27  LYS B CE  1 
ATOM   688  N  NZ  . LYS B 1 43  ? -15.331 9.970   -9.360  1.00 19.32  ? 27  LYS B NZ  1 
ATOM   689  N  N   . ASP B 1 44  ? -14.909 6.749   -15.511 1.00 20.24  ? 28  ASP B N   1 
ATOM   690  C  CA  . ASP B 1 44  ? -15.328 5.734   -16.493 1.00 20.48  ? 28  ASP B CA  1 
ATOM   691  C  C   . ASP B 1 44  ? -16.861 5.893   -16.411 1.00 18.77  ? 28  ASP B C   1 
ATOM   692  O  O   . ASP B 1 44  ? -17.368 6.670   -15.629 1.00 20.64  ? 28  ASP B O   1 
ATOM   693  C  CB  . ASP B 1 44  ? -14.815 4.217   -16.408 1.00 22.76  ? 28  ASP B CB  1 
ATOM   694  C  CG  . ASP B 1 44  ? -15.320 3.502   -15.120 1.00 19.96  ? 28  ASP B CG  1 
ATOM   695  O  OD1 . ASP B 1 44  ? -16.166 4.102   -14.407 1.00 19.86  ? 28  ASP B OD1 1 
ATOM   696  O  OD2 . ASP B 1 44  ? -14.725 2.540   -14.798 1.00 26.93  ? 28  ASP B OD2 1 
ATOM   697  N  N   . ALA B 1 45  ? -17.578 5.201   -17.248 1.00 24.44  ? 29  ALA B N   1 
ATOM   698  C  CA  . ALA B 1 45  ? -19.027 5.293   -17.236 1.00 24.63  ? 29  ALA B CA  1 
ATOM   699  C  C   . ALA B 1 45  ? -19.683 4.904   -15.944 1.00 32.52  ? 29  ALA B C   1 
ATOM   700  O  O   . ALA B 1 45  ? -20.854 5.245   -15.725 1.00 39.28  ? 29  ALA B O   1 
ATOM   701  C  CB  . ALA B 1 45  ? -19.562 4.448   -18.383 1.00 25.64  ? 29  ALA B CB  1 
ATOM   702  N  N   . GLN B 1 46  ? -18.977 4.132   -15.119 1.00 24.53  ? 30  GLN B N   1 
ATOM   703  C  CA  . GLN B 1 46  ? -19.380 3.704   -13.761 1.00 22.71  ? 30  GLN B CA  1 
ATOM   704  C  C   . GLN B 1 46  ? -18.987 4.713   -12.622 1.00 21.54  ? 30  GLN B C   1 
ATOM   705  O  O   . GLN B 1 46  ? -19.006 4.387   -11.386 1.00 23.34  ? 30  GLN B O   1 
ATOM   706  C  CB  . GLN B 1 46  ? -18.829 2.251   -13.428 1.00 28.16  ? 30  GLN B CB  1 
ATOM   707  C  CG  . GLN B 1 46  ? -19.345 1.103   -14.403 1.00 31.92  ? 30  GLN B CG  1 
ATOM   708  C  CD  . GLN B 1 46  ? -18.944 1.273   -15.859 1.00 38.64  ? 30  GLN B CD  1 
ATOM   709  O  OE1 . GLN B 1 46  ? -19.774 1.653   -16.766 1.00 44.18  ? 30  GLN B OE1 1 
ATOM   710  N  NE2 . GLN B 1 46  ? -17.647 1.130   -16.100 1.00 36.31  ? 30  GLN B NE2 1 
ATOM   711  N  N   . ASN B 1 47  ? -18.551 5.880   -13.095 1.00 22.04  ? 31  ASN B N   1 
ATOM   712  C  CA  . ASN B 1 47  ? -17.936 6.918   -12.239 1.00 22.26  ? 31  ASN B CA  1 
ATOM   713  C  C   . ASN B 1 47  ? -16.738 6.410   -11.402 1.00 22.41  ? 31  ASN B C   1 
ATOM   714  O  O   . ASN B 1 47  ? -16.716 6.751   -10.237 1.00 23.96  ? 31  ASN B O   1 
ATOM   715  C  CB  . ASN B 1 47  ? -19.000 7.452   -11.293 1.00 22.10  ? 31  ASN B CB  1 
ATOM   716  C  CG  . ASN B 1 47  ? -18.509 8.612   -10.435 1.00 19.26  ? 31  ASN B CG  1 
ATOM   717  O  OD1 . ASN B 1 47  ? -17.715 9.460   -10.805 1.00 21.93  ? 31  ASN B OD1 1 
ATOM   718  N  ND2 . ASN B 1 47  ? -18.884 8.529   -9.200  1.00 18.97  ? 31  ASN B ND2 1 
ATOM   719  N  N   . LEU B 1 48  ? -15.860 5.558   -11.986 1.00 21.85  ? 32  LEU B N   1 
ATOM   720  C  CA  . LEU B 1 48  ? -14.662 5.147   -11.340 1.00 19.08  ? 32  LEU B CA  1 
ATOM   721  C  C   . LEU B 1 48  ? -13.380 5.600   -11.999 1.00 15.18  ? 32  LEU B C   1 
ATOM   722  O  O   . LEU B 1 48  ? -13.323 5.684   -13.211 1.00 16.29  ? 32  LEU B O   1 
ATOM   723  C  CB  . LEU B 1 48  ? -14.665 3.604   -11.244 1.00 21.76  ? 32  LEU B CB  1 
ATOM   724  C  CG  . LEU B 1 48  ? -15.851 2.936   -10.653 1.00 23.06  ? 32  LEU B CG  1 
ATOM   725  C  CD1 . LEU B 1 48  ? -15.537 1.453   -10.736 1.00 23.40  ? 32  LEU B CD1 1 
ATOM   726  C  CD2 . LEU B 1 48  ? -16.057 3.266   -9.217  1.00 26.32  ? 32  LEU B CD2 1 
ATOM   727  N  N   . ILE B 1 49  ? -12.279 5.800   -11.201 1.00 13.22  ? 33  ILE B N   1 
ATOM   728  C  CA  . ILE B 1 49  ? -11.010 5.912   -11.802 1.00 13.19  ? 33  ILE B CA  1 
ATOM   729  C  C   . ILE B 1 49  ? -10.291 4.441   -11.759 1.00 13.30  ? 33  ILE B C   1 
ATOM   730  O  O   . ILE B 1 49  ? -9.391  4.204   -12.529 1.00 13.50  ? 33  ILE B O   1 
ATOM   731  C  CB  . ILE B 1 49  ? -10.110 6.968   -11.136 1.00 11.32  ? 33  ILE B CB  1 
ATOM   732  C  CG1 . ILE B 1 49  ? -9.962  6.781   -9.648  1.00 12.52  ? 33  ILE B CG1 1 
ATOM   733  C  CG2 . ILE B 1 49  ? -10.611 8.468   -11.346 1.00 11.35  ? 33  ILE B CG2 1 
ATOM   734  C  CD1 . ILE B 1 49  ? -8.735  7.591   -9.039  1.00 13.82  ? 33  ILE B CD1 1 
ATOM   735  N  N   . GLY B 1 50  ? -10.706 3.619   -10.789 1.00 10.85  ? 34  GLY B N   1 
ATOM   736  C  CA  . GLY B 1 50  ? -10.220 2.173   -10.733 1.00 14.47  ? 34  GLY B CA  1 
ATOM   737  C  C   . GLY B 1 50  ? -9.060  2.031   -9.773  1.00 15.93  ? 34  GLY B C   1 
ATOM   738  O  O   . GLY B 1 50  ? -8.071  1.313   -10.052 1.00 13.32  ? 34  GLY B O   1 
ATOM   739  N  N   . ILE B 1 51  ? -9.095  2.700   -8.588  1.00 17.69  ? 35  ILE B N   1 
ATOM   740  C  CA  . ILE B 1 51  ? -8.178  2.386   -7.573  1.00 19.97  ? 35  ILE B CA  1 
ATOM   741  C  C   . ILE B 1 51  ? -8.933  2.053   -6.250  1.00 19.03  ? 35  ILE B C   1 
ATOM   742  O  O   . ILE B 1 51  ? -10.031 2.501   -6.043  1.00 16.06  ? 35  ILE B O   1 
ATOM   743  C  CB  . ILE B 1 51  ? -7.128  3.394   -7.378  1.00 17.34  ? 35  ILE B CB  1 
ATOM   744  C  CG1 . ILE B 1 51  ? -7.808  4.678   -6.689  1.00 15.14  ? 35  ILE B CG1 1 
ATOM   745  C  CG2 . ILE B 1 51  ? -6.426  3.855   -8.659  1.00 14.54  ? 35  ILE B CG2 1 
ATOM   746  C  CD1 . ILE B 1 51  ? -6.925  5.858   -6.321  1.00 20.58  ? 35  ILE B CD1 1 
ATOM   747  N  N   . SER B 1 52  ? -8.269  1.258   -5.371  1.00 13.85  ? 36  SER B N   1 
ATOM   748  C  CA  . SER B 1 52  ? -8.595  1.141   -3.901  1.00 13.36  ? 36  SER B CA  1 
ATOM   749  C  C   . SER B 1 52  ? -7.474  1.874   -3.168  1.00 14.63  ? 36  SER B C   1 
ATOM   750  O  O   . SER B 1 52  ? -6.327  2.220   -3.651  1.00 13.51  ? 36  SER B O   1 
ATOM   751  C  CB  . SER B 1 52  ? -8.643  -0.283  -3.484  1.00 12.63  ? 36  SER B CB  1 
ATOM   752  O  OG  . SER B 1 52  ? -7.294  -0.889  -3.503  1.00 11.81  ? 36  SER B OG  1 
ATOM   753  N  N   . ILE B 1 53  ? -7.814  2.110   -1.923  1.00 20.19  ? 37  ILE B N   1 
ATOM   754  C  CA  . ILE B 1 53  ? -7.001  3.001   -1.074  1.00 16.64  ? 37  ILE B CA  1 
ATOM   755  C  C   . ILE B 1 53  ? -6.816  2.360   0.342   1.00 14.64  ? 37  ILE B C   1 
ATOM   756  O  O   . ILE B 1 53  ? -7.624  1.467   0.714   1.00 15.38  ? 37  ILE B O   1 
ATOM   757  C  CB  . ILE B 1 53  ? -7.493  4.474   -1.015  1.00 17.43  ? 37  ILE B CB  1 
ATOM   758  C  CG1 . ILE B 1 53  ? -8.852  4.632   -0.496  1.00 13.85  ? 37  ILE B CG1 1 
ATOM   759  C  CG2 . ILE B 1 53  ? -7.130  5.241   -2.320  1.00 13.37  ? 37  ILE B CG2 1 
ATOM   760  C  CD1 . ILE B 1 53  ? -9.384  6.060   -0.214  1.00 16.57  ? 37  ILE B CD1 1 
ATOM   761  N  N   . GLY B 1 54  ? -5.739  2.647   1.048   1.00 15.22  ? 38  GLY B N   1 
ATOM   762  C  CA  . GLY B 1 54  ? -5.813  2.202   2.529   1.00 14.19  ? 38  GLY B CA  1 
ATOM   763  C  C   . GLY B 1 54  ? -5.067  3.242   3.293   1.00 19.01  ? 38  GLY B C   1 
ATOM   764  O  O   . GLY B 1 54  ? -4.493  4.210   2.791   1.00 17.01  ? 38  GLY B O   1 
ATOM   765  N  N   . GLY B 1 55  ? -5.039  3.076   4.626   1.00 16.10  ? 39  GLY B N   1 
ATOM   766  C  CA  . GLY B 1 55  ? -4.439  4.060   5.512   1.00 16.99  ? 39  GLY B CA  1 
ATOM   767  C  C   . GLY B 1 55  ? -5.567  4.917   5.953   1.00 15.18  ? 39  GLY B C   1 
ATOM   768  O  O   . GLY B 1 55  ? -6.683  4.508   5.831   1.00 19.45  ? 39  GLY B O   1 
ATOM   769  N  N   . GLY B 1 56  ? -5.251  6.098   6.357   1.00 23.06  ? 40  GLY B N   1 
ATOM   770  C  CA  . GLY B 1 56  ? -6.159  7.219   6.757   1.00 21.14  ? 40  GLY B CA  1 
ATOM   771  C  C   . GLY B 1 56  ? -6.907  6.910   8.073   1.00 25.04  ? 40  GLY B C   1 
ATOM   772  O  O   . GLY B 1 56  ? -8.163  6.975   8.204   1.00 32.03  ? 40  GLY B O   1 
ATOM   773  N  N   . ALA B 1 57  ? -6.079  6.496   9.027   1.00 21.35  ? 41  ALA B N   1 
ATOM   774  C  CA  . ALA B 1 57  ? -6.572  5.936   10.328  1.00 26.59  ? 41  ALA B CA  1 
ATOM   775  C  C   . ALA B 1 57  ? -6.189  6.875   11.437  1.00 24.30  ? 41  ALA B C   1 
ATOM   776  O  O   . ALA B 1 57  ? -4.989  7.162   11.558  1.00 32.05  ? 41  ALA B O   1 
ATOM   777  C  CB  . ALA B 1 57  ? -5.876  4.586   10.538  1.00 29.65  ? 41  ALA B CB  1 
ATOM   778  N  N   . TYR B 1 59  ? -4.121  6.102   14.190  1.00 16.57  ? 43  TYR B N   1 
ATOM   779  C  CA  . TYR B 1 59  ? -2.638  6.136   14.224  1.00 18.83  ? 43  TYR B CA  1 
ATOM   780  C  C   . TYR B 1 59  ? -1.848  5.794   13.001  1.00 23.13  ? 43  TYR B C   1 
ATOM   781  O  O   . TYR B 1 59  ? -0.586  5.698   13.074  1.00 22.55  ? 43  TYR B O   1 
ATOM   782  C  CB  . TYR B 1 59  ? -2.096  5.316   15.416  1.00 32.77  ? 43  TYR B CB  1 
ATOM   783  C  CG  . TYR B 1 59  ? -2.916  5.337   16.715  1.00 42.60  ? 43  TYR B CG  1 
ATOM   784  C  CD1 . TYR B 1 59  ? -3.937  4.376   16.909  1.00 54.78  ? 43  TYR B CD1 1 
ATOM   785  C  CD2 . TYR B 1 59  ? -2.636  6.243   17.754  1.00 57.28  ? 43  TYR B CD2 1 
ATOM   786  C  CE1 . TYR B 1 59  ? -4.704  4.359   18.052  1.00 48.82  ? 43  TYR B CE1 1 
ATOM   787  C  CE2 . TYR B 1 59  ? -3.385  6.224   18.927  1.00 52.86  ? 43  TYR B CE2 1 
ATOM   788  C  CZ  . TYR B 1 59  ? -4.408  5.273   19.063  1.00 57.40  ? 43  TYR B CZ  1 
ATOM   789  O  OH  . TYR B 1 59  ? -5.182  5.212   20.173  1.00 66.82  ? 43  TYR B OH  1 
ATOM   790  N  N   . CYS B 1 60  ? -2.535  5.749   11.880  1.00 21.91  ? 44  CYS B N   1 
ATOM   791  C  CA  . CYS B 1 60  ? -1.862  5.576   10.571  1.00 27.84  ? 44  CYS B CA  1 
ATOM   792  C  C   . CYS B 1 60  ? -2.390  6.673   9.615   1.00 26.90  ? 44  CYS B C   1 
ATOM   793  O  O   . CYS B 1 60  ? -3.276  6.331   8.755   1.00 25.14  ? 44  CYS B O   1 
ATOM   794  C  CB  . CYS B 1 60  ? -2.026  4.200   9.913   1.00 24.19  ? 44  CYS B CB  1 
ATOM   795  S  SG  . CYS B 1 60  ? -1.229  2.785   10.750  1.00 27.04  ? 44  CYS B SG  1 
ATOM   796  N  N   . PRO B 1 61  ? -1.820  7.854   9.717   1.00 25.88  ? 45  PRO B N   1 
ATOM   797  C  CA  . PRO B 1 61  ? -2.457  9.001   9.070   1.00 29.59  ? 45  PRO B CA  1 
ATOM   798  C  C   . PRO B 1 61  ? -2.187  9.079   7.512   1.00 26.60  ? 45  PRO B C   1 
ATOM   799  O  O   . PRO B 1 61  ? -3.002  9.784   6.855   1.00 25.42  ? 45  PRO B O   1 
ATOM   800  C  CB  . PRO B 1 61  ? -1.831  10.177  9.811   1.00 34.44  ? 45  PRO B CB  1 
ATOM   801  C  CG  . PRO B 1 61  ? -0.404  9.813   9.958   1.00 31.34  ? 45  PRO B CG  1 
ATOM   802  C  CD  . PRO B 1 61  ? -0.516  8.293   10.298  1.00 37.29  ? 45  PRO B CD  1 
ATOM   803  N  N   . CYS B 1 62  ? -1.119  8.446   6.941   1.00 19.95  ? 46  CYS B N   1 
ATOM   804  C  CA  . CYS B 1 62  ? -0.844  8.631   5.416   1.00 21.04  ? 46  CYS B CA  1 
ATOM   805  C  C   . CYS B 1 62  ? -1.780  7.755   4.647   1.00 19.90  ? 46  CYS B C   1 
ATOM   806  O  O   . CYS B 1 62  ? -2.374  6.886   5.270   1.00 24.20  ? 46  CYS B O   1 
ATOM   807  C  CB  . CYS B 1 62  ? 0.587   8.535   4.945   1.00 14.95  ? 46  CYS B CB  1 
ATOM   808  S  SG  . CYS B 1 62  ? 1.613   9.645   6.015   1.00 28.50  ? 46  CYS B SG  1 
ATOM   809  N  N   . LEU B 1 63  ? -1.984  8.056   3.342   1.00 15.28  ? 47  LEU B N   1 
ATOM   810  C  CA  . LEU B 1 63  ? -3.089  7.470   2.577   1.00 18.78  ? 47  LEU B CA  1 
ATOM   811  C  C   . LEU B 1 63  ? -2.372  7.012   1.351   1.00 16.06  ? 47  LEU B C   1 
ATOM   812  O  O   . LEU B 1 63  ? -1.734  7.917   0.702   1.00 17.06  ? 47  LEU B O   1 
ATOM   813  C  CB  . LEU B 1 63  ? -4.183  8.590   2.225   1.00 15.11  ? 47  LEU B CB  1 
ATOM   814  C  CG  . LEU B 1 63  ? -5.377  7.834   1.661   1.00 13.80  ? 47  LEU B CG  1 
ATOM   815  C  CD1 . LEU B 1 63  ? -6.213  7.145   2.766   1.00 16.04  ? 47  LEU B CD1 1 
ATOM   816  C  CD2 . LEU B 1 63  ? -6.402  8.676   1.003   1.00 15.92  ? 47  LEU B CD2 1 
ATOM   817  N  N   . TYR B 1 64  ? -2.632  5.755   0.908   1.00 18.22  ? 48  TYR B N   1 
ATOM   818  C  CA  . TYR B 1 64  ? -2.022  5.173   -0.252  1.00 16.77  ? 48  TYR B CA  1 
ATOM   819  C  C   . TYR B 1 64  ? -2.976  4.567   -1.204  1.00 13.16  ? 48  TYR B C   1 
ATOM   820  O  O   . TYR B 1 64  ? -4.054  4.051   -0.793  1.00 16.26  ? 48  TYR B O   1 
ATOM   821  C  CB  . TYR B 1 64  ? -1.101  4.075   0.253   1.00 20.44  ? 48  TYR B CB  1 
ATOM   822  C  CG  . TYR B 1 64  ? -0.032  4.527   1.176   1.00 14.77  ? 48  TYR B CG  1 
ATOM   823  C  CD1 . TYR B 1 64  ? 1.170   4.939   0.680   1.00 18.11  ? 48  TYR B CD1 1 
ATOM   824  C  CD2 . TYR B 1 64  ? -0.261  4.524   2.608   1.00 16.83  ? 48  TYR B CD2 1 
ATOM   825  C  CE1 . TYR B 1 64  ? 2.155   5.491   1.547   1.00 15.88  ? 48  TYR B CE1 1 
ATOM   826  C  CE2 . TYR B 1 64  ? 0.748   4.897   3.448   1.00 15.74  ? 48  TYR B CE2 1 
ATOM   827  C  CZ  . TYR B 1 64  ? 1.932   5.322   2.906   1.00 16.17  ? 48  TYR B CZ  1 
ATOM   828  O  OH  . TYR B 1 64  ? 2.914   5.748   3.729   1.00 17.34  ? 48  TYR B OH  1 
ATOM   829  N  N   . ILE B 1 65  ? -2.557  4.521   -2.490  1.00 13.08  ? 49  ILE B N   1 
ATOM   830  C  CA  . ILE B 1 65  ? -3.165  3.632   -3.440  1.00 13.72  ? 49  ILE B CA  1 
ATOM   831  C  C   . ILE B 1 65  ? -2.766  2.189   -3.083  1.00 14.76  ? 49  ILE B C   1 
ATOM   832  O  O   . ILE B 1 65  ? -1.587  1.999   -2.840  1.00 18.95  ? 49  ILE B O   1 
ATOM   833  C  CB  . ILE B 1 65  ? -2.680  4.020   -4.802  1.00 11.80  ? 49  ILE B CB  1 
ATOM   834  C  CG1 . ILE B 1 65  ? -3.140  5.440   -5.121  1.00 14.22  ? 49  ILE B CG1 1 
ATOM   835  C  CG2 . ILE B 1 65  ? -3.134  2.976   -5.837  1.00 15.18  ? 49  ILE B CG2 1 
ATOM   836  C  CD1 . ILE B 1 65  ? -2.802  5.993   -6.504  1.00 15.42  ? 49  ILE B CD1 1 
ATOM   837  N  N   . VAL B 1 66  ? -3.673  1.312   -2.807  1.00 10.96  ? 50  VAL B N   1 
ATOM   838  C  CA  . VAL B 1 66  ? -3.334  -0.144  -2.529  1.00 14.32  ? 50  VAL B CA  1 
ATOM   839  C  C   . VAL B 1 66  ? -3.471  -1.080  -3.842  1.00 18.40  ? 50  VAL B C   1 
ATOM   840  O  O   . VAL B 1 66  ? -2.719  -2.238  -3.996  1.00 20.32  ? 50  VAL B O   1 
ATOM   841  C  CB  . VAL B 1 66  ? -4.242  -0.661  -1.426  1.00 15.98  ? 50  VAL B CB  1 
ATOM   842  C  CG1 . VAL B 1 66  ? -3.922  -2.077  -1.117  1.00 16.33  ? 50  VAL B CG1 1 
ATOM   843  C  CG2 . VAL B 1 66  ? -4.057  0.154   -0.173  1.00 16.80  ? 50  VAL B CG2 1 
ATOM   844  N  N   . GLN B 1 67  ? -4.543  -0.887  -4.651  1.00 15.58  ? 51  GLN B N   1 
ATOM   845  C  CA  . GLN B 1 67  ? -4.714  -1.611  -5.919  1.00 18.52  ? 51  GLN B CA  1 
ATOM   846  C  C   . GLN B 1 67  ? -5.037  -0.638  -7.043  1.00 17.72  ? 51  GLN B C   1 
ATOM   847  O  O   . GLN B 1 67  ? -5.834  0.352   -6.899  1.00 14.06  ? 51  GLN B O   1 
ATOM   848  C  CB  . GLN B 1 67  ? -5.851  -2.585  -5.772  1.00 20.51  ? 51  GLN B CB  1 
ATOM   849  C  CG  . GLN B 1 67  ? -5.496  -3.890  -6.563  1.00 24.66  ? 51  GLN B CG  1 
ATOM   850  C  CD  . GLN B 1 67  ? -6.659  -4.926  -6.473  1.00 26.48  ? 51  GLN B CD  1 
ATOM   851  O  OE1 . GLN B 1 67  ? -7.357  -5.043  -5.421  1.00 24.95  ? 51  GLN B OE1 1 
ATOM   852  N  NE2 . GLN B 1 67  ? -6.847  -5.709  -7.583  1.00 26.01  ? 51  GLN B NE2 1 
ATOM   853  N  N   . VAL B 1 68  ? -4.551  -0.970  -8.227  1.00 14.47  ? 52  VAL B N   1 
ATOM   854  C  CA  . VAL B 1 68  ? -5.040  -0.263  -9.461  1.00 13.42  ? 52  VAL B CA  1 
ATOM   855  C  C   . VAL B 1 68  ? -5.663  -1.334  -10.323 1.00 16.05  ? 52  VAL B C   1 
ATOM   856  O  O   . VAL B 1 68  ? -5.045  -2.449  -10.544 1.00 16.47  ? 52  VAL B O   1 
ATOM   857  C  CB  . VAL B 1 68  ? -3.993  0.397   -10.298 1.00 15.80  ? 52  VAL B CB  1 
ATOM   858  C  CG1 . VAL B 1 68  ? -4.587  0.848   -11.691 1.00 19.86  ? 52  VAL B CG1 1 
ATOM   859  C  CG2 . VAL B 1 68  ? -3.237  1.593   -9.551  1.00 17.71  ? 52  VAL B CG2 1 
ATOM   860  N  N   . PHE B 1 69  ? -6.905  -1.200  -10.548 1.00 13.26  ? 53  PHE B N   1 
ATOM   861  C  CA  . PHE B 1 69  ? -7.639  -2.203  -11.219 1.00 11.42  ? 53  PHE B CA  1 
ATOM   862  C  C   . PHE B 1 69  ? -7.399  -2.241  -12.757 1.00 13.17  ? 53  PHE B C   1 
ATOM   863  O  O   . PHE B 1 69  ? -7.606  -1.234  -13.446 1.00 14.18  ? 53  PHE B O   1 
ATOM   864  C  CB  . PHE B 1 69  ? -8.972  -1.984  -10.887 1.00 13.22  ? 53  PHE B CB  1 
ATOM   865  C  CG  . PHE B 1 69  ? -9.396  -2.410  -9.436  1.00 13.07  ? 53  PHE B CG  1 
ATOM   866  C  CD1 . PHE B 1 69  ? -9.383  -3.781  -9.087  1.00 16.27  ? 53  PHE B CD1 1 
ATOM   867  C  CD2 . PHE B 1 69  ? -9.408  -1.494  -8.465  1.00 17.08  ? 53  PHE B CD2 1 
ATOM   868  C  CE1 . PHE B 1 69  ? -9.634  -4.158  -7.787  1.00 21.02  ? 53  PHE B CE1 1 
ATOM   869  C  CE2 . PHE B 1 69  ? -9.738  -1.816  -7.136  1.00 18.41  ? 53  PHE B CE2 1 
ATOM   870  C  CZ  . PHE B 1 69  ? -9.754  -3.166  -6.818  1.00 22.02  ? 53  PHE B CZ  1 
ATOM   871  N  N   . ASP B 1 70  ? -7.141  -3.456  -13.280 1.00 13.34  ? 54  ASP B N   1 
ATOM   872  C  CA  . ASP B 1 70  ? -7.098  -3.597  -14.736 1.00 17.07  ? 54  ASP B CA  1 
ATOM   873  C  C   . ASP B 1 70  ? -8.273  -3.053  -15.520 1.00 13.68  ? 54  ASP B C   1 
ATOM   874  O  O   . ASP B 1 70  ? -9.512  -3.258  -15.109 1.00 11.15  ? 54  ASP B O   1 
ATOM   875  C  CB  . ASP B 1 70  ? -7.052  -5.064  -15.115 1.00 16.31  ? 54  ASP B CB  1 
ATOM   876  C  CG  . ASP B 1 70  ? -5.787  -5.769  -14.681 1.00 15.73  ? 54  ASP B CG  1 
ATOM   877  O  OD1 . ASP B 1 70  ? -4.837  -5.182  -14.161 1.00 19.46  ? 54  ASP B OD1 1 
ATOM   878  O  OD2 . ASP B 1 70  ? -5.656  -6.926  -15.151 1.00 28.04  ? 54  ASP B OD2 1 
ATOM   879  N  N   . ASN B 1 71  ? -7.943  -2.449  -16.646 1.00 14.81  ? 55  ASN B N   1 
ATOM   880  C  CA  . ASN B 1 71  ? -8.900  -1.913  -17.549 1.00 19.30  ? 55  ASN B CA  1 
ATOM   881  C  C   . ASN B 1 71  ? -9.704  -0.733  -17.068 1.00 14.35  ? 55  ASN B C   1 
ATOM   882  O  O   . ASN B 1 71  ? -10.761 -0.503  -17.561 1.00 18.84  ? 55  ASN B O   1 
ATOM   883  C  CB  . ASN B 1 71  ? -9.768  -2.989  -18.140 1.00 20.03  ? 55  ASN B CB  1 
ATOM   884  C  CG  . ASN B 1 71  ? -9.439  -3.225  -19.586 1.00 23.15  ? 55  ASN B CG  1 
ATOM   885  O  OD1 . ASN B 1 71  ? -8.839  -4.197  -19.925 1.00 28.26  ? 55  ASN B OD1 1 
ATOM   886  N  ND2 . ASN B 1 71  ? -9.796  -2.295  -20.421 1.00 22.70  ? 55  ASN B ND2 1 
ATOM   887  N  N   . THR B 1 72  ? -9.145  -0.013  -16.108 1.00 16.44  ? 56  THR B N   1 
ATOM   888  C  CA  . THR B 1 72  ? -9.792  1.155   -15.658 1.00 20.60  ? 56  THR B CA  1 
ATOM   889  C  C   . THR B 1 72  ? -8.915  2.389   -16.159 1.00 15.94  ? 56  THR B C   1 
ATOM   890  O  O   . THR B 1 72  ? -7.738  2.192   -16.625 1.00 14.92  ? 56  THR B O   1 
ATOM   891  C  CB  . THR B 1 72  ? -9.827  1.186   -14.157 1.00 18.39  ? 56  THR B CB  1 
ATOM   892  O  OG1 . THR B 1 72  ? -8.454  1.341   -13.691 1.00 15.89  ? 56  THR B OG1 1 
ATOM   893  C  CG2 . THR B 1 72  ? -10.560 -0.051  -13.681 1.00 14.50  ? 56  THR B CG2 1 
ATOM   894  N  N   . PRO B 1 73  ? -9.376  3.648   -15.878 1.00 16.01  ? 57  PRO B N   1 
ATOM   895  C  CA  . PRO B 1 73  ? -8.682  4.726   -16.423 1.00 15.40  ? 57  PRO B CA  1 
ATOM   896  C  C   . PRO B 1 73  ? -7.310  4.884   -15.732 1.00 11.79  ? 57  PRO B C   1 
ATOM   897  O  O   . PRO B 1 73  ? -6.398  5.340   -16.360 1.00 11.21  ? 57  PRO B O   1 
ATOM   898  C  CB  . PRO B 1 73  ? -9.616  5.938   -16.141 1.00 15.06  ? 57  PRO B CB  1 
ATOM   899  C  CG  . PRO B 1 73  ? -10.901 5.380   -16.098 1.00 15.63  ? 57  PRO B CG  1 
ATOM   900  C  CD  . PRO B 1 73  ? -10.786 3.943   -15.707 1.00 20.01  ? 57  PRO B CD  1 
ATOM   901  N  N   . ALA B 1 74  ? -7.254  4.608   -14.405 1.00 12.19  ? 58  ALA B N   1 
ATOM   902  C  CA  . ALA B 1 74  ? -6.018  4.652   -13.716 1.00 15.75  ? 58  ALA B CA  1 
ATOM   903  C  C   . ALA B 1 74  ? -5.032  3.527   -14.181 1.00 12.25  ? 58  ALA B C   1 
ATOM   904  O  O   . ALA B 1 74  ? -3.829  3.872   -14.264 1.00 16.41  ? 58  ALA B O   1 
ATOM   905  C  CB  . ALA B 1 74  ? -6.302  4.461   -12.172 1.00 14.45  ? 58  ALA B CB  1 
ATOM   906  N  N   . ALA B 1 75  ? -5.508  2.333   -14.471 1.00 13.06  ? 59  ALA B N   1 
ATOM   907  C  CA  . ALA B 1 75  ? -4.603  1.290   -15.002 1.00 14.97  ? 59  ALA B CA  1 
ATOM   908  C  C   . ALA B 1 75  ? -4.091  1.728   -16.457 1.00 18.37  ? 59  ALA B C   1 
ATOM   909  O  O   . ALA B 1 75  ? -2.806  1.613   -16.768 1.00 23.42  ? 59  ALA B O   1 
ATOM   910  C  CB  . ALA B 1 75  ? -5.232  0.034   -15.150 1.00 14.98  ? 59  ALA B CB  1 
ATOM   911  N  N   . LEU B 1 76  ? -4.998  2.214   -17.289 1.00 16.46  ? 60  LEU B N   1 
ATOM   912  C  CA  . LEU B 1 76  ? -4.579  2.507   -18.720 1.00 20.34  ? 60  LEU B CA  1 
ATOM   913  C  C   . LEU B 1 76  ? -3.798  3.797   -18.761 1.00 22.58  ? 60  LEU B C   1 
ATOM   914  O  O   . LEU B 1 76  ? -3.101  4.028   -19.777 1.00 23.91  ? 60  LEU B O   1 
ATOM   915  C  CB  . LEU B 1 76  ? -5.849  2.486   -19.508 1.00 19.54  ? 60  LEU B CB  1 
ATOM   916  C  CG  . LEU B 1 76  ? -6.416  1.048   -19.759 1.00 21.46  ? 60  LEU B CG  1 
ATOM   917  C  CD1 . LEU B 1 76  ? -7.872  1.042   -20.224 1.00 25.26  ? 60  LEU B CD1 1 
ATOM   918  C  CD2 . LEU B 1 76  ? -5.514  0.107   -20.517 1.00 31.94  ? 60  LEU B CD2 1 
ATOM   919  N  N   . ASP B 1 77  ? -3.913  4.674   -17.770 1.00 20.98  ? 61  ASP B N   1 
ATOM   920  C  CA  . ASP B 1 77  ? -3.131  5.908   -17.811 1.00 19.92  ? 61  ASP B CA  1 
ATOM   921  C  C   . ASP B 1 77  ? -1.681  5.472   -17.676 1.00 18.27  ? 61  ASP B C   1 
ATOM   922  O  O   . ASP B 1 77  ? -0.854  5.662   -18.567 1.00 19.70  ? 61  ASP B O   1 
ATOM   923  C  CB  . ASP B 1 77  ? -3.521  6.836   -16.663 1.00 19.35  ? 61  ASP B CB  1 
ATOM   924  C  CG  . ASP B 1 77  ? -2.637  8.066   -16.583 1.00 18.50  ? 61  ASP B CG  1 
ATOM   925  O  OD1 . ASP B 1 77  ? -1.752  8.107   -15.702 1.00 18.91  ? 61  ASP B OD1 1 
ATOM   926  O  OD2 . ASP B 1 77  ? -2.827  8.991   -17.400 1.00 19.28  ? 61  ASP B OD2 1 
ATOM   927  N  N   . GLY B 1 78  ? -1.411  4.878   -16.525 1.00 15.58  ? 62  GLY B N   1 
ATOM   928  C  CA  . GLY B 1 78  ? -0.083  4.276   -16.133 1.00 17.73  ? 62  GLY B CA  1 
ATOM   929  C  C   . GLY B 1 78  ? 0.736   5.120   -15.167 1.00 18.73  ? 62  GLY B C   1 
ATOM   930  O  O   . GLY B 1 78  ? 1.767   4.674   -14.760 1.00 20.37  ? 62  GLY B O   1 
ATOM   931  N  N   . THR B 1 79  ? 0.209   6.274   -14.781 1.00 14.17  ? 63  THR B N   1 
ATOM   932  C  CA  . THR B 1 79  ? 0.905   7.251   -13.923 1.00 16.18  ? 63  THR B CA  1 
ATOM   933  C  C   . THR B 1 79  ? 0.949   6.729   -12.533 1.00 15.54  ? 63  THR B C   1 
ATOM   934  O  O   . THR B 1 79  ? 1.986   6.894   -11.958 1.00 16.22  ? 63  THR B O   1 
ATOM   935  C  CB  . THR B 1 79  ? 0.202   8.611   -13.904 1.00 16.80  ? 63  THR B CB  1 
ATOM   936  O  OG1 . THR B 1 79  ? 0.265   9.174   -15.234 1.00 20.05  ? 63  THR B OG1 1 
ATOM   937  C  CG2 . THR B 1 79  ? 0.875   9.567   -13.053 1.00 19.37  ? 63  THR B CG2 1 
ATOM   938  N  N   . VAL B 1 80  ? -0.186  6.249   -11.998 1.00 12.68  ? 64  VAL B N   1 
ATOM   939  C  CA  . VAL B 1 80  ? -0.155  5.821   -10.581 1.00 17.52  ? 64  VAL B CA  1 
ATOM   940  C  C   . VAL B 1 80  ? -0.063  4.328   -10.455 1.00 17.23  ? 64  VAL B C   1 
ATOM   941  O  O   . VAL B 1 80  ? -0.255  3.641   -11.362 1.00 18.13  ? 64  VAL B O   1 
ATOM   942  C  CB  . VAL B 1 80  ? -1.168  6.450   -9.639  1.00 19.76  ? 64  VAL B CB  1 
ATOM   943  C  CG1 . VAL B 1 80  ? -1.381  7.934   -9.797  1.00 28.38  ? 64  VAL B CG1 1 
ATOM   944  C  CG2 . VAL B 1 80  ? -2.506  5.849   -9.902  1.00 22.95  ? 64  VAL B CG2 1 
ATOM   945  N  N   . ALA B 1 81  ? 0.309   3.880   -9.257  1.00 18.85  ? 65  ALA B N   1 
ATOM   946  C  CA  . ALA B 1 81  ? 0.689   2.429   -9.072  1.00 13.25  ? 65  ALA B CA  1 
ATOM   947  C  C   . ALA B 1 81  ? 0.438   2.165   -7.562  1.00 15.21  ? 65  ALA B C   1 
ATOM   948  O  O   . ALA B 1 81  ? 0.416   3.097   -6.712  1.00 15.46  ? 65  ALA B O   1 
ATOM   949  C  CB  . ALA B 1 81  ? 2.069   2.166   -9.395  1.00 15.03  ? 65  ALA B CB  1 
ATOM   950  N  N   . ALA B 1 82  ? 0.212   0.895   -7.165  1.00 17.00  ? 66  ALA B N   1 
ATOM   951  C  CA  . ALA B 1 82  ? 0.262   0.524   -5.688  1.00 16.05  ? 66  ALA B CA  1 
ATOM   952  C  C   . ALA B 1 82  ? 1.497   1.062   -4.930  1.00 17.13  ? 66  ALA B C   1 
ATOM   953  O  O   . ALA B 1 82  ? 2.592   1.281   -5.536  1.00 16.98  ? 66  ALA B O   1 
ATOM   954  C  CB  . ALA B 1 82  ? 0.260   -0.932  -5.550  1.00 20.02  ? 66  ALA B CB  1 
ATOM   955  N  N   . GLY B 1 83  ? 1.325   1.472   -3.648  1.00 16.24  ? 67  GLY B N   1 
ATOM   956  C  CA  . GLY B 1 83  ? 2.513   2.081   -3.023  1.00 15.68  ? 67  GLY B CA  1 
ATOM   957  C  C   . GLY B 1 83  ? 2.426   3.612   -3.055  1.00 14.80  ? 67  GLY B C   1 
ATOM   958  O  O   . GLY B 1 83  ? 2.865   4.281   -2.061  1.00 19.55  ? 67  GLY B O   1 
ATOM   959  N  N   . ASP B 1 84  ? 2.103   4.238   -4.208  1.00 16.09  ? 68  ASP B N   1 
ATOM   960  C  CA  . ASP B 1 84  ? 1.856   5.601   -4.234  1.00 20.29  ? 68  ASP B CA  1 
ATOM   961  C  C   . ASP B 1 84  ? 1.056   6.264   -3.143  1.00 16.06  ? 68  ASP B C   1 
ATOM   962  O  O   . ASP B 1 84  ? -0.119  5.853   -2.867  1.00 15.52  ? 68  ASP B O   1 
ATOM   963  C  CB  . ASP B 1 84  ? 1.438   6.083   -5.565  1.00 23.34  ? 68  ASP B CB  1 
ATOM   964  C  CG  . ASP B 1 84  ? 2.423   5.667   -6.709  1.00 23.34  ? 68  ASP B CG  1 
ATOM   965  O  OD1 . ASP B 1 84  ? 3.603   5.292   -6.460  1.00 23.34  ? 68  ASP B OD1 1 
ATOM   966  O  OD2 . ASP B 1 84  ? 2.080   5.629   -7.897  1.00 23.30  ? 68  ASP B OD2 1 
ATOM   967  N  N   . GLU B 1 85  ? 1.595   7.328   -2.532  1.00 20.15  ? 69  GLU B N   1 
ATOM   968  C  CA  . GLU B 1 85  ? 0.886   8.040   -1.447  1.00 20.85  ? 69  GLU B CA  1 
ATOM   969  C  C   . GLU B 1 85  ? -0.074  9.110   -2.036  1.00 15.57  ? 69  GLU B C   1 
ATOM   970  O  O   . GLU B 1 85  ? 0.328   9.797   -3.014  1.00 17.32  ? 69  GLU B O   1 
ATOM   971  C  CB  . GLU B 1 85  ? 1.884   8.757   -0.472  1.00 16.40  ? 69  GLU B CB  1 
ATOM   972  C  CG  . GLU B 1 85  ? 1.230   9.429   0.765   1.00 17.95  ? 69  GLU B CG  1 
ATOM   973  C  CD  . GLU B 1 85  ? 2.146   10.369  1.578   1.00 19.03  ? 69  GLU B CD  1 
ATOM   974  O  OE1 . GLU B 1 85  ? 1.592   11.104  2.350   1.00 23.09  ? 69  GLU B OE1 1 
ATOM   975  O  OE2 . GLU B 1 85  ? 3.331   10.530  1.210   1.00 18.77  ? 69  GLU B OE2 1 
ATOM   976  N  N   . ILE B 1 86  ? -1.330  9.041   -1.643  1.00 15.61  ? 70  ILE B N   1 
ATOM   977  C  CA  . ILE B 1 86  ? -2.230  10.125  -2.071  1.00 14.97  ? 70  ILE B CA  1 
ATOM   978  C  C   . ILE B 1 86  ? -2.159  11.308  -1.138  1.00 16.24  ? 70  ILE B C   1 
ATOM   979  O  O   . ILE B 1 86  ? -2.105  11.131  0.093   1.00 15.78  ? 70  ILE B O   1 
ATOM   980  C  CB  . ILE B 1 86  ? -3.575  9.649   -2.608  1.00 18.48  ? 70  ILE B CB  1 
ATOM   981  C  CG1 . ILE B 1 86  ? -4.713  9.995   -1.704  1.00 19.96  ? 70  ILE B CG1 1 
ATOM   982  C  CG2 . ILE B 1 86  ? -3.598  8.206   -2.968  1.00 20.74  ? 70  ILE B CG2 1 
ATOM   983  C  CD1 . ILE B 1 86  ? -5.370  11.186  -2.210  1.00 22.32  ? 70  ILE B CD1 1 
ATOM   984  N  N   . THR B 1 87  ? -2.036  12.499  -1.716  1.00 15.51  ? 71  THR B N   1 
ATOM   985  C  CA  . THR B 1 87  ? -1.961  13.721  -0.909  1.00 15.17  ? 71  THR B CA  1 
ATOM   986  C  C   . THR B 1 87  ? -2.964  14.793  -1.110  1.00 17.42  ? 71  THR B C   1 
ATOM   987  O  O   . THR B 1 87  ? -3.112  15.680  -0.276  1.00 19.50  ? 71  THR B O   1 
ATOM   988  C  CB  . THR B 1 87  ? -0.530  14.422  -1.072  1.00 15.57  ? 71  THR B CB  1 
ATOM   989  O  OG1 . THR B 1 87  ? -0.349  14.896  -2.366  1.00 16.20  ? 71  THR B OG1 1 
ATOM   990  C  CG2 . THR B 1 87  ? 0.470   13.548  -0.646  1.00 17.23  ? 71  THR B CG2 1 
ATOM   991  N  N   . GLY B 1 88  ? -3.665  14.814  -2.248  1.00 16.15  ? 72  GLY B N   1 
ATOM   992  C  CA  . GLY B 1 88  ? -4.857  15.683  -2.368  1.00 15.21  ? 72  GLY B CA  1 
ATOM   993  C  C   . GLY B 1 88  ? -5.644  15.218  -3.595  1.00 15.76  ? 72  GLY B C   1 
ATOM   994  O  O   . GLY B 1 88  ? -5.312  14.156  -4.256  1.00 13.97  ? 72  GLY B O   1 
ATOM   995  N  N   . VAL B 1 89  ? -6.683  15.940  -3.877  1.00 15.77  ? 73  VAL B N   1 
ATOM   996  C  CA  . VAL B 1 89  ? -7.868  15.512  -4.699  1.00 12.10  ? 73  VAL B CA  1 
ATOM   997  C  C   . VAL B 1 89  ? -8.472  16.846  -5.195  1.00 12.44  ? 73  VAL B C   1 
ATOM   998  O  O   . VAL B 1 89  ? -8.819  17.680  -4.328  1.00 10.70  ? 73  VAL B O   1 
ATOM   999  C  CB  . VAL B 1 89  ? -8.846  14.749  -3.909  1.00 17.26  ? 73  VAL B CB  1 
ATOM   1000 C  CG1 . VAL B 1 89  ? -10.129 14.636  -4.716  1.00 15.89  ? 73  VAL B CG1 1 
ATOM   1001 C  CG2 . VAL B 1 89  ? -8.265  13.307  -3.375  1.00 16.03  ? 73  VAL B CG2 1 
ATOM   1002 N  N   . ASN B 1 90  ? -8.220  17.138  -6.501  1.00 13.45  ? 74  ASN B N   1 
ATOM   1003 C  CA  . ASN B 1 90  ? -8.627  18.454  -7.026  1.00 15.86  ? 74  ASN B CA  1 
ATOM   1004 C  C   . ASN B 1 90  ? -8.186  19.643  -6.278  1.00 15.36  ? 74  ASN B C   1 
ATOM   1005 O  O   . ASN B 1 90  ? -9.052  20.482  -6.044  1.00 15.78  ? 74  ASN B O   1 
ATOM   1006 C  CB  . ASN B 1 90  ? -10.205 18.595  -7.285  1.00 17.02  ? 74  ASN B CB  1 
ATOM   1007 C  CG  . ASN B 1 90  ? -10.674 18.006  -8.644  1.00 18.21  ? 74  ASN B CG  1 
ATOM   1008 O  OD1 . ASN B 1 90  ? -9.989  17.208  -9.289  1.00 17.03  ? 74  ASN B OD1 1 
ATOM   1009 N  ND2 . ASN B 1 90  ? -11.966 18.244  -8.934  1.00 20.78  ? 74  ASN B ND2 1 
ATOM   1010 N  N   . GLY B 1 91  ? -6.915  19.731  -5.857  1.00 13.65  ? 75  GLY B N   1 
ATOM   1011 C  CA  . GLY B 1 91  ? -6.290  20.979  -5.257  1.00 15.44  ? 75  GLY B CA  1 
ATOM   1012 C  C   . GLY B 1 91  ? -6.579  20.995  -3.781  1.00 16.36  ? 75  GLY B C   1 
ATOM   1013 O  O   . GLY B 1 91  ? -6.384  22.158  -3.181  1.00 16.53  ? 75  GLY B O   1 
ATOM   1014 N  N   . ARG B 1 92  ? -7.084  20.000  -3.126  1.00 14.44  ? 76  ARG B N   1 
ATOM   1015 C  CA  . ARG B 1 92  ? -7.535  19.956  -1.710  1.00 19.06  ? 76  ARG B CA  1 
ATOM   1016 C  C   . ARG B 1 92  ? -6.898  18.787  -0.994  1.00 20.68  ? 76  ARG B C   1 
ATOM   1017 O  O   . ARG B 1 92  ? -6.672  17.745  -1.566  1.00 16.67  ? 76  ARG B O   1 
ATOM   1018 C  CB  . ARG B 1 92  ? -9.063  20.020  -1.600  1.00 22.52  ? 76  ARG B CB  1 
ATOM   1019 C  CG  . ARG B 1 92  ? -9.718  21.327  -2.154  1.00 25.51  ? 76  ARG B CG  1 
ATOM   1020 C  CD  . ARG B 1 92  ? -11.261 21.189  -1.829  1.00 31.55  ? 76  ARG B CD  1 
ATOM   1021 N  NE  . ARG B 1 92  ? -12.228 22.234  -2.302  1.00 40.84  ? 76  ARG B NE  1 
ATOM   1022 C  CZ  . ARG B 1 92  ? -13.461 22.397  -1.751  1.00 40.82  ? 76  ARG B CZ  1 
ATOM   1023 N  NH1 . ARG B 1 92  ? -13.819 21.626  -0.724  1.00 48.64  ? 76  ARG B NH1 1 
ATOM   1024 N  NH2 . ARG B 1 92  ? -14.301 23.383  -2.100  1.00 35.52  ? 76  ARG B NH2 1 
ATOM   1025 N  N   . SER B 1 93  ? -6.399  19.049  0.201   1.00 20.31  ? 77  SER B N   1 
ATOM   1026 C  CA  . SER B 1 93  ? -5.616  18.066  0.951   1.00 17.99  ? 77  SER B CA  1 
ATOM   1027 C  C   . SER B 1 93  ? -6.538  17.041  1.536   1.00 20.24  ? 77  SER B C   1 
ATOM   1028 O  O   . SER B 1 93  ? -7.723  17.179  1.632   1.00 22.71  ? 77  SER B O   1 
ATOM   1029 C  CB  . SER B 1 93  ? -4.726  18.731  2.055   1.00 24.16  ? 77  SER B CB  1 
ATOM   1030 O  OG  . SER B 1 93  ? -4.164  17.775  2.840   1.00 21.52  ? 77  SER B OG  1 
ATOM   1031 N  N   . ILE B 1 94  ? -5.945  15.901  1.866   1.00 19.29  ? 78  ILE B N   1 
ATOM   1032 C  CA  . ILE B 1 94  ? -6.695  14.793  2.437   1.00 18.54  ? 78  ILE B CA  1 
ATOM   1033 C  C   . ILE B 1 94  ? -6.185  14.538  3.840   1.00 23.01  ? 78  ILE B C   1 
ATOM   1034 O  O   . ILE B 1 94  ? -6.470  13.506  4.447   1.00 26.21  ? 78  ILE B O   1 
ATOM   1035 C  CB  . ILE B 1 94  ? -6.544  13.512  1.598   1.00 17.63  ? 78  ILE B CB  1 
ATOM   1036 C  CG1 . ILE B 1 94  ? -5.079  13.298  1.213   1.00 17.29  ? 78  ILE B CG1 1 
ATOM   1037 C  CG2 . ILE B 1 94  ? -7.422  13.580  0.358   1.00 16.76  ? 78  ILE B CG2 1 
ATOM   1038 C  CD1 . ILE B 1 94  ? -4.167  13.050  2.394   1.00 22.42  ? 78  ILE B CD1 1 
ATOM   1039 N  N   . LYS B 1 95  ? -5.423  15.498  4.349   1.00 20.79  ? 79  LYS B N   1 
ATOM   1040 C  CA  . LYS B 1 95  ? -4.858  15.393  5.669   1.00 25.38  ? 79  LYS B CA  1 
ATOM   1041 C  C   . LYS B 1 95  ? -5.941  15.125  6.708   1.00 24.30  ? 79  LYS B C   1 
ATOM   1042 O  O   . LYS B 1 95  ? -6.895  15.788  6.719   1.00 24.76  ? 79  LYS B O   1 
ATOM   1043 C  CB  . LYS B 1 95  ? -4.061  16.611  6.125   1.00 20.48  ? 79  LYS B CB  1 
ATOM   1044 C  CG  . LYS B 1 95  ? -3.508  16.593  7.560   1.00 27.71  ? 79  LYS B CG  1 
ATOM   1045 C  CD  . LYS B 1 95  ? -2.487  17.701  7.828   1.00 28.09  ? 79  LYS B CD  1 
ATOM   1046 C  CE  . LYS B 1 95  ? -1.355  17.189  8.694   1.00 31.00  ? 79  LYS B CE  1 
ATOM   1047 N  NZ  . LYS B 1 95  ? -0.241  18.151  8.820   1.00 35.88  ? 79  LYS B NZ  1 
ATOM   1048 N  N   . GLY B 1 96  ? -5.703  14.160  7.578   1.00 30.14  ? 80  GLY B N   1 
ATOM   1049 C  CA  . GLY B 1 96  ? -6.663  13.706  8.588   1.00 26.24  ? 80  GLY B CA  1 
ATOM   1050 C  C   . GLY B 1 96  ? -8.026  13.285  8.239   1.00 30.10  ? 80  GLY B C   1 
ATOM   1051 O  O   . GLY B 1 96  ? -8.890  13.199  9.111   1.00 27.30  ? 80  GLY B O   1 
ATOM   1052 N  N   . LYS B 1 97  ? -8.244  12.920  6.917   1.00 29.85  ? 81  LYS B N   1 
ATOM   1053 C  CA  . LYS B 1 97  ? -9.495  12.325  6.422   1.00 30.53  ? 81  LYS B CA  1 
ATOM   1054 C  C   . LYS B 1 97  ? -9.392  10.793  6.557   1.00 25.94  ? 81  LYS B C   1 
ATOM   1055 O  O   . LYS B 1 97  ? -8.301  10.154  6.545   1.00 25.14  ? 81  LYS B O   1 
ATOM   1056 C  CB  . LYS B 1 97  ? -9.668  12.623  4.889   1.00 31.33  ? 81  LYS B CB  1 
ATOM   1057 N  N   . THR B 1 98  ? -10.570 10.205  6.758   1.00 26.99  ? 82  THR B N   1 
ATOM   1058 C  CA  . THR B 1 98  ? -10.610 8.778   6.839   1.00 27.44  ? 82  THR B CA  1 
ATOM   1059 C  C   . THR B 1 98  ? -10.615 8.226   5.429   1.00 22.30  ? 82  THR B C   1 
ATOM   1060 O  O   . THR B 1 98  ? -10.884 8.950   4.495   1.00 19.37  ? 82  THR B O   1 
ATOM   1061 C  CB  . THR B 1 98  ? -11.749 8.277   7.669   1.00 31.13  ? 82  THR B CB  1 
ATOM   1062 O  OG1 . THR B 1 98  ? -12.970 8.422   6.945   1.00 30.39  ? 82  THR B OG1 1 
ATOM   1063 C  CG2 . THR B 1 98  ? -11.787 9.011   9.028   1.00 27.43  ? 82  THR B CG2 1 
ATOM   1064 N  N   . LYS B 1 99  ? -10.253 6.952   5.259   1.00 25.19  ? 83  LYS B N   1 
ATOM   1065 C  CA  . LYS B 1 99  ? -10.338 6.385   3.966   1.00 23.54  ? 83  LYS B CA  1 
ATOM   1066 C  C   . LYS B 1 99  ? -11.743 6.515   3.369   1.00 22.59  ? 83  LYS B C   1 
ATOM   1067 O  O   . LYS B 1 99  ? -11.811 6.835   2.210   1.00 24.38  ? 83  LYS B O   1 
ATOM   1068 C  CB  . LYS B 1 99  ? -9.758  4.926   3.975   1.00 25.25  ? 83  LYS B CB  1 
ATOM   1069 C  CG  . LYS B 1 99  ? -9.973  4.017   2.803   1.00 27.92  ? 83  LYS B CG  1 
ATOM   1070 C  CD  . LYS B 1 99  ? -9.533  2.598   3.217   1.00 30.42  ? 83  LYS B CD  1 
ATOM   1071 C  CE  . LYS B 1 99  ? -10.438 1.997   4.249   1.00 28.09  ? 83  LYS B CE  1 
ATOM   1072 N  NZ  . LYS B 1 99  ? -10.664 0.503   4.095   1.00 30.98  ? 83  LYS B NZ  1 
ATOM   1073 N  N   . VAL B 1 100 ? -12.814 6.299   4.166   1.00 22.80  ? 84  VAL B N   1 
ATOM   1074 C  CA  . VAL B 1 100 ? -14.145 6.491   3.636   1.00 24.02  ? 84  VAL B CA  1 
ATOM   1075 C  C   . VAL B 1 100 ? -14.439 7.909   3.170   1.00 24.18  ? 84  VAL B C   1 
ATOM   1076 O  O   . VAL B 1 100 ? -15.233 8.062   2.291   1.00 22.27  ? 84  VAL B O   1 
ATOM   1077 C  CB  . VAL B 1 100 ? -15.231 5.850   4.644   1.00 19.01  ? 84  VAL B CB  1 
ATOM   1078 C  CG1 . VAL B 1 100 ? -16.782 6.292   4.452   1.00 19.48  ? 84  VAL B CG1 1 
ATOM   1079 C  CG2 . VAL B 1 100 ? -14.971 4.342   4.759   1.00 22.59  ? 84  VAL B CG2 1 
ATOM   1080 N  N   . GLU B 1 101 ? -13.910 8.893   3.857   1.00 19.33  ? 85  GLU B N   1 
ATOM   1081 C  CA  . GLU B 1 101 ? -14.079 10.313  3.630   1.00 22.66  ? 85  GLU B CA  1 
ATOM   1082 C  C   . GLU B 1 101 ? -13.395 10.673  2.303   1.00 23.63  ? 85  GLU B C   1 
ATOM   1083 O  O   . GLU B 1 101 ? -14.071 11.340  1.512   1.00 20.48  ? 85  GLU B O   1 
ATOM   1084 C  CB  . GLU B 1 101 ? -13.665 11.177  4.857   1.00 24.86  ? 85  GLU B CB  1 
ATOM   1085 C  CG  . GLU B 1 101 ? -14.460 11.053  6.146   1.00 24.10  ? 85  GLU B CG  1 
ATOM   1086 C  CD  . GLU B 1 101 ? -13.891 12.009  7.192   1.00 20.55  ? 85  GLU B CD  1 
ATOM   1087 O  OE1 . GLU B 1 101 ? -12.689 11.997  7.339   1.00 20.86  ? 85  GLU B OE1 1 
ATOM   1088 O  OE2 . GLU B 1 101 ? -14.600 12.774  7.926   1.00 24.23  ? 85  GLU B OE2 1 
ATOM   1089 N  N   . VAL B 1 102 ? -12.263 10.095  2.041   1.00 21.92  ? 86  VAL B N   1 
ATOM   1090 C  CA  . VAL B 1 102 ? -11.521 10.363  0.808   1.00 20.84  ? 86  VAL B CA  1 
ATOM   1091 C  C   . VAL B 1 102 ? -12.129 9.655   -0.407  1.00 18.89  ? 86  VAL B C   1 
ATOM   1092 O  O   . VAL B 1 102 ? -12.037 10.214  -1.567  1.00 17.01  ? 86  VAL B O   1 
ATOM   1093 C  CB  . VAL B 1 102 ? -10.026 10.016  0.951   1.00 22.48  ? 86  VAL B CB  1 
ATOM   1094 C  CG1 . VAL B 1 102 ? -9.187  10.191  -0.362  1.00 21.13  ? 86  VAL B CG1 1 
ATOM   1095 C  CG2 . VAL B 1 102 ? -9.401  10.620  2.149   1.00 23.59  ? 86  VAL B CG2 1 
ATOM   1096 N  N   . ALA B 1 103 ? -12.701 8.501   -0.162  1.00 21.23  ? 87  ALA B N   1 
ATOM   1097 C  CA  . ALA B 1 103 ? -13.472 7.747   -1.186  1.00 25.22  ? 87  ALA B CA  1 
ATOM   1098 C  C   . ALA B 1 103 ? -14.655 8.603   -1.608  1.00 21.19  ? 87  ALA B C   1 
ATOM   1099 O  O   . ALA B 1 103 ? -14.926 8.917   -2.772  1.00 21.21  ? 87  ALA B O   1 
ATOM   1100 C  CB  . ALA B 1 103 ? -13.982 6.416   -0.570  1.00 25.60  ? 87  ALA B CB  1 
ATOM   1101 N  N   . LYS B 1 104 ? -15.362 9.104   -0.594  1.00 23.91  ? 88  LYS B N   1 
ATOM   1102 C  CA  . LYS B 1 104 ? -16.508 10.034  -0.826  1.00 27.68  ? 88  LYS B CA  1 
ATOM   1103 C  C   . LYS B 1 104 ? -16.065 11.217  -1.714  1.00 23.53  ? 88  LYS B C   1 
ATOM   1104 O  O   . LYS B 1 104 ? -16.685 11.432  -2.751  1.00 23.86  ? 88  LYS B O   1 
ATOM   1105 C  CB  . LYS B 1 104 ? -17.206 10.472  0.473   1.00 27.67  ? 88  LYS B CB  1 
ATOM   1106 C  CG  . LYS B 1 104 ? -18.150 9.242   0.839   1.00 25.97  ? 88  LYS B CG  1 
ATOM   1107 C  CD  . LYS B 1 104 ? -18.141 8.772   2.312   1.00 30.13  ? 88  LYS B CD  1 
ATOM   1108 C  CE  . LYS B 1 104 ? -19.420 8.123   2.801   1.00 35.18  ? 88  LYS B CE  1 
ATOM   1109 N  NZ  . LYS B 1 104 ? -20.558 9.064   2.624   1.00 34.49  ? 88  LYS B NZ  1 
ATOM   1110 N  N   . MET B 1 105 ? -14.993 11.885  -1.291  1.00 20.21  ? 89  MET B N   1 
ATOM   1111 C  CA  . MET B 1 105 ? -14.389 12.994  -1.911  1.00 21.90  ? 89  MET B CA  1 
ATOM   1112 C  C   . MET B 1 105 ? -14.140 12.796  -3.413  1.00 20.66  ? 89  MET B C   1 
ATOM   1113 O  O   . MET B 1 105 ? -14.296 13.693  -4.182  1.00 25.67  ? 89  MET B O   1 
ATOM   1114 C  CB  . MET B 1 105 ? -13.065 13.234  -1.266  1.00 21.54  ? 89  MET B CB  1 
ATOM   1115 C  CG  . MET B 1 105 ? -12.467 14.520  -1.573  1.00 23.12  ? 89  MET B CG  1 
ATOM   1116 S  SD  . MET B 1 105 ? -10.879 14.940  -0.815  1.00 27.17  ? 89  MET B SD  1 
ATOM   1117 C  CE  . MET B 1 105 ? -11.215 14.516  0.879   1.00 14.21  ? 89  MET B CE  1 
ATOM   1118 N  N   . ILE B 1 106 ? -13.571 11.634  -3.738  1.00 15.43  ? 90  ILE B N   1 
ATOM   1119 C  CA  . ILE B 1 106 ? -13.193 11.206  -5.059  1.00 17.67  ? 90  ILE B CA  1 
ATOM   1120 C  C   . ILE B 1 106 ? -14.458 10.872  -5.911  1.00 17.39  ? 90  ILE B C   1 
ATOM   1121 O  O   . ILE B 1 106 ? -14.530 11.319  -7.096  1.00 18.86  ? 90  ILE B O   1 
ATOM   1122 C  CB  . ILE B 1 106 ? -12.117 10.105  -5.076  1.00 16.82  ? 90  ILE B CB  1 
ATOM   1123 C  CG1 . ILE B 1 106 ? -10.736 10.572  -4.519  1.00 15.88  ? 90  ILE B CG1 1 
ATOM   1124 C  CG2 . ILE B 1 106 ? -11.932 9.569   -6.499  1.00 18.16  ? 90  ILE B CG2 1 
ATOM   1125 C  CD1 . ILE B 1 106 ? -9.677  9.529   -4.393  1.00 19.05  ? 90  ILE B CD1 1 
ATOM   1126 N  N   . GLN B 1 107 ? -15.423 10.202  -5.362  1.00 15.14  ? 91  GLN B N   1 
ATOM   1127 C  CA  . GLN B 1 107 ? -16.582 9.728   -6.087  1.00 17.09  ? 91  GLN B CA  1 
ATOM   1128 C  C   . GLN B 1 107 ? -17.453 10.850  -6.500  1.00 20.42  ? 91  GLN B C   1 
ATOM   1129 O  O   . GLN B 1 107 ? -18.119 10.807  -7.564  1.00 21.64  ? 91  GLN B O   1 
ATOM   1130 C  CB  . GLN B 1 107 ? -17.304 8.788   -5.136  1.00 20.41  ? 91  GLN B CB  1 
ATOM   1131 C  CG  . GLN B 1 107 ? -16.675 7.390   -5.031  1.00 16.52  ? 91  GLN B CG  1 
ATOM   1132 C  CD  . GLN B 1 107 ? -17.252 6.599   -3.863  1.00 23.19  ? 91  GLN B CD  1 
ATOM   1133 O  OE1 . GLN B 1 107 ? -18.162 7.070   -3.222  1.00 31.16  ? 91  GLN B OE1 1 
ATOM   1134 N  NE2 . GLN B 1 107 ? -16.794 5.346   -3.677  1.00 25.05  ? 91  GLN B NE2 1 
ATOM   1135 N  N   . GLU B 1 108 ? -17.478 11.851  -5.589  1.00 18.71  ? 92  GLU B N   1 
ATOM   1136 C  CA  . GLU B 1 108 ? -18.312 13.021  -5.887  1.00 24.35  ? 92  GLU B CA  1 
ATOM   1137 C  C   . GLU B 1 108 ? -17.850 13.877  -7.032  1.00 23.61  ? 92  GLU B C   1 
ATOM   1138 O  O   . GLU B 1 108 ? -18.630 14.555  -7.606  1.00 20.03  ? 92  GLU B O   1 
ATOM   1139 C  CB  . GLU B 1 108 ? -18.644 13.834  -4.633  1.00 20.03  ? 92  GLU B CB  1 
ATOM   1140 C  CG  . GLU B 1 108 ? -19.340 12.979  -3.570  1.00 34.04  ? 92  GLU B CG  1 
ATOM   1141 C  CD  . GLU B 1 108 ? -19.646 13.799  -2.269  1.00 42.58  ? 92  GLU B CD  1 
ATOM   1142 O  OE1 . GLU B 1 108 ? -19.131 14.933  -2.151  1.00 49.67  ? 92  GLU B OE1 1 
ATOM   1143 O  OE2 . GLU B 1 108 ? -20.428 13.325  -1.390  1.00 62.04  ? 92  GLU B OE2 1 
ATOM   1144 N  N   . VAL B 1 109 ? -16.604 13.866  -7.373  1.00 21.92  ? 93  VAL B N   1 
ATOM   1145 C  CA  . VAL B 1 109 ? -16.005 14.698  -8.331  1.00 19.98  ? 93  VAL B CA  1 
ATOM   1146 C  C   . VAL B 1 109 ? -16.417 13.920  -9.589  1.00 21.73  ? 93  VAL B C   1 
ATOM   1147 O  O   . VAL B 1 109 ? -15.983 12.744  -9.723  1.00 26.44  ? 93  VAL B O   1 
ATOM   1148 C  CB  . VAL B 1 109 ? -14.479 14.863  -8.037  1.00 19.13  ? 93  VAL B CB  1 
ATOM   1149 C  CG1 . VAL B 1 109 ? -13.824 15.365  -9.298  1.00 22.55  ? 93  VAL B CG1 1 
ATOM   1150 C  CG2 . VAL B 1 109 ? -14.263 15.799  -6.848  1.00 23.54  ? 93  VAL B CG2 1 
ATOM   1151 N  N   . LYS B 1 110 ? -17.259 14.499  -10.508 1.00 20.12  ? 94  LYS B N   1 
ATOM   1152 C  CA  . LYS B 1 110 ? -17.611 13.828  -11.760 1.00 19.92  ? 94  LYS B CA  1 
ATOM   1153 C  C   . LYS B 1 110 ? -16.812 14.203  -13.041 1.00 16.94  ? 94  LYS B C   1 
ATOM   1154 O  O   . LYS B 1 110 ? -15.972 15.056  -12.986 1.00 21.01  ? 94  LYS B O   1 
ATOM   1155 C  CB  . LYS B 1 110 ? -19.149 14.007  -12.017 1.00 21.14  ? 94  LYS B CB  1 
ATOM   1156 C  CG  . LYS B 1 110 ? -20.124 13.757  -10.814 1.00 20.05  ? 94  LYS B CG  1 
ATOM   1157 C  CD  . LYS B 1 110 ? -19.814 12.579  -10.011 1.00 19.51  ? 94  LYS B CD  1 
ATOM   1158 C  CE  . LYS B 1 110 ? -20.910 12.441  -8.919  1.00 23.99  ? 94  LYS B CE  1 
ATOM   1159 N  NZ  . LYS B 1 110 ? -20.930 11.212  -8.187  1.00 21.79  ? 94  LYS B NZ  1 
ATOM   1160 N  N   . GLY B 1 111 ? -16.916 13.396  -14.105 1.00 20.09  ? 95  GLY B N   1 
ATOM   1161 C  CA  . GLY B 1 111 ? -16.160 13.655  -15.357 1.00 19.29  ? 95  GLY B CA  1 
ATOM   1162 C  C   . GLY B 1 111 ? -14.706 13.199  -15.349 1.00 15.40  ? 95  GLY B C   1 
ATOM   1163 O  O   . GLY B 1 111 ? -14.279 12.239  -15.971 1.00 17.39  ? 95  GLY B O   1 
ATOM   1164 N  N   . GLU B 1 112 ? -13.912 13.905  -14.575 1.00 17.88  ? 96  GLU B N   1 
ATOM   1165 C  CA  . GLU B 1 112 ? -12.458 13.714  -14.436 1.00 17.72  ? 96  GLU B CA  1 
ATOM   1166 C  C   . GLU B 1 112 ? -12.100 14.220  -13.008 1.00 18.40  ? 96  GLU B C   1 
ATOM   1167 O  O   . GLU B 1 112 ? -12.777 15.178  -12.502 1.00 18.93  ? 96  GLU B O   1 
ATOM   1168 C  CB  . GLU B 1 112 ? -11.527 14.470  -15.399 1.00 20.22  ? 96  GLU B CB  1 
ATOM   1169 C  CG  . GLU B 1 112 ? -11.547 15.970  -15.199 1.00 22.17  ? 96  GLU B CG  1 
ATOM   1170 C  CD  . GLU B 1 112 ? -10.938 16.899  -16.264 1.00 22.72  ? 96  GLU B CD  1 
ATOM   1171 O  OE1 . GLU B 1 112 ? -10.709 16.441  -17.401 1.00 26.48  ? 96  GLU B OE1 1 
ATOM   1172 O  OE2 . GLU B 1 112 ? -10.748 18.109  -15.947 1.00 27.39  ? 96  GLU B OE2 1 
ATOM   1173 N  N   . VAL B 1 113 ? -11.000 13.701  -12.433 1.00 17.41  ? 97  VAL B N   1 
ATOM   1174 C  CA  . VAL B 1 113 ? -10.522 14.102  -11.181 1.00 15.50  ? 97  VAL B CA  1 
ATOM   1175 C  C   . VAL B 1 113 ? -8.979  14.145  -11.199 1.00 14.77  ? 97  VAL B C   1 
ATOM   1176 O  O   . VAL B 1 113 ? -8.278  13.226  -11.748 1.00 13.83  ? 97  VAL B O   1 
ATOM   1177 C  CB  . VAL B 1 113 ? -11.091 13.218  -10.068 1.00 12.47  ? 97  VAL B CB  1 
ATOM   1178 C  CG1 . VAL B 1 113 ? -10.648 11.815  -10.238 1.00 16.78  ? 97  VAL B CG1 1 
ATOM   1179 C  CG2 . VAL B 1 113 ? -10.702 13.574  -8.657  1.00 17.32  ? 97  VAL B CG2 1 
ATOM   1180 N  N   . THR B 1 114 ? -8.450  14.985  -10.353 1.00 13.69  ? 98  THR B N   1 
ATOM   1181 C  CA  . THR B 1 114 ? -6.924  15.174  -10.299 1.00 13.02  ? 98  THR B CA  1 
ATOM   1182 C  C   . THR B 1 114 ? -6.452  14.678  -8.962  1.00 15.47  ? 98  THR B C   1 
ATOM   1183 O  O   . THR B 1 114 ? -6.859  15.170  -7.862  1.00 15.19  ? 98  THR B O   1 
ATOM   1184 C  CB  . THR B 1 114 ? -6.407  16.567  -10.495 1.00 13.41  ? 98  THR B CB  1 
ATOM   1185 O  OG1 . THR B 1 114 ? -7.031  17.082  -11.739 1.00 18.54  ? 98  THR B OG1 1 
ATOM   1186 C  CG2 . THR B 1 114 ? -4.789  16.760  -10.263 1.00 15.74  ? 98  THR B CG2 1 
ATOM   1187 N  N   . ILE B 1 115 ? -5.614  13.622  -8.981  1.00 13.35  ? 99  ILE B N   1 
ATOM   1188 C  CA  . ILE B 1 115 ? -5.112  12.991  -7.815  1.00 14.93  ? 99  ILE B CA  1 
ATOM   1189 C  C   . ILE B 1 115 ? -3.639  13.586  -7.718  1.00 13.04  ? 99  ILE B C   1 
ATOM   1190 O  O   . ILE B 1 115 ? -2.825  13.623  -8.687  1.00 20.94  ? 99  ILE B O   1 
ATOM   1191 C  CB  . ILE B 1 115 ? -5.126  11.399  -8.010  1.00 19.00  ? 99  ILE B CB  1 
ATOM   1192 C  CG1 . ILE B 1 115 ? -6.598  10.826  -8.208  1.00 16.17  ? 99  ILE B CG1 1 
ATOM   1193 C  CG2 . ILE B 1 115 ? -4.492  10.623  -6.796  1.00 22.61  ? 99  ILE B CG2 1 
ATOM   1194 C  CD1 . ILE B 1 115 ? -7.430  10.872  -7.088  1.00 16.68  ? 99  ILE B CD1 1 
ATOM   1195 N  N   . HIS B 1 116 ? -3.370  14.130  -6.513  1.00 13.18  ? 100 HIS B N   1 
ATOM   1196 C  CA  . HIS B 1 116 ? -2.050  14.648  -6.085  1.00 14.02  ? 100 HIS B CA  1 
ATOM   1197 C  C   . HIS B 1 116 ? -1.333  13.492  -5.349  1.00 15.88  ? 100 HIS B C   1 
ATOM   1198 O  O   . HIS B 1 116 ? -1.975  12.868  -4.408  1.00 14.84  ? 100 HIS B O   1 
ATOM   1199 C  CB  . HIS B 1 116 ? -2.202  15.887  -5.208  1.00 16.83  ? 100 HIS B CB  1 
ATOM   1200 C  CG  . HIS B 1 116 ? -2.938  17.010  -5.874  1.00 16.37  ? 100 HIS B CG  1 
ATOM   1201 N  ND1 . HIS B 1 116 ? -2.238  18.130  -6.269  1.00 18.89  ? 100 HIS B ND1 1 
ATOM   1202 C  CD2 . HIS B 1 116 ? -4.263  17.217  -6.159  1.00 15.69  ? 100 HIS B CD2 1 
ATOM   1203 C  CE1 . HIS B 1 116 ? -3.122  19.006  -6.740  1.00 18.89  ? 100 HIS B CE1 1 
ATOM   1204 N  NE2 . HIS B 1 116 ? -4.347  18.461  -6.790  1.00 14.54  ? 100 HIS B NE2 1 
ATOM   1205 N  N   . TYR B 1 117 ? -0.200  13.137  -5.720  1.00 14.27  ? 101 TYR B N   1 
ATOM   1206 C  CA  . TYR B 1 117 ? 0.495   11.944  -5.150  1.00 14.90  ? 101 TYR B CA  1 
ATOM   1207 C  C   . TYR B 1 117 ? 2.006   12.236  -4.824  1.00 14.94  ? 101 TYR B C   1 
ATOM   1208 O  O   . TYR B 1 117 ? 2.629   13.063  -5.446  1.00 21.00  ? 101 TYR B O   1 
ATOM   1209 C  CB  . TYR B 1 117 ? 0.325   10.684  -5.995  1.00 16.39  ? 101 TYR B CB  1 
ATOM   1210 C  CG  . TYR B 1 117 ? 0.865   10.904  -7.367  1.00 17.44  ? 101 TYR B CG  1 
ATOM   1211 C  CD1 . TYR B 1 117 ? 2.292   10.709  -7.637  1.00 20.54  ? 101 TYR B CD1 1 
ATOM   1212 C  CD2 . TYR B 1 117 ? 0.129   11.503  -8.361  1.00 18.86  ? 101 TYR B CD2 1 
ATOM   1213 C  CE1 . TYR B 1 117 ? 2.788   10.874  -8.955  1.00 22.46  ? 101 TYR B CE1 1 
ATOM   1214 C  CE2 . TYR B 1 117 ? 0.715   11.804  -9.635  1.00 20.60  ? 101 TYR B CE2 1 
ATOM   1215 C  CZ  . TYR B 1 117 ? 2.031   11.470  -9.896  1.00 26.92  ? 101 TYR B CZ  1 
ATOM   1216 O  OH  . TYR B 1 117 ? 2.563   11.752  -11.170 1.00 25.01  ? 101 TYR B OH  1 
ATOM   1217 N  N   . ASN B 1 118 ? 2.642   11.372  -4.046  1.00 16.99  ? 102 ASN B N   1 
ATOM   1218 C  CA  . ASN B 1 118 ? 4.175   11.234  -3.881  1.00 17.47  ? 102 ASN B CA  1 
ATOM   1219 C  C   . ASN B 1 118 ? 4.422   9.771   -4.351  1.00 20.53  ? 102 ASN B C   1 
ATOM   1220 O  O   . ASN B 1 118 ? 3.845   8.853   -3.720  1.00 22.19  ? 102 ASN B O   1 
ATOM   1221 C  CB  . ASN B 1 118 ? 4.606   11.290  -2.430  1.00 17.86  ? 102 ASN B CB  1 
ATOM   1222 C  CG  . ASN B 1 118 ? 4.294   12.621  -1.775  1.00 19.86  ? 102 ASN B CG  1 
ATOM   1223 O  OD1 . ASN B 1 118 ? 4.387   13.643  -2.396  1.00 23.21  ? 102 ASN B OD1 1 
ATOM   1224 N  ND2 . ASN B 1 118 ? 4.069   12.610  -0.506  1.00 16.23  ? 102 ASN B ND2 1 
ATOM   1225 N  N   . LYS B 1 119 ? 5.157   9.635   -5.427  1.00 21.02  ? 103 LYS B N   1 
ATOM   1226 C  CA  . LYS B 1 119 ? 5.490   8.302   -6.054  1.00 26.64  ? 103 LYS B CA  1 
ATOM   1227 C  C   . LYS B 1 119 ? 6.295   7.379   -5.231  1.00 28.07  ? 103 LYS B C   1 
ATOM   1228 O  O   . LYS B 1 119 ? 7.289   7.819   -4.570  1.00 35.53  ? 103 LYS B O   1 
ATOM   1229 C  CB  . LYS B 1 119 ? 6.300   8.522   -7.334  1.00 34.44  ? 103 LYS B CB  1 
ATOM   1230 C  CG  . LYS B 1 119 ? 5.525   8.491   -8.608  1.00 35.16  ? 103 LYS B CG  1 
ATOM   1231 C  CD  . LYS B 1 119 ? 5.398   7.078   -9.168  1.00 34.42  ? 103 LYS B CD  1 
ATOM   1232 C  CE  . LYS B 1 119 ? 4.128   6.996   -9.918  1.00 36.61  ? 103 LYS B CE  1 
ATOM   1233 N  NZ  . LYS B 1 119 ? 3.871   5.607   -10.299 1.00 31.00  ? 103 LYS B NZ  1 
ATOM   1234 N  N   . LEU B 1 120 ? 5.945   6.090   -5.210  1.00 34.71  ? 104 LEU B N   1 
ATOM   1235 C  CA  . LEU B 1 120 ? 6.515   5.101   -4.201  1.00 30.14  ? 104 LEU B CA  1 
ATOM   1236 C  C   . LEU B 1 120 ? 8.007   5.239   -3.982  1.00 31.06  ? 104 LEU B C   1 
ATOM   1237 O  O   . LEU B 1 120 ? 8.723   5.281   -4.972  1.00 35.79  ? 104 LEU B O   1 
ATOM   1238 C  CB  . LEU B 1 120 ? 6.298   3.650   -4.690  1.00 23.43  ? 104 LEU B CB  1 
ATOM   1239 C  CG  . LEU B 1 120 ? 6.607   2.406   -3.813  1.00 20.75  ? 104 LEU B CG  1 
ATOM   1240 C  CD1 . LEU B 1 120 ? 6.209   2.395   -2.340  1.00 20.48  ? 104 LEU B CD1 1 
ATOM   1241 C  CD2 . LEU B 1 120 ? 6.120   1.107   -4.354  1.00 23.81  ? 104 LEU B CD2 1 
HETATM 1242 C  C1  . DUY C 2 .   ? 12.362  -9.350  -5.995  1.00 29.46  ? 201 DUY A C1  1 
HETATM 1243 C  C2  . DUY C 2 .   ? 10.949  -9.845  -6.391  1.00 30.19  ? 201 DUY A C2  1 
HETATM 1244 C  C3  . DUY C 2 .   ? 11.071  -8.640  -8.608  1.00 34.81  ? 201 DUY A C3  1 
HETATM 1245 O  O4  . DUY C 2 .   ? 11.808  -11.406 1.251   1.00 31.37  ? 201 DUY A O4  1 
HETATM 1246 C  C5  . DUY C 2 .   ? 11.749  -5.315  -7.289  1.00 40.64  ? 201 DUY A C5  1 
HETATM 1247 C  C6  . DUY C 2 .   ? 10.825  -5.711  -9.444  1.00 36.72  ? 201 DUY A C6  1 
HETATM 1248 O  O6  . DUY C 2 .   ? 14.362  -8.091  -0.899  1.00 29.92  ? 201 DUY A O6  1 
HETATM 1249 C  C7  . DUY C 2 .   ? 13.048  -6.612  -8.965  1.00 37.22  ? 201 DUY A C7  1 
HETATM 1250 C  C8  . DUY C 2 .   ? 11.007  -11.139 -8.318  1.00 28.74  ? 201 DUY A C8  1 
HETATM 1251 C  C9  . DUY C 2 .   ? 10.973  -12.141 -7.172  1.00 36.38  ? 201 DUY A C9  1 
HETATM 1252 C  C10 . DUY C 2 .   ? 10.551  -11.266 -5.993  1.00 31.92  ? 201 DUY A C10 1 
HETATM 1253 C  C15 . DUY C 2 .   ? 11.686  -9.138  0.482   1.00 29.05  ? 201 DUY A C15 1 
HETATM 1254 C  C16 . DUY C 2 .   ? 11.940  -8.685  1.918   1.00 26.83  ? 201 DUY A C16 1 
HETATM 1255 C  C17 . DUY C 2 .   ? 12.709  -7.358  2.237   1.00 31.45  ? 201 DUY A C17 1 
HETATM 1256 C  C18 . DUY C 2 .   ? 11.696  -6.225  2.076   1.00 31.04  ? 201 DUY A C18 1 
HETATM 1257 C  C19 . DUY C 2 .   ? 10.362  -6.877  2.421   1.00 30.18  ? 201 DUY A C19 1 
HETATM 1258 C  C20 . DUY C 2 .   ? 10.614  -8.383  2.514   1.00 30.04  ? 201 DUY A C20 1 
HETATM 1259 C  C21 . DUY C 2 .   ? 11.392  -10.595 0.366   1.00 30.21  ? 201 DUY A C21 1 
HETATM 1260 O  OH  . DUY C 2 .   ? 13.365  -9.427  -6.708  1.00 28.84  ? 201 DUY A OH  1 
HETATM 1261 N  N   . DUY C 2 .   ? 11.017  -9.804  -7.821  1.00 30.08  ? 201 DUY A N   1 
HETATM 1262 O  O   . DUY C 2 .   ? 11.063  -7.446  -7.928  1.00 34.82  ? 201 DUY A O   1 
HETATM 1263 C  C   . DUY C 2 .   ? 11.660  -6.391  -8.369  1.00 37.10  ? 201 DUY A C   1 
HETATM 1264 O  O3  . DUY C 2 .   ? 11.141  -8.672  -9.827  1.00 38.09  ? 201 DUY A O3  1 
HETATM 1265 N  N2  . DUY C 2 .   ? 12.448  -8.648  -4.783  1.00 28.70  ? 201 DUY A N2  1 
HETATM 1266 C  CE1 . DUY C 2 .   ? 13.757  -8.348  -4.221  1.00 26.92  ? 201 DUY A CE1 1 
HETATM 1267 C  CD1 . DUY C 2 .   ? 13.778  -7.039  -3.481  1.00 25.51  ? 201 DUY A CD1 1 
HETATM 1268 C  CG  . DUY C 2 .   ? 12.711  -6.952  -2.393  1.00 26.86  ? 201 DUY A CG  1 
HETATM 1269 C  CB  . DUY C 2 .   ? 13.228  -7.902  -1.345  1.00 28.08  ? 201 DUY A CB  1 
HETATM 1270 N  N3  . DUY C 2 .   ? 12.616  -8.637  -0.415  1.00 29.80  ? 201 DUY A N3  1 
HETATM 1271 O  O5  . DUY C 2 .   ? 10.569  -10.701 -0.561  1.00 32.70  ? 201 DUY A O5  1 
HETATM 1272 C  CD2 . DUY C 2 .   ? 12.678  -5.598  -1.667  1.00 29.33  ? 201 DUY A CD2 1 
HETATM 1273 C  CE2 . DUY C 2 .   ? 11.568  -4.744  -1.738  1.00 30.51  ? 201 DUY A CE2 1 
HETATM 1274 C  C24 . DUY C 2 .   ? 11.523  -3.585  -0.996  1.00 36.65  ? 201 DUY A C24 1 
HETATM 1275 C  C25 . DUY C 2 .   ? 12.667  -3.263  -0.263  1.00 38.18  ? 201 DUY A C25 1 
HETATM 1276 BR BR1 . DUY C 2 .   ? 12.748  -1.601  0.771   1.00 47.88  ? 201 DUY A BR1 1 
HETATM 1277 C  C26 . DUY C 2 .   ? 13.809  -4.014  -0.171  1.00 36.91  ? 201 DUY A C26 1 
HETATM 1278 C  C27 . DUY C 2 .   ? 13.770  -5.194  -0.919  1.00 32.92  ? 201 DUY A C27 1 
HETATM 1279 C  C28 . DUY C 2 .   ? 11.400  -7.445  -3.110  1.00 27.75  ? 201 DUY A C28 1 
HETATM 1280 C  C29 . DUY C 2 .   ? 11.473  -8.833  -3.783  1.00 30.12  ? 201 DUY A C29 1 
HETATM 1281 C  C1  . DUY D 2 .   ? -14.211 -1.280  -8.490  1.00 35.23  ? 201 DUY B C1  1 
HETATM 1282 C  C2  . DUY D 2 .   ? -13.048 -2.065  -9.099  1.00 34.10  ? 201 DUY B C2  1 
HETATM 1283 C  C3  . DUY D 2 .   ? -13.278 -4.481  -8.764  1.00 39.40  ? 201 DUY B C3  1 
HETATM 1284 O  O4  . DUY D 2 .   ? -12.938 5.891   -8.564  1.00 28.09  ? 201 DUY B O4  1 
HETATM 1285 C  C5  . DUY D 2 .   ? -13.708 -3.648  -5.462  1.00 43.66  ? 201 DUY B C5  1 
HETATM 1286 C  C6  . DUY D 2 .   ? -12.486 -5.743  -5.977  1.00 44.30  ? 201 DUY B C6  1 
HETATM 1287 O  O6  . DUY D 2 .   ? -15.259 3.151   -5.662  1.00 31.73  ? 201 DUY B O6  1 
HETATM 1288 C  C7  . DUY D 2 .   ? -14.955 -5.446  -6.303  1.00 50.76  ? 201 DUY B C7  1 
HETATM 1289 C  C8  . DUY D 2 .   ? -13.029 -3.545  -10.990 1.00 41.77  ? 201 DUY B C8  1 
HETATM 1290 C  C9  . DUY D 2 .   ? -12.932 -2.099  -11.452 1.00 43.78  ? 201 DUY B C9  1 
HETATM 1291 C  C10 . DUY D 2 .   ? -12.595 -1.181  -10.265 1.00 34.08  ? 201 DUY B C10 1 
HETATM 1292 C  C15 . DUY D 2 .   ? -13.194 4.741   -6.555  1.00 25.49  ? 201 DUY B C15 1 
HETATM 1293 C  C16 . DUY D 2 .   ? -12.666 5.803   -5.567  1.00 26.16  ? 201 DUY B C16 1 
HETATM 1294 C  C17 . DUY D 2 .   ? -12.990 5.438   -4.105  1.00 28.28  ? 201 DUY B C17 1 
HETATM 1295 C  C18 . DUY D 2 .   ? -11.686 5.168   -3.408  1.00 25.54  ? 201 DUY B C18 1 
HETATM 1296 C  C19 . DUY D 2 .   ? -10.646 5.814   -4.270  1.00 26.64  ? 201 DUY B C19 1 
HETATM 1297 C  C20 . DUY D 2 .   ? -11.162 5.711   -5.631  1.00 24.98  ? 201 DUY B C20 1 
HETATM 1298 C  C21 . DUY D 2 .   ? -12.747 4.803   -7.980  1.00 26.84  ? 201 DUY B C21 1 
HETATM 1299 O  OH  . DUY D 2 .   ? -15.290 -1.853  -8.640  1.00 44.21  ? 201 DUY B OH  1 
HETATM 1300 N  N   . DUY D 2 .   ? -13.401 -3.399  -9.613  1.00 42.57  ? 201 DUY B N   1 
HETATM 1301 O  O   . DUY D 2 .   ? -13.519 -4.093  -7.500  1.00 43.31  ? 201 DUY B O   1 
HETATM 1302 C  C   . DUY D 2 .   ? -13.610 -4.760  -6.438  1.00 43.85  ? 201 DUY B C   1 
HETATM 1303 O  O3  . DUY D 2 .   ? -12.888 -5.582  -9.109  1.00 57.57  ? 201 DUY B O3  1 
HETATM 1304 N  N2  . DUY D 2 .   ? -13.989 -0.567  -7.317  1.00 31.95  ? 201 DUY B N2  1 
HETATM 1305 C  CE1 . DUY D 2 .   ? -15.152 -0.009  -6.707  1.00 28.89  ? 201 DUY B CE1 1 
HETATM 1306 C  CD1 . DUY D 2 .   ? -15.104 0.357   -5.249  1.00 29.84  ? 201 DUY B CD1 1 
HETATM 1307 C  CG  . DUY D 2 .   ? -13.861 1.240   -4.948  1.00 30.53  ? 201 DUY B CG  1 
HETATM 1308 C  CB  . DUY D 2 .   ? -14.135 2.646   -5.588  1.00 30.91  ? 201 DUY B CB  1 
HETATM 1309 N  N3  . DUY D 2 .   ? -13.023 3.391   -6.002  1.00 25.25  ? 201 DUY B N3  1 
HETATM 1310 O  O5  . DUY D 2 .   ? -12.045 3.805   -8.374  1.00 25.54  ? 201 DUY B O5  1 
HETATM 1311 C  CD2 . DUY D 2 .   ? -13.564 1.523   -3.515  1.00 32.72  ? 201 DUY B CD2 1 
HETATM 1312 C  CE2 . DUY D 2 .   ? -12.247 1.490   -3.030  1.00 36.58  ? 201 DUY B CE2 1 
HETATM 1313 C  C24 . DUY D 2 .   ? -11.834 1.880   -1.777  1.00 35.61  ? 201 DUY B C24 1 
HETATM 1314 C  C25 . DUY D 2 .   ? -12.922 2.348   -1.081  1.00 33.22  ? 201 DUY B C25 1 
HETATM 1315 BR BR1 . DUY D 2 .   ? -12.673 2.816   0.773   1.00 50.01  ? 201 DUY B BR1 1 
HETATM 1316 C  C26 . DUY D 2 .   ? -14.231 2.370   -1.447  1.00 35.10  ? 201 DUY B C26 1 
HETATM 1317 C  C27 . DUY D 2 .   ? -14.586 1.975   -2.719  1.00 36.19  ? 201 DUY B C27 1 
HETATM 1318 C  C28 . DUY D 2 .   ? -12.792 0.480   -5.653  1.00 30.04  ? 201 DUY B C28 1 
HETATM 1319 C  C29 . DUY D 2 .   ? -12.878 0.313   -7.128  1.00 31.06  ? 201 DUY B C29 1 
HETATM 1320 O  O   . HOH E 3 .   ? 8.871   -0.567  -1.751  1.00 54.13  ? 301 HOH A O   1 
HETATM 1321 O  O   . HOH E 3 .   ? -5.186  -6.046  -1.608  1.00 43.48  ? 302 HOH A O   1 
HETATM 1322 O  O   . HOH E 3 .   ? 4.609   -20.558 12.717  1.00 44.16  ? 303 HOH A O   1 
HETATM 1323 O  O   . HOH E 3 .   ? 11.441  5.203   4.722   1.00 52.00  ? 304 HOH A O   1 
HETATM 1324 O  O   . HOH E 3 .   ? -1.579  -14.972 -3.757  1.00 35.73  ? 305 HOH A O   1 
HETATM 1325 O  O   . HOH E 3 .   ? -0.330  -9.412  14.379  1.00 36.84  ? 306 HOH A O   1 
HETATM 1326 O  O   . HOH E 3 .   ? 16.837  -18.219 3.686   1.00 32.35  ? 307 HOH A O   1 
HETATM 1327 O  O   . HOH E 3 .   ? 0.668   -11.424 -6.878  1.00 47.99  ? 308 HOH A O   1 
HETATM 1328 O  O   . HOH E 3 .   ? 3.168   -20.761 5.197   1.00 41.01  ? 309 HOH A O   1 
HETATM 1329 O  O   . HOH E 3 .   ? -0.962  -6.848  14.175  1.00 36.06  ? 310 HOH A O   1 
HETATM 1330 O  O   . HOH E 3 .   ? 13.040  -17.875 11.718  1.00 39.57  ? 311 HOH A O   1 
HETATM 1331 O  O   . HOH E 3 .   ? 1.282   -12.676 -6.521  1.00 38.29  ? 312 HOH A O   1 
HETATM 1332 O  O   . HOH E 3 .   ? -3.717  -0.326  3.682   1.00 36.37  ? 313 HOH A O   1 
HETATM 1333 O  O   . HOH E 3 .   ? 10.876  -19.803 12.982  1.00 41.48  ? 314 HOH A O   1 
HETATM 1334 O  O   . HOH E 3 .   ? 15.732  -9.935  11.914  1.00 37.06  ? 315 HOH A O   1 
HETATM 1335 O  O   . HOH E 3 .   ? -2.842  -0.218  12.912  1.00 41.73  ? 316 HOH A O   1 
HETATM 1336 O  O   . HOH E 3 .   ? 9.463   -17.596 13.058  1.00 38.88  ? 317 HOH A O   1 
HETATM 1337 O  O   . HOH E 3 .   ? 5.838   -20.610 3.139   1.00 34.29  ? 318 HOH A O   1 
HETATM 1338 O  O   . HOH E 3 .   ? -3.874  1.523   8.509   1.00 38.42  ? 319 HOH A O   1 
HETATM 1339 O  O   . HOH E 3 .   ? 1.049   -22.293 3.044   1.00 45.71  ? 320 HOH A O   1 
HETATM 1340 O  O   . HOH E 3 .   ? -1.729  -8.442  -3.249  1.00 35.05  ? 321 HOH A O   1 
HETATM 1341 O  O   . HOH E 3 .   ? 6.505   -14.787 15.692  1.00 37.43  ? 322 HOH A O   1 
HETATM 1342 O  O   . HOH E 3 .   ? 14.134  -11.790 2.679   1.00 32.50  ? 323 HOH A O   1 
HETATM 1343 O  O   . HOH E 3 .   ? 8.190   3.815   11.128  1.00 41.92  ? 324 HOH A O   1 
HETATM 1344 O  O   . HOH E 3 .   ? 4.253   -20.486 0.402   1.00 34.91  ? 325 HOH A O   1 
HETATM 1345 O  O   . HOH E 3 .   ? -0.453  0.643   13.828  1.00 46.01  ? 326 HOH A O   1 
HETATM 1346 O  O   . HOH E 3 .   ? 1.079   -15.026 2.338   1.00 36.11  ? 327 HOH A O   1 
HETATM 1347 O  O   . HOH E 3 .   ? 21.427  -13.954 8.975   1.00 42.88  ? 328 HOH A O   1 
HETATM 1348 O  O   . HOH E 3 .   ? 0.591   -4.558  -5.675  1.00 36.49  ? 329 HOH A O   1 
HETATM 1349 O  O   . HOH E 3 .   ? -0.270  -1.765  -2.392  1.00 34.52  ? 330 HOH A O   1 
HETATM 1350 O  O   . HOH E 3 .   ? 17.387  3.401   7.119   1.00 43.99  ? 331 HOH A O   1 
HETATM 1351 O  O   . HOH E 3 .   ? 4.341   -10.575 -9.868  1.00 42.84  ? 332 HOH A O   1 
HETATM 1352 O  O   . HOH E 3 .   ? 0.462   -7.632  -5.141  1.00 32.49  ? 333 HOH A O   1 
HETATM 1353 O  O   . HOH E 3 .   ? 5.989   -2.679  -5.549  1.00 40.99  ? 334 HOH A O   1 
HETATM 1354 O  O   . HOH E 3 .   ? 3.554   6.320   19.061  1.00 57.15  ? 335 HOH A O   1 
HETATM 1355 O  O   . HOH E 3 .   ? 13.007  -21.733 -3.999  1.00 42.73  ? 336 HOH A O   1 
HETATM 1356 O  O   . HOH E 3 .   ? 18.435  -6.059  10.568  1.00 52.50  ? 337 HOH A O   1 
HETATM 1357 O  O   . HOH E 3 .   ? 10.176  -18.173 -5.387  1.00 48.56  ? 338 HOH A O   1 
HETATM 1358 O  O   . HOH E 3 .   ? 3.145   -0.518  10.793  1.00 32.63  ? 339 HOH A O   1 
HETATM 1359 O  O   . HOH E 3 .   ? 1.194   -10.045 16.508  1.00 43.88  ? 340 HOH A O   1 
HETATM 1360 O  O   . HOH E 3 .   ? 2.568   -18.167 12.509  1.00 40.71  ? 341 HOH A O   1 
HETATM 1361 O  O   . HOH E 3 .   ? 16.864  -8.812  -2.362  1.00 42.93  ? 342 HOH A O   1 
HETATM 1362 O  O   . HOH E 3 .   ? -1.651  -2.834  15.418  1.00 42.74  ? 343 HOH A O   1 
HETATM 1363 O  O   . HOH E 3 .   ? 18.053  -17.194 10.706  1.00 40.85  ? 344 HOH A O   1 
HETATM 1364 O  O   . HOH E 3 .   ? -3.025  -15.236 12.732  1.00 40.02  ? 345 HOH A O   1 
HETATM 1365 O  O   . HOH E 3 .   ? 7.627   -12.566 -9.177  1.00 45.96  ? 346 HOH A O   1 
HETATM 1366 O  O   . HOH E 3 .   ? 1.749   -19.786 9.950   1.00 40.93  ? 347 HOH A O   1 
HETATM 1367 O  O   . HOH E 3 .   ? 13.538  -12.586 16.974  1.00 44.16  ? 348 HOH A O   1 
HETATM 1368 O  O   . HOH E 3 .   ? 4.580   -17.082 16.108  1.00 52.15  ? 349 HOH A O   1 
HETATM 1369 O  O   . HOH E 3 .   ? -1.371  -22.017 1.191   1.00 48.11  ? 350 HOH A O   1 
HETATM 1370 O  O   . HOH E 3 .   ? -3.971  -2.838  6.880   1.00 38.81  ? 351 HOH A O   1 
HETATM 1371 O  O   . HOH E 3 .   ? 0.394   -23.006 -1.284  1.00 48.50  ? 352 HOH A O   1 
HETATM 1372 O  O   . HOH E 3 .   ? 6.791   -4.005  -9.806  1.00 58.24  ? 353 HOH A O   1 
HETATM 1373 O  O   . HOH E 3 .   ? 13.797  3.721   4.312   1.00 39.66  ? 354 HOH A O   1 
HETATM 1374 O  O   . HOH E 3 .   ? 9.950   -16.005 -7.793  1.00 54.58  ? 355 HOH A O   1 
HETATM 1375 O  O   . HOH E 3 .   ? -0.361  -5.237  -5.619  1.00 72.55  ? 356 HOH A O   1 
HETATM 1376 O  O   . HOH E 3 .   ? 17.213  -21.025 3.787   1.00 37.60  ? 357 HOH A O   1 
HETATM 1377 O  O   . HOH E 3 .   ? 2.224   -22.149 0.487   1.00 37.69  ? 358 HOH A O   1 
HETATM 1378 O  O   . HOH E 3 .   ? 6.931   -17.436 -13.745 1.00 50.54  ? 359 HOH A O   1 
HETATM 1379 O  O   . HOH E 3 .   ? 18.177  -12.171 12.422  1.00 45.47  ? 360 HOH A O   1 
HETATM 1380 O  O   . HOH E 3 .   ? 6.709   -6.035  -11.217 1.00 48.93  ? 361 HOH A O   1 
HETATM 1381 O  O   . HOH E 3 .   ? -0.202  -0.215  0.134   1.00 62.85  ? 362 HOH A O   1 
HETATM 1382 O  O   . HOH E 3 .   ? 10.526  7.147   14.043  1.00 52.91  ? 363 HOH A O   1 
HETATM 1383 O  O   . HOH E 3 .   ? 10.920  6.186   10.789  1.00 54.52  ? 364 HOH A O   1 
HETATM 1384 O  O   . HOH E 3 .   ? 3.711   -0.289  15.208  1.00 48.14  ? 365 HOH A O   1 
HETATM 1385 O  O   . HOH E 3 .   ? 4.394   0.671   12.917  1.00 42.26  ? 366 HOH A O   1 
HETATM 1386 O  O   . HOH E 3 .   ? 2.031   1.851   1.669   1.00 38.52  ? 367 HOH A O   1 
HETATM 1387 O  O   . HOH E 3 .   ? 12.491  -6.319  20.822  1.00 48.57  ? 368 HOH A O   1 
HETATM 1388 O  O   . HOH E 3 .   ? 15.823  -23.486 3.887   1.00 36.04  ? 369 HOH A O   1 
HETATM 1389 O  O   . HOH E 3 .   ? 10.411  14.125  10.894  1.00 55.20  ? 370 HOH A O   1 
HETATM 1390 O  O   . HOH E 3 .   ? 10.765  -14.621 -9.247  1.00 42.05  ? 371 HOH A O   1 
HETATM 1391 O  O   . HOH E 3 .   ? 3.106   -23.007 -3.063  1.00 50.16  ? 372 HOH A O   1 
HETATM 1392 O  O   . HOH E 3 .   ? 3.633   3.321   14.483  1.00 46.27  ? 373 HOH A O   1 
HETATM 1393 O  O   . HOH F 3 .   ? -4.583  8.435   14.155  1.00 48.24  ? 301 HOH B O   1 
HETATM 1394 O  O   . HOH F 3 .   ? -15.102 15.940  -3.734  1.00 41.73  ? 302 HOH B O   1 
HETATM 1395 O  O   . HOH F 3 .   ? -10.466 -4.498  -13.248 1.00 45.15  ? 303 HOH B O   1 
HETATM 1396 O  O   . HOH F 3 .   ? -3.622  12.133  6.486   1.00 50.72  ? 304 HOH B O   1 
HETATM 1397 O  O   . HOH F 3 .   ? -3.515  17.253  -13.479 1.00 50.66  ? 305 HOH B O   1 
HETATM 1398 O  O   . HOH F 3 .   ? -9.309  18.043  -11.724 1.00 37.27  ? 306 HOH B O   1 
HETATM 1399 O  O   . HOH F 3 .   ? -9.741  5.231   7.430   1.00 50.01  ? 307 HOH B O   1 
HETATM 1400 O  O   . HOH F 3 .   ? -16.657 17.209  -11.955 1.00 42.48  ? 308 HOH B O   1 
HETATM 1401 O  O   . HOH F 3 .   ? -1.578  3.059   -13.591 1.00 48.70  ? 309 HOH B O   1 
HETATM 1402 O  O   . HOH F 3 .   ? -1.204  0.209   -15.486 1.00 39.83  ? 310 HOH B O   1 
HETATM 1403 O  O   . HOH F 3 .   ? 7.807   10.068  -2.909  1.00 49.12  ? 311 HOH B O   1 
HETATM 1404 O  O   . HOH F 3 .   ? -0.467  16.496  -14.283 1.00 45.97  ? 312 HOH B O   1 
HETATM 1405 O  O   . HOH F 3 .   ? -14.788 7.572   -8.264  1.00 32.78  ? 313 HOH B O   1 
HETATM 1406 O  O   . HOH F 3 .   ? -15.503 10.851  -17.800 1.00 42.28  ? 314 HOH B O   1 
HETATM 1407 O  O   . HOH F 3 .   ? -2.335  -4.049  -5.766  1.00 41.34  ? 315 HOH B O   1 
HETATM 1408 O  O   . HOH F 3 .   ? -6.178  10.956  4.455   1.00 46.05  ? 316 HOH B O   1 
HETATM 1409 O  O   . HOH F 3 .   ? -7.650  -3.713  -3.221  1.00 40.83  ? 317 HOH B O   1 
HETATM 1410 O  O   . HOH F 3 .   ? 1.549   19.625  7.655   1.00 44.07  ? 318 HOH B O   1 
HETATM 1411 O  O   . HOH F 3 .   ? -11.543 19.129  -13.697 1.00 37.03  ? 319 HOH B O   1 
HETATM 1412 O  O   . HOH F 3 .   ? -21.199 10.787  -5.639  1.00 50.20  ? 320 HOH B O   1 
HETATM 1413 O  O   . HOH F 3 .   ? -15.524 13.378  2.251   1.00 42.99  ? 321 HOH B O   1 
HETATM 1414 O  O   . HOH F 3 .   ? -13.053 17.660  -11.740 1.00 35.38  ? 322 HOH B O   1 
HETATM 1415 O  O   . HOH F 3 .   ? -20.139 6.851   -7.613  1.00 57.75  ? 323 HOH B O   1 
HETATM 1416 O  O   . HOH F 3 .   ? -0.007  17.726  6.222   1.00 50.35  ? 324 HOH B O   1 
HETATM 1417 O  O   . HOH F 3 .   ? -6.963  6.530   -18.657 1.00 36.15  ? 325 HOH B O   1 
HETATM 1418 O  O   . HOH F 3 .   ? -15.325 7.754   7.972   1.00 44.56  ? 326 HOH B O   1 
HETATM 1419 O  O   . HOH F 3 .   ? 4.283   3.093   -0.145  1.00 38.03  ? 327 HOH B O   1 
HETATM 1420 O  O   . HOH F 3 .   ? 1.949   12.967  -13.469 1.00 47.39  ? 328 HOH B O   1 
HETATM 1421 O  O   . HOH F 3 .   ? -8.318  -5.483  -22.218 1.00 38.31  ? 329 HOH B O   1 
HETATM 1422 O  O   . HOH F 3 .   ? -12.250 24.958  -1.298  1.00 52.43  ? 330 HOH B O   1 
HETATM 1423 O  O   . HOH F 3 .   ? -2.501  -2.753  -8.286  1.00 30.73  ? 331 HOH B O   1 
HETATM 1424 O  O   . HOH F 3 .   ? -3.950  -2.806  -13.148 1.00 35.47  ? 332 HOH B O   1 
HETATM 1425 O  O   . HOH F 3 .   ? -11.331 18.745  -4.005  1.00 46.82  ? 333 HOH B O   1 
HETATM 1426 O  O   . HOH F 3 .   ? 3.313   12.755  3.720   1.00 58.24  ? 334 HOH B O   1 
HETATM 1427 O  O   . HOH F 3 .   ? -8.421  13.973  11.711  1.00 54.17  ? 335 HOH B O   1 
HETATM 1428 O  O   . HOH F 3 .   ? -5.190  -5.165  -10.104 1.00 34.85  ? 336 HOH B O   1 
HETATM 1429 O  O   . HOH F 3 .   ? -1.878  16.350  2.253   1.00 44.28  ? 337 HOH B O   1 
HETATM 1430 O  O   . HOH F 3 .   ? -8.482  2.909   7.185   1.00 42.87  ? 338 HOH B O   1 
HETATM 1431 O  O   . HOH F 3 .   ? -1.276  10.774  2.719   1.00 32.63  ? 339 HOH B O   1 
HETATM 1432 O  O   . HOH F 3 .   ? -13.962 11.550  -20.085 1.00 45.91  ? 340 HOH B O   1 
HETATM 1433 O  O   . HOH F 3 .   ? -2.777  14.912  -15.976 1.00 44.64  ? 341 HOH B O   1 
HETATM 1434 O  O   . HOH F 3 .   ? -13.633 19.478  -7.056  1.00 39.89  ? 342 HOH B O   1 
HETATM 1435 O  O   . HOH F 3 .   ? -0.045  -1.001  -9.208  1.00 34.85  ? 343 HOH B O   1 
HETATM 1436 O  O   . HOH F 3 .   ? -9.132  -7.087  -4.670  1.00 51.30  ? 344 HOH B O   1 
HETATM 1437 O  O   . HOH F 3 .   ? -21.357 15.035  -7.056  1.00 37.67  ? 345 HOH B O   1 
HETATM 1438 O  O   . HOH F 3 .   ? -2.737  6.361   -13.476 1.00 28.88  ? 346 HOH B O   1 
HETATM 1439 O  O   . HOH F 3 .   ? 0.361   18.876  -5.420  1.00 43.71  ? 347 HOH B O   1 
HETATM 1440 O  O   . HOH F 3 .   ? -20.613 17.055  -3.307  1.00 63.09  ? 348 HOH B O   1 
HETATM 1441 O  O   . HOH F 3 .   ? -13.682 0.889   -16.854 1.00 56.89  ? 349 HOH B O   1 
HETATM 1442 O  O   . HOH F 3 .   ? -5.639  10.504  7.640   1.00 41.03  ? 350 HOH B O   1 
HETATM 1443 O  O   . HOH F 3 .   ? 1.617   16.259  -5.308  1.00 37.10  ? 351 HOH B O   1 
HETATM 1444 O  O   . HOH F 3 .   ? -7.785  9.328   -17.942 1.00 37.42  ? 352 HOH B O   1 
HETATM 1445 O  O   . HOH F 3 .   ? -7.666  7.907   -16.128 1.00 100.00 ? 353 HOH B O   1 
HETATM 1446 O  O   . HOH F 3 .   ? 3.910   -1.100  -6.470  1.00 45.03  ? 354 HOH B O   1 
HETATM 1447 O  O   . HOH F 3 .   ? -9.715  19.209  2.126   1.00 53.90  ? 355 HOH B O   1 
HETATM 1448 O  O   . HOH F 3 .   ? -17.948 17.243  -9.910  1.00 42.84  ? 356 HOH B O   1 
HETATM 1449 O  O   . HOH F 3 .   ? -18.182 10.683  -13.426 1.00 32.88  ? 357 HOH B O   1 
HETATM 1450 O  O   . HOH F 3 .   ? 5.277   3.114   -10.981 1.00 51.93  ? 358 HOH B O   1 
HETATM 1451 O  O   . HOH F 3 .   ? -7.387  -5.915  -11.673 1.00 35.73  ? 359 HOH B O   1 
HETATM 1452 O  O   . HOH F 3 .   ? 5.430   6.936   2.689   1.00 44.48  ? 360 HOH B O   1 
HETATM 1453 O  O   . HOH F 3 .   ? -5.388  0.316   5.689   1.00 47.47  ? 361 HOH B O   1 
HETATM 1454 O  O   . HOH F 3 .   ? -16.424 0.448   -18.742 1.00 52.87  ? 362 HOH B O   1 
HETATM 1455 O  O   . HOH F 3 .   ? -14.073 15.317  -17.742 1.00 37.13  ? 363 HOH B O   1 
HETATM 1456 O  O   . HOH F 3 .   ? -12.500 22.158  2.034   1.00 44.17  ? 364 HOH B O   1 
HETATM 1457 O  O   . HOH F 3 .   ? -11.284 2.283   -18.914 1.00 41.68  ? 365 HOH B O   1 
HETATM 1458 O  O   . HOH F 3 .   ? 3.537   15.353  0.934   1.00 47.24  ? 366 HOH B O   1 
HETATM 1459 O  O   . HOH F 3 .   ? -12.325 4.963   6.994   1.00 43.63  ? 367 HOH B O   1 
HETATM 1460 O  O   . HOH F 3 .   ? -0.499  0.417   -11.924 1.00 42.90  ? 368 HOH B O   1 
HETATM 1461 O  O   . HOH F 3 .   ? -18.694 11.561  -16.335 1.00 36.81  ? 369 HOH B O   1 
HETATM 1462 O  O   . HOH F 3 .   ? -6.543  6.634   17.406  1.00 52.34  ? 370 HOH B O   1 
HETATM 1463 O  O   . HOH F 3 .   ? -11.977 19.419  1.341   1.00 50.80  ? 371 HOH B O   1 
HETATM 1464 O  O   . HOH F 3 .   ? -4.447  20.532  -11.675 1.00 44.57  ? 372 HOH B O   1 
HETATM 1465 O  O   . HOH F 3 .   ? -5.507  6.411   -20.932 1.00 37.37  ? 373 HOH B O   1 
HETATM 1466 O  O   . HOH F 3 .   ? -10.246 -6.461  -11.544 1.00 43.08  ? 374 HOH B O   1 
HETATM 1467 O  O   . HOH F 3 .   ? -6.614  10.224  10.224  1.00 52.44  ? 375 HOH B O   1 
HETATM 1468 O  O   . HOH F 3 .   ? -1.721  12.640  4.609   1.00 41.22  ? 376 HOH B O   1 
HETATM 1469 O  O   . HOH F 3 .   ? -1.538  -4.136  -10.609 1.00 46.15  ? 377 HOH B O   1 
HETATM 1470 O  O   . HOH F 3 .   ? 1.693   13.308  5.661   1.00 59.64  ? 378 HOH B O   1 
HETATM 1471 O  O   . HOH F 3 .   ? -1.950  13.499  9.049   1.00 44.64  ? 379 HOH B O   1 
HETATM 1472 O  O   . HOH F 3 .   ? 2.559   0.912   -12.802 1.00 40.36  ? 380 HOH B O   1 
HETATM 1473 O  O   . HOH F 3 .   ? -17.870 18.666  -7.488  1.00 47.73  ? 381 HOH B O   1 
HETATM 1474 O  O   . HOH F 3 .   ? -17.189 -0.912  -12.438 1.00 52.25  ? 382 HOH B O   1 
HETATM 1475 O  O   . HOH F 3 .   ? -1.558  1.151   2.313   1.00 43.59  ? 383 HOH B O   1 
HETATM 1476 O  O   . HOH F 3 .   ? -1.720  -1.890  -13.308 1.00 38.75  ? 384 HOH B O   1 
HETATM 1477 O  O   . HOH F 3 .   ? 0.014   19.362  13.036  1.00 51.62  ? 385 HOH B O   1 
HETATM 1478 O  O   . HOH F 3 .   ? -22.142 16.633  -5.404  1.00 47.03  ? 386 HOH B O   1 
HETATM 1479 O  O   . HOH F 3 .   ? -13.268 9.432   -21.438 1.00 48.64  ? 387 HOH B O   1 
# 
